data_6X2S
#
_entry.id   6X2S
#
_cell.length_a   106.898
_cell.length_b   106.898
_cell.length_c   303.449
_cell.angle_alpha   90.000
_cell.angle_beta   90.000
_cell.angle_gamma   90.000
#
_symmetry.space_group_name_H-M   'P 43 21 2'
#
loop_
_entity.id
_entity.type
_entity.pdbx_description
1 polymer 'GTP-binding nuclear protein Ran'
2 polymer 'Ran-specific GTPase-activating protein 1'
3 polymer Exportin-1
4 polymer 'Dual specificity mitogen-activated protein kinase kinase 1'
5 non-polymer 'PHOSPHOAMINOPHOSPHONIC ACID-GUANYLATE ESTER'
6 non-polymer 'MAGNESIUM ION'
7 non-polymer GLYCEROL
8 water water
#
loop_
_entity_poly.entity_id
_entity_poly.type
_entity_poly.pdbx_seq_one_letter_code
_entity_poly.pdbx_strand_id
1 'polypeptide(L)'
;MAAQGEPQVQFKLVLVGDGGTGKTTFVKRHLTGEFEKKYVATLGVEVHPLVFHTNRGPIKFNVWDTAGQEKFGGLRDGYY
IQAQCAIIMFDVTSRVTYKNVPNWHRDLVRVCENIPIVLCGNKVDIKDRKVKAKSIVFHRKKNLQYYDISAKSNYNFEKP
FLWLARKLIGDPNLEFVAMPALAPPEVVMDPALAAQYEHDLEVAQTTALPDEDDDL
;
A
2 'polypeptide(L)'
;DIHFEPVVHLEKVDVKTMEEDEEVLYKVRAKLFRFDADAKEWKERGTGDCKFLKNKKTNKVRILMRRDKTLKICANHIIA
PEYTLKPNVGSDRSWVYACTADIAEGEAEAFTFAIRFGSKENADKFKEEFEKAQEINKKA
;
B
3 'polypeptide(L)'
;GGSMEGILDFSNDLDIALLDQVVSTFYQGSGVQQKQAQEILTKFQDNPDAWQKADQILQFSTNPQSKFIALSILDKLITR
KWKLLPNDHRIGIRNFVVGMIISMCQDDEVFKTQKNLINKSDLTLVQILKQEWPQNWPEFIPELIGSSSSSVNVCENNMI
VLKLLSEEVFDFSAEQMTQAKALHLKNSMSKEFEQIFKLCFQVLEQGSSSSLIVATLESLLRYLHWIPYRYIYETNILEL
LSTKFMTSPDTRAITLKCLTEVSNLKIPQDNDLIKRQTVLFFQNTLQQIATSVMPVTADLKATYANANGNDQSFLQDLAM
FLTTYLARNRALLESDESLRELLLNAHQYLIQLSKIEERELFKTTLDYWHNLVADLFYEPLKKHIYEEICSQLRLVIIEN
MVRPEEVLVVENDEGEIVREFVKESDTIQLYKSEREVLVYLTHLNVIDTEEIMISKLARQIDGSEWSWHNINTLSWAIGS
ISGTMSEDTEKRFVVTVIKDLLGLCEQKRGKDNKAVVASDIMYVVGQYPRFLKAHWNFLRTVILKLFEFMHETHEGVQDM
ACDTFIKIVQKCKYHFVIQQPRESEPFIQTIIRDIQKTTADLQPQQVHTFYKACGIIISEERSVAERNRLLSDLMQLPNM
AWDTIVEQSTANPTLLLDSETVKIIANIIKTNVAVCTSMGADFYPQLGHIYYNMLQLYRAVSSMISAQVAAEGLIATKTP
KVRGLRTIKKEILKLVETYISKARNLDDVVKVLVEPLLNAVLEDYMNNVPDARDAEVLNCMTTVVEKVGHMIPQGVILIL
QSVFECTLDMINKDFTEYPEHRVEFYKLLKVINEKSFAAFLELPPAAFKLFVDAICWAFKHNNRDVEVNGLQIALDLVKN
IERMGNVPFANEFHKNYFFIFVSETFFVLTDSDHKSGFSKQALLLMKLISLVYDNKISVPLYQEAEVPQGTSNQVYLSQY
LANMLSNAFPHLTSEQIASFLSALTKQCKDLVVFKGTLRDFLVQIKEVGGDPTDYLFAEDKENA
;
C
4 'polypeptide(L)' NLEALQKKLEELELNQ D
#
loop_
_chem_comp.id
_chem_comp.type
_chem_comp.name
_chem_comp.formula
GNP non-polymer 'PHOSPHOAMINOPHOSPHONIC ACID-GUANYLATE ESTER' 'C10 H17 N6 O13 P3'
GOL non-polymer GLYCEROL 'C3 H8 O3'
MG non-polymer 'MAGNESIUM ION' 'Mg 2'
#
# COMPACT_ATOMS: atom_id res chain seq x y z
N VAL A 9 15.03 -29.07 7.38
CA VAL A 9 14.24 -28.48 6.31
C VAL A 9 14.13 -26.96 6.56
N GLN A 10 15.19 -26.26 6.17
CA GLN A 10 15.36 -24.83 6.42
C GLN A 10 15.53 -24.09 5.10
N PHE A 11 15.01 -22.87 5.02
CA PHE A 11 15.18 -22.04 3.84
C PHE A 11 15.58 -20.62 4.26
N LYS A 12 16.52 -20.05 3.51
CA LYS A 12 16.95 -18.68 3.72
C LYS A 12 16.04 -17.73 2.96
N LEU A 13 15.50 -16.73 3.66
CA LEU A 13 14.59 -15.73 3.08
C LEU A 13 15.19 -14.35 3.30
N VAL A 14 15.50 -13.64 2.22
CA VAL A 14 15.94 -12.26 2.31
C VAL A 14 14.74 -11.34 2.16
N LEU A 15 14.61 -10.39 3.08
CA LEU A 15 13.56 -9.40 3.06
C LEU A 15 14.17 -8.05 2.72
N VAL A 16 13.60 -7.38 1.72
CA VAL A 16 14.26 -6.29 1.01
C VAL A 16 13.24 -5.20 0.69
N GLY A 17 13.65 -3.95 0.81
CA GLY A 17 12.77 -2.83 0.53
C GLY A 17 13.24 -1.56 1.21
N ASP A 18 12.65 -0.44 0.76
CA ASP A 18 13.03 0.88 1.24
C ASP A 18 12.83 1.04 2.74
N GLY A 19 13.61 1.94 3.34
CA GLY A 19 13.49 2.17 4.77
C GLY A 19 12.10 2.67 5.14
N GLY A 20 11.55 2.10 6.21
CA GLY A 20 10.25 2.49 6.70
C GLY A 20 9.07 1.78 6.07
N THR A 21 9.29 0.87 5.11
CA THR A 21 8.16 0.20 4.47
C THR A 21 7.52 -0.87 5.34
N GLY A 22 8.12 -1.20 6.48
CA GLY A 22 7.50 -2.11 7.43
C GLY A 22 8.05 -3.52 7.45
N LYS A 23 9.25 -3.73 6.87
CA LYS A 23 9.83 -5.08 6.85
C LYS A 23 10.00 -5.63 8.26
N THR A 24 10.59 -4.83 9.15
CA THR A 24 10.83 -5.29 10.51
C THR A 24 9.51 -5.51 11.26
N THR A 25 8.56 -4.58 11.10
CA THR A 25 7.24 -4.76 11.73
C THR A 25 6.57 -6.04 11.26
N PHE A 26 6.72 -6.37 9.98
CA PHE A 26 6.09 -7.57 9.44
C PHE A 26 6.67 -8.83 10.08
N VAL A 27 8.01 -8.90 10.19
CA VAL A 27 8.62 -10.09 10.79
C VAL A 27 8.27 -10.21 12.26
N LYS A 28 8.27 -9.08 12.98
CA LYS A 28 7.93 -9.11 14.41
C LYS A 28 6.51 -9.63 14.63
N ARG A 29 5.57 -9.25 13.75
CA ARG A 29 4.21 -9.73 13.90
C ARG A 29 4.15 -11.25 13.78
N HIS A 30 4.99 -11.82 12.90
CA HIS A 30 5.03 -13.27 12.73
C HIS A 30 5.80 -13.97 13.84
N LEU A 31 6.78 -13.30 14.45
CA LEU A 31 7.58 -13.93 15.50
C LEU A 31 6.84 -13.97 16.83
N THR A 32 6.30 -12.82 17.27
CA THR A 32 5.74 -12.68 18.61
C THR A 32 4.26 -12.32 18.64
N GLY A 33 3.68 -11.90 17.52
CA GLY A 33 2.30 -11.43 17.50
C GLY A 33 2.11 -9.96 17.79
N GLU A 34 3.16 -9.26 18.22
CA GLU A 34 3.03 -7.85 18.56
C GLU A 34 3.04 -6.98 17.29
N PHE A 35 2.54 -5.76 17.45
CA PHE A 35 2.69 -4.73 16.42
C PHE A 35 3.54 -3.61 16.99
N GLU A 36 4.77 -3.49 16.50
CA GLU A 36 5.69 -2.45 16.95
C GLU A 36 5.32 -1.13 16.29
N LYS A 37 4.88 -0.14 17.09
CA LYS A 37 4.44 1.14 16.57
C LYS A 37 5.59 2.07 16.23
N LYS A 38 6.77 1.88 16.82
CA LYS A 38 7.89 2.79 16.61
C LYS A 38 8.75 2.33 15.45
N TYR A 39 9.34 3.30 14.75
CA TYR A 39 10.27 3.03 13.65
C TYR A 39 11.68 3.13 14.19
N VAL A 40 12.30 1.97 14.41
CA VAL A 40 13.71 1.88 14.76
C VAL A 40 14.39 1.19 13.59
N ALA A 41 15.21 1.93 12.85
CA ALA A 41 15.80 1.42 11.63
C ALA A 41 16.67 0.20 11.93
N THR A 42 16.68 -0.75 10.99
CA THR A 42 17.53 -1.92 11.11
C THR A 42 18.94 -1.58 10.65
N LEU A 43 19.94 -2.12 11.38
CA LEU A 43 21.34 -1.83 11.11
C LEU A 43 21.97 -3.03 10.40
N GLY A 44 22.06 -2.95 9.08
CA GLY A 44 22.62 -4.03 8.29
C GLY A 44 21.63 -5.14 8.03
N VAL A 45 21.49 -6.07 8.98
CA VAL A 45 20.58 -7.20 8.83
C VAL A 45 20.25 -7.74 10.22
N GLU A 46 19.07 -8.34 10.33
CA GLU A 46 18.65 -9.05 11.54
C GLU A 46 18.13 -10.41 11.11
N VAL A 47 18.76 -11.48 11.59
CA VAL A 47 18.38 -12.84 11.23
C VAL A 47 17.52 -13.42 12.35
N HIS A 48 16.36 -13.95 11.97
CA HIS A 48 15.42 -14.57 12.90
C HIS A 48 14.87 -15.86 12.30
N PRO A 49 14.79 -16.93 13.07
CA PRO A 49 14.14 -18.16 12.58
C PRO A 49 12.63 -18.07 12.74
N LEU A 50 11.92 -18.52 11.69
CA LEU A 50 10.46 -18.49 11.67
C LEU A 50 9.98 -19.86 11.24
N VAL A 51 9.19 -20.51 12.09
CA VAL A 51 8.73 -21.88 11.85
C VAL A 51 7.22 -21.85 11.63
N PHE A 52 6.77 -22.56 10.59
CA PHE A 52 5.35 -22.76 10.33
C PHE A 52 5.04 -24.25 10.34
N HIS A 53 3.83 -24.59 10.77
CA HIS A 53 3.37 -25.97 10.80
C HIS A 53 2.41 -26.19 9.63
N THR A 54 2.77 -27.14 8.76
CA THR A 54 1.97 -27.46 7.58
C THR A 54 1.56 -28.92 7.60
N ASN A 55 0.68 -29.29 6.66
CA ASN A 55 0.30 -30.68 6.49
C ASN A 55 1.42 -31.52 5.88
N ARG A 56 2.53 -30.90 5.50
CA ARG A 56 3.72 -31.60 5.05
C ARG A 56 4.84 -31.57 6.09
N GLY A 57 4.53 -31.17 7.32
CA GLY A 57 5.52 -31.06 8.36
C GLY A 57 5.96 -29.62 8.57
N PRO A 58 6.82 -29.40 9.57
CA PRO A 58 7.27 -28.03 9.86
C PRO A 58 8.26 -27.55 8.81
N ILE A 59 8.07 -26.32 8.35
CA ILE A 59 9.02 -25.63 7.48
C ILE A 59 9.58 -24.45 8.26
N LYS A 60 10.87 -24.22 8.13
CA LYS A 60 11.55 -23.16 8.87
C LYS A 60 12.17 -22.15 7.91
N PHE A 61 11.87 -20.88 8.13
CA PHE A 61 12.47 -19.79 7.37
C PHE A 61 13.50 -19.09 8.24
N ASN A 62 14.72 -18.97 7.72
CA ASN A 62 15.73 -18.10 8.30
C ASN A 62 15.60 -16.76 7.60
N VAL A 63 14.89 -15.83 8.23
CA VAL A 63 14.56 -14.55 7.62
C VAL A 63 15.72 -13.58 7.82
N TRP A 64 16.23 -13.03 6.73
CA TRP A 64 17.27 -12.01 6.75
C TRP A 64 16.59 -10.66 6.52
N ASP A 65 16.18 -10.02 7.61
CA ASP A 65 15.54 -8.70 7.58
C ASP A 65 16.62 -7.64 7.34
N THR A 66 16.78 -7.22 6.08
CA THR A 66 17.83 -6.26 5.74
C THR A 66 17.38 -4.81 6.00
N ALA A 67 18.34 -3.90 5.91
CA ALA A 67 18.11 -2.50 6.17
C ALA A 67 17.77 -1.77 4.88
N GLY A 68 16.79 -0.87 4.96
CA GLY A 68 16.38 -0.11 3.80
C GLY A 68 17.03 1.24 3.68
N GLN A 69 17.34 1.89 4.80
CA GLN A 69 18.02 3.17 4.75
C GLN A 69 19.45 2.98 4.27
N GLU A 70 19.86 3.80 3.28
CA GLU A 70 21.19 3.67 2.70
C GLU A 70 22.28 3.84 3.74
N LYS A 71 22.08 4.74 4.70
CA LYS A 71 23.06 4.95 5.77
C LYS A 71 23.42 3.65 6.46
N PHE A 72 22.44 2.77 6.66
CA PHE A 72 22.60 1.55 7.42
C PHE A 72 22.61 0.30 6.55
N GLY A 73 22.97 0.46 5.27
CA GLY A 73 22.88 -0.64 4.33
C GLY A 73 23.76 -1.83 4.67
N GLY A 74 24.89 -1.59 5.34
CA GLY A 74 25.76 -2.69 5.71
C GLY A 74 26.40 -3.32 4.50
N LEU A 75 26.37 -4.65 4.43
CA LEU A 75 26.93 -5.37 3.29
C LEU A 75 26.00 -5.38 2.08
N ARG A 76 24.85 -4.70 2.18
CA ARG A 76 23.91 -4.55 1.08
C ARG A 76 23.62 -5.88 0.39
N ASP A 77 24.13 -6.06 -0.82
CA ASP A 77 23.85 -7.27 -1.59
C ASP A 77 24.64 -8.47 -1.11
N GLY A 78 25.55 -8.30 -0.15
CA GLY A 78 26.20 -9.44 0.46
C GLY A 78 25.24 -10.33 1.23
N TYR A 79 24.15 -9.77 1.75
CA TYR A 79 23.16 -10.56 2.46
C TYR A 79 22.38 -11.51 1.55
N TYR A 80 22.37 -11.27 0.24
CA TYR A 80 21.53 -12.08 -0.64
C TYR A 80 22.19 -13.39 -1.05
N ILE A 81 23.47 -13.58 -0.73
CA ILE A 81 24.20 -14.77 -1.17
C ILE A 81 23.52 -16.01 -0.62
N GLN A 82 23.29 -17.00 -1.50
CA GLN A 82 22.70 -18.29 -1.16
C GLN A 82 21.27 -18.18 -0.63
N ALA A 83 20.57 -17.09 -0.97
CA ALA A 83 19.16 -16.99 -0.62
C ALA A 83 18.33 -17.94 -1.46
N GLN A 84 17.31 -18.54 -0.83
CA GLN A 84 16.44 -19.48 -1.54
C GLN A 84 15.07 -18.90 -1.87
N CYS A 85 14.73 -17.74 -1.33
CA CYS A 85 13.47 -17.06 -1.57
C CYS A 85 13.60 -15.64 -1.04
N ALA A 86 12.65 -14.79 -1.42
CA ALA A 86 12.78 -13.38 -1.08
C ALA A 86 11.41 -12.70 -1.05
N ILE A 87 11.37 -11.59 -0.33
CA ILE A 87 10.20 -10.71 -0.26
C ILE A 87 10.69 -9.29 -0.53
N ILE A 88 10.12 -8.65 -1.55
CA ILE A 88 10.38 -7.24 -1.84
C ILE A 88 9.21 -6.45 -1.30
N MET A 89 9.49 -5.50 -0.42
N MET A 89 9.47 -5.52 -0.39
CA MET A 89 8.46 -4.76 0.29
CA MET A 89 8.42 -4.79 0.28
C MET A 89 8.47 -3.30 -0.13
C MET A 89 8.45 -3.31 -0.08
N PHE A 90 7.27 -2.73 -0.26
CA PHE A 90 7.12 -1.29 -0.47
C PHE A 90 5.89 -0.87 0.31
N ASP A 91 5.64 0.44 0.33
CA ASP A 91 4.56 1.02 1.14
C ASP A 91 3.58 1.71 0.20
N VAL A 92 2.30 1.29 0.26
CA VAL A 92 1.32 1.82 -0.68
C VAL A 92 0.90 3.24 -0.37
N THR A 93 1.38 3.82 0.73
CA THR A 93 1.13 5.22 1.03
C THR A 93 2.31 6.11 0.65
N SER A 94 3.33 5.55 0.00
CA SER A 94 4.51 6.31 -0.39
C SER A 94 4.94 5.85 -1.79
N ARG A 95 4.72 6.71 -2.78
CA ARG A 95 4.99 6.34 -4.17
C ARG A 95 6.47 6.13 -4.43
N VAL A 96 7.34 6.79 -3.66
CA VAL A 96 8.77 6.61 -3.90
C VAL A 96 9.22 5.19 -3.55
N THR A 97 8.55 4.53 -2.59
CA THR A 97 8.93 3.15 -2.28
C THR A 97 8.56 2.19 -3.40
N TYR A 98 7.49 2.48 -4.16
CA TYR A 98 7.20 1.63 -5.31
C TYR A 98 8.12 1.93 -6.49
N LYS A 99 8.54 3.19 -6.64
CA LYS A 99 9.48 3.53 -7.70
C LYS A 99 10.82 2.83 -7.52
N ASN A 100 11.20 2.52 -6.29
CA ASN A 100 12.48 1.88 -6.00
C ASN A 100 12.45 0.36 -6.11
N VAL A 101 11.26 -0.23 -6.22
CA VAL A 101 11.12 -1.69 -6.32
C VAL A 101 11.97 -2.26 -7.46
N PRO A 102 12.01 -1.64 -8.65
CA PRO A 102 12.92 -2.16 -9.69
C PRO A 102 14.39 -2.15 -9.28
N ASN A 103 14.81 -1.21 -8.44
CA ASN A 103 16.20 -1.18 -8.00
C ASN A 103 16.50 -2.33 -7.05
N TRP A 104 15.62 -2.55 -6.06
CA TRP A 104 15.78 -3.68 -5.15
C TRP A 104 15.75 -5.00 -5.90
N HIS A 105 14.85 -5.15 -6.87
CA HIS A 105 14.77 -6.39 -7.63
C HIS A 105 16.01 -6.61 -8.48
N ARG A 106 16.59 -5.53 -9.02
CA ARG A 106 17.78 -5.65 -9.84
C ARG A 106 18.96 -6.17 -9.04
N ASP A 107 19.21 -5.55 -7.88
CA ASP A 107 20.26 -6.02 -6.98
C ASP A 107 20.04 -7.46 -6.57
N LEU A 108 18.78 -7.83 -6.33
CA LEU A 108 18.47 -9.14 -5.76
C LEU A 108 18.69 -10.28 -6.75
N VAL A 109 18.19 -10.12 -7.99
CA VAL A 109 18.29 -11.22 -8.96
C VAL A 109 19.67 -11.31 -9.58
N ARG A 110 20.50 -10.27 -9.47
CA ARG A 110 21.87 -10.39 -9.93
C ARG A 110 22.65 -11.38 -9.07
N VAL A 111 22.28 -11.51 -7.80
CA VAL A 111 22.89 -12.50 -6.91
C VAL A 111 22.13 -13.82 -6.95
N CYS A 112 20.79 -13.79 -6.83
CA CYS A 112 19.95 -14.99 -6.84
C CYS A 112 19.15 -14.99 -8.15
N GLU A 113 19.63 -15.75 -9.13
CA GLU A 113 19.11 -15.63 -10.48
C GLU A 113 17.79 -16.35 -10.70
N ASN A 114 17.43 -17.31 -9.82
CA ASN A 114 16.16 -18.01 -10.01
C ASN A 114 15.70 -18.50 -8.62
N ILE A 115 14.98 -17.63 -7.92
CA ILE A 115 14.35 -17.95 -6.64
C ILE A 115 12.92 -17.41 -6.68
N PRO A 116 11.99 -18.02 -5.95
CA PRO A 116 10.64 -17.45 -5.85
C PRO A 116 10.68 -16.15 -5.05
N ILE A 117 10.05 -15.10 -5.59
CA ILE A 117 10.05 -13.79 -4.98
C ILE A 117 8.61 -13.29 -4.86
N VAL A 118 8.26 -12.77 -3.69
CA VAL A 118 6.96 -12.14 -3.44
C VAL A 118 7.16 -10.64 -3.35
N LEU A 119 6.37 -9.89 -4.13
CA LEU A 119 6.27 -8.44 -4.02
C LEU A 119 5.09 -8.09 -3.12
N CYS A 120 5.35 -7.29 -2.09
CA CYS A 120 4.34 -6.98 -1.07
C CYS A 120 4.14 -5.48 -0.94
N GLY A 121 2.88 -5.05 -1.03
CA GLY A 121 2.51 -3.67 -0.78
C GLY A 121 1.91 -3.55 0.60
N ASN A 122 2.67 -2.99 1.53
CA ASN A 122 2.31 -2.93 2.92
C ASN A 122 1.48 -1.68 3.23
N LYS A 123 0.83 -1.71 4.41
CA LYS A 123 0.11 -0.57 4.99
C LYS A 123 -1.15 -0.22 4.20
N VAL A 124 -1.84 -1.23 3.66
CA VAL A 124 -3.13 -0.97 3.02
C VAL A 124 -4.20 -0.60 4.02
N ASP A 125 -3.91 -0.72 5.31
CA ASP A 125 -4.87 -0.30 6.35
C ASP A 125 -5.07 1.21 6.36
N ILE A 126 -4.16 1.98 5.77
CA ILE A 126 -4.26 3.43 5.81
C ILE A 126 -5.24 3.91 4.74
N LYS A 127 -6.06 4.90 5.09
CA LYS A 127 -7.13 5.33 4.20
C LYS A 127 -6.58 5.97 2.92
N ASP A 128 -5.60 6.87 3.06
CA ASP A 128 -5.10 7.64 1.93
C ASP A 128 -4.03 6.85 1.19
N ARG A 129 -4.49 5.90 0.37
CA ARG A 129 -3.59 5.08 -0.42
C ARG A 129 -3.08 5.87 -1.61
N LYS A 130 -1.76 5.94 -1.76
CA LYS A 130 -1.12 6.72 -2.82
C LYS A 130 -0.71 5.88 -4.02
N VAL A 131 -0.34 4.63 -3.82
CA VAL A 131 0.01 3.73 -4.92
C VAL A 131 -1.22 2.86 -5.20
N LYS A 132 -1.97 3.22 -6.23
CA LYS A 132 -3.24 2.57 -6.50
C LYS A 132 -3.03 1.22 -7.18
N ALA A 133 -3.99 0.30 -6.95
CA ALA A 133 -3.86 -1.08 -7.41
C ALA A 133 -3.56 -1.16 -8.90
N LYS A 134 -4.24 -0.34 -9.71
CA LYS A 134 -4.06 -0.39 -11.16
C LYS A 134 -2.66 0.04 -11.58
N SER A 135 -1.89 0.63 -10.69
CA SER A 135 -0.54 1.07 -11.00
C SER A 135 0.53 0.03 -10.69
N ILE A 136 0.19 -1.01 -9.92
CA ILE A 136 1.17 -2.00 -9.49
C ILE A 136 1.20 -3.13 -10.52
N VAL A 137 2.17 -3.07 -11.42
CA VAL A 137 2.29 -4.03 -12.51
C VAL A 137 3.70 -4.57 -12.67
N PHE A 138 4.65 -4.18 -11.82
CA PHE A 138 6.04 -4.56 -12.03
C PHE A 138 6.24 -6.08 -11.92
N HIS A 139 5.43 -6.74 -11.10
CA HIS A 139 5.56 -8.18 -10.91
C HIS A 139 5.22 -8.98 -12.15
N ARG A 140 4.57 -8.38 -13.15
CA ARG A 140 4.03 -9.17 -14.26
C ARG A 140 5.15 -9.74 -15.12
N LYS A 141 6.04 -8.89 -15.64
CA LYS A 141 7.11 -9.38 -16.49
C LYS A 141 8.21 -10.08 -15.71
N LYS A 142 8.33 -9.81 -14.41
CA LYS A 142 9.35 -10.44 -13.57
C LYS A 142 8.88 -11.72 -12.90
N ASN A 143 7.64 -12.15 -13.16
CA ASN A 143 7.05 -13.38 -12.60
C ASN A 143 7.04 -13.38 -11.07
N LEU A 144 6.89 -12.22 -10.46
CA LEU A 144 6.75 -12.17 -9.01
C LEU A 144 5.30 -12.37 -8.60
N GLN A 145 5.10 -12.97 -7.43
CA GLN A 145 3.79 -13.02 -6.82
C GLN A 145 3.56 -11.74 -6.02
N TYR A 146 2.38 -11.15 -6.17
CA TYR A 146 2.07 -9.89 -5.50
C TYR A 146 0.93 -10.07 -4.50
N TYR A 147 1.03 -9.37 -3.37
CA TYR A 147 -0.04 -9.32 -2.39
C TYR A 147 -0.12 -7.92 -1.81
N ASP A 148 -1.35 -7.38 -1.76
CA ASP A 148 -1.66 -6.32 -0.81
C ASP A 148 -1.57 -6.90 0.60
N ILE A 149 -0.80 -6.27 1.49
CA ILE A 149 -0.72 -6.71 2.87
C ILE A 149 -0.74 -5.51 3.81
N SER A 150 -1.05 -5.81 5.07
CA SER A 150 -0.93 -4.83 6.15
C SER A 150 -0.52 -5.55 7.42
N ALA A 151 0.68 -5.25 7.92
CA ALA A 151 1.11 -5.82 9.20
C ALA A 151 0.29 -5.27 10.36
N LYS A 152 -0.34 -4.10 10.19
CA LYS A 152 -1.11 -3.52 11.30
C LYS A 152 -2.43 -4.26 11.48
N SER A 153 -3.15 -4.53 10.39
CA SER A 153 -4.45 -5.18 10.45
C SER A 153 -4.40 -6.67 10.14
N ASN A 154 -3.21 -7.21 9.85
CA ASN A 154 -2.98 -8.62 9.50
C ASN A 154 -3.62 -9.01 8.18
N TYR A 155 -4.08 -8.05 7.39
CA TYR A 155 -4.64 -8.36 6.08
C TYR A 155 -3.60 -9.04 5.20
N ASN A 156 -3.87 -10.30 4.84
CA ASN A 156 -3.02 -11.10 3.95
C ASN A 156 -1.63 -11.35 4.51
N PHE A 157 -1.45 -11.24 5.83
CA PHE A 157 -0.09 -11.31 6.39
C PHE A 157 0.51 -12.72 6.31
N GLU A 158 -0.33 -13.75 6.13
CA GLU A 158 0.17 -15.11 6.00
C GLU A 158 0.44 -15.52 4.55
N LYS A 159 -0.11 -14.79 3.58
CA LYS A 159 -0.01 -15.19 2.18
C LYS A 159 1.43 -15.27 1.68
N PRO A 160 2.32 -14.30 1.94
CA PRO A 160 3.68 -14.41 1.36
C PRO A 160 4.41 -15.67 1.80
N PHE A 161 4.25 -16.10 3.05
CA PHE A 161 4.96 -17.29 3.50
C PHE A 161 4.32 -18.56 2.97
N LEU A 162 2.99 -18.59 2.89
CA LEU A 162 2.31 -19.77 2.34
C LEU A 162 2.68 -19.98 0.88
N TRP A 163 2.73 -18.90 0.09
CA TRP A 163 3.09 -19.02 -1.32
C TRP A 163 4.52 -19.50 -1.47
N LEU A 164 5.45 -18.93 -0.70
CA LEU A 164 6.84 -19.38 -0.76
C LEU A 164 6.95 -20.83 -0.28
N ALA A 165 6.21 -21.19 0.77
CA ALA A 165 6.23 -22.57 1.24
C ALA A 165 5.77 -23.52 0.15
N ARG A 166 4.70 -23.17 -0.55
CA ARG A 166 4.21 -24.05 -1.62
C ARG A 166 5.22 -24.21 -2.73
N LYS A 167 6.01 -23.17 -3.00
CA LYS A 167 7.00 -23.23 -4.06
C LYS A 167 8.24 -24.02 -3.64
N LEU A 168 8.71 -23.80 -2.41
CA LEU A 168 9.94 -24.44 -1.95
C LEU A 168 9.73 -25.93 -1.67
N ILE A 169 8.55 -26.29 -1.14
CA ILE A 169 8.24 -27.70 -0.92
C ILE A 169 7.81 -28.39 -2.21
N GLY A 170 7.35 -27.63 -3.21
CA GLY A 170 6.88 -28.21 -4.44
C GLY A 170 5.49 -28.78 -4.38
N ASP A 171 4.72 -28.46 -3.35
CA ASP A 171 3.35 -28.93 -3.20
C ASP A 171 2.41 -27.74 -3.28
N PRO A 172 1.62 -27.62 -4.34
CA PRO A 172 0.65 -26.49 -4.41
C PRO A 172 -0.52 -26.64 -3.47
N ASN A 173 -0.71 -27.81 -2.85
CA ASN A 173 -1.81 -28.04 -1.91
C ASN A 173 -1.37 -27.92 -0.46
N LEU A 174 -0.14 -27.50 -0.20
CA LEU A 174 0.32 -27.30 1.16
C LEU A 174 -0.54 -26.27 1.87
N GLU A 175 -0.77 -26.48 3.17
CA GLU A 175 -1.61 -25.57 3.94
C GLU A 175 -1.08 -25.50 5.37
N PHE A 176 -1.39 -24.40 6.04
CA PHE A 176 -1.07 -24.24 7.44
C PHE A 176 -2.07 -25.02 8.30
N VAL A 177 -1.57 -25.76 9.28
CA VAL A 177 -2.40 -26.56 10.16
C VAL A 177 -2.11 -26.20 11.61
N ALA A 178 -3.05 -26.55 12.47
CA ALA A 178 -2.95 -26.18 13.88
C ALA A 178 -1.93 -27.06 14.60
N MET A 179 -1.11 -26.42 15.43
CA MET A 179 -0.14 -27.15 16.24
C MET A 179 -0.87 -28.07 17.21
N PRO A 180 -0.23 -29.17 17.62
CA PRO A 180 -0.81 -29.99 18.69
C PRO A 180 -0.69 -29.28 20.03
N ALA A 181 -1.81 -29.22 20.76
CA ALA A 181 -1.90 -28.43 21.99
C ALA A 181 -1.75 -29.35 23.19
N LEU A 182 -0.54 -29.36 23.78
CA LEU A 182 -0.29 -30.14 24.98
C LEU A 182 -1.11 -29.59 26.16
N ALA A 183 -1.26 -30.43 27.19
CA ALA A 183 -2.04 -30.02 28.36
C ALA A 183 -1.18 -29.14 29.28
N PRO A 184 -1.74 -28.05 29.79
CA PRO A 184 -0.95 -27.10 30.58
C PRO A 184 -0.82 -27.56 32.03
N PRO A 185 0.28 -27.21 32.69
CA PRO A 185 0.47 -27.61 34.09
C PRO A 185 -0.34 -26.74 35.04
N GLU A 186 -0.37 -27.18 36.30
CA GLU A 186 -1.00 -26.41 37.36
C GLU A 186 -0.01 -26.12 38.48
N ASP A 190 3.91 -20.66 45.08
CA ASP A 190 4.83 -20.04 46.03
C ASP A 190 4.28 -18.70 46.51
N PRO A 191 4.28 -18.49 47.84
CA PRO A 191 3.95 -17.16 48.37
C PRO A 191 5.14 -16.21 48.34
N ALA A 192 6.36 -16.73 48.24
CA ALA A 192 7.53 -15.87 48.09
C ALA A 192 7.47 -15.01 46.84
N LEU A 193 6.63 -15.39 45.87
CA LEU A 193 6.50 -14.64 44.63
C LEU A 193 5.20 -13.85 44.52
N ALA A 194 4.21 -14.13 45.37
CA ALA A 194 3.00 -13.32 45.40
C ALA A 194 3.31 -11.86 45.71
N ALA A 195 4.49 -11.59 46.27
CA ALA A 195 4.92 -10.22 46.51
C ALA A 195 4.98 -9.43 45.21
N GLN A 196 5.75 -9.92 44.24
CA GLN A 196 5.99 -9.17 43.01
C GLN A 196 4.98 -9.47 41.90
N TYR A 197 4.17 -10.52 42.03
CA TYR A 197 3.16 -10.76 41.00
C TYR A 197 1.98 -9.80 41.14
N GLU A 198 1.69 -9.34 42.36
CA GLU A 198 0.71 -8.27 42.52
C GLU A 198 1.31 -6.91 42.19
N HIS A 199 2.62 -6.74 42.39
CA HIS A 199 3.27 -5.48 42.02
C HIS A 199 3.22 -5.26 40.51
N ASP A 200 3.54 -6.30 39.74
CA ASP A 200 3.45 -6.19 38.28
C ASP A 200 1.99 -6.01 37.84
N LEU A 201 1.06 -6.66 38.54
CA LEU A 201 -0.35 -6.55 38.16
C LEU A 201 -0.87 -5.13 38.33
N GLU A 202 -0.53 -4.47 39.43
CA GLU A 202 -1.01 -3.11 39.65
C GLU A 202 -0.48 -2.15 38.60
N VAL A 203 0.79 -2.32 38.20
CA VAL A 203 1.32 -1.49 37.13
C VAL A 203 0.66 -1.82 35.80
N ALA A 204 0.22 -3.07 35.63
CA ALA A 204 -0.40 -3.46 34.37
C ALA A 204 -1.78 -2.82 34.20
N GLN A 205 -2.62 -2.90 35.23
CA GLN A 205 -3.99 -2.37 35.09
C GLN A 205 -4.02 -0.86 35.00
N THR A 206 -2.96 -0.17 35.41
CA THR A 206 -2.89 1.28 35.29
C THR A 206 -2.20 1.74 34.01
N THR A 207 -1.72 0.80 33.19
CA THR A 207 -1.23 1.10 31.85
C THR A 207 -2.34 0.79 30.86
N ALA A 208 -2.82 1.82 30.16
CA ALA A 208 -3.96 1.65 29.28
C ALA A 208 -3.60 0.77 28.09
N LEU A 209 -4.51 -0.13 27.74
CA LEU A 209 -4.29 -0.99 26.58
C LEU A 209 -4.24 -0.14 25.31
N PRO A 210 -3.34 -0.45 24.37
CA PRO A 210 -3.24 0.35 23.16
C PRO A 210 -4.40 0.10 22.21
N ASP A 211 -4.70 1.11 21.39
CA ASP A 211 -5.66 1.02 20.28
C ASP A 211 -7.05 0.63 20.78
N GLU A 212 -7.59 1.44 21.68
CA GLU A 212 -8.87 1.12 22.30
C GLU A 212 -10.07 1.36 21.39
N ASP A 213 -9.89 2.09 20.29
CA ASP A 213 -10.97 2.29 19.33
C ASP A 213 -11.05 1.17 18.30
N ASP A 214 -10.15 0.19 18.36
CA ASP A 214 -10.14 -0.93 17.43
C ASP A 214 -11.39 -1.79 17.60
N ASP A 215 -11.63 -2.64 16.60
CA ASP A 215 -12.76 -3.57 16.65
C ASP A 215 -12.51 -4.72 17.61
N LEU A 216 -11.26 -4.95 18.01
CA LEU A 216 -10.93 -6.04 18.92
C LEU A 216 -9.66 -5.72 19.70
N HIS B 3 -17.48 -58.63 -8.79
CA HIS B 3 -16.66 -57.89 -7.85
C HIS B 3 -15.62 -57.03 -8.56
N PHE B 4 -15.60 -55.74 -8.23
CA PHE B 4 -14.65 -54.79 -8.82
C PHE B 4 -13.99 -54.00 -7.70
N GLU B 5 -12.67 -54.06 -7.64
CA GLU B 5 -11.93 -53.33 -6.61
C GLU B 5 -12.01 -51.83 -6.88
N PRO B 6 -12.38 -51.02 -5.90
CA PRO B 6 -12.46 -49.56 -6.12
C PRO B 6 -11.09 -48.91 -6.00
N VAL B 7 -11.02 -47.67 -6.47
CA VAL B 7 -9.78 -46.90 -6.48
C VAL B 7 -9.23 -46.69 -5.08
N THR B 17 -4.47 -32.69 16.32
CA THR B 17 -4.31 -31.38 16.92
C THR B 17 -4.28 -31.46 18.45
N MET B 18 -4.52 -32.66 18.97
CA MET B 18 -4.51 -32.93 20.41
C MET B 18 -5.58 -32.11 21.14
N GLU B 19 -6.78 -32.08 20.56
CA GLU B 19 -7.91 -31.41 21.19
C GLU B 19 -9.21 -32.21 21.13
N GLU B 20 -9.20 -33.43 20.58
CA GLU B 20 -10.45 -34.14 20.33
C GLU B 20 -11.01 -34.83 21.57
N ASP B 21 -10.14 -35.20 22.52
CA ASP B 21 -10.59 -35.73 23.81
C ASP B 21 -10.97 -34.60 24.78
N GLU B 22 -11.49 -33.49 24.26
CA GLU B 22 -11.96 -32.37 25.08
C GLU B 22 -13.30 -31.90 24.54
N GLU B 23 -13.91 -30.97 25.26
CA GLU B 23 -15.20 -30.42 24.87
C GLU B 23 -15.17 -28.91 25.06
N VAL B 24 -15.85 -28.19 24.17
CA VAL B 24 -15.79 -26.73 24.14
C VAL B 24 -16.94 -26.19 24.99
N LEU B 25 -16.59 -25.57 26.12
CA LEU B 25 -17.59 -24.95 26.98
C LEU B 25 -17.97 -23.55 26.48
N TYR B 26 -16.99 -22.77 26.04
CA TYR B 26 -17.20 -21.38 25.67
C TYR B 26 -16.20 -21.02 24.58
N LYS B 27 -16.66 -20.19 23.64
CA LYS B 27 -15.83 -19.72 22.55
C LYS B 27 -16.15 -18.25 22.26
N VAL B 28 -15.12 -17.43 22.19
CA VAL B 28 -15.30 -16.00 21.94
C VAL B 28 -14.09 -15.48 21.17
N ARG B 29 -14.33 -14.53 20.28
CA ARG B 29 -13.26 -13.82 19.58
C ARG B 29 -12.63 -12.80 20.52
N ALA B 30 -11.31 -12.74 20.53
CA ALA B 30 -10.63 -11.87 21.49
C ALA B 30 -9.23 -11.54 21.00
N LYS B 31 -8.67 -10.50 21.60
CA LYS B 31 -7.29 -10.09 21.38
C LYS B 31 -6.54 -10.23 22.70
N LEU B 32 -5.38 -10.89 22.65
CA LEU B 32 -4.61 -11.21 23.84
C LEU B 32 -3.34 -10.39 23.87
N PHE B 33 -3.08 -9.75 25.01
CA PHE B 33 -1.89 -8.95 25.25
C PHE B 33 -1.04 -9.57 26.36
N ARG B 34 0.24 -9.20 26.38
N ARG B 34 0.24 -9.21 26.36
CA ARG B 34 1.11 -9.54 27.49
CA ARG B 34 1.16 -9.52 27.44
C ARG B 34 1.91 -8.31 27.90
C ARG B 34 1.82 -8.22 27.89
N PHE B 35 1.99 -8.06 29.20
CA PHE B 35 2.65 -6.87 29.71
C PHE B 35 4.16 -7.07 29.69
N ASP B 36 4.86 -6.17 28.99
CA ASP B 36 6.31 -6.08 29.05
C ASP B 36 6.65 -5.18 30.24
N ALA B 37 6.94 -5.81 31.39
CA ALA B 37 7.14 -5.05 32.62
C ALA B 37 8.35 -4.11 32.50
N ASP B 38 9.41 -4.56 31.85
CA ASP B 38 10.62 -3.77 31.73
C ASP B 38 10.54 -2.67 30.70
N ALA B 39 9.43 -2.59 29.95
CA ALA B 39 9.28 -1.56 28.92
C ALA B 39 7.97 -0.78 29.05
N LYS B 40 7.35 -0.82 30.24
CA LYS B 40 6.14 -0.04 30.57
C LYS B 40 5.04 -0.17 29.51
N GLU B 41 4.99 -1.31 28.82
CA GLU B 41 4.23 -1.42 27.58
C GLU B 41 3.42 -2.70 27.54
N TRP B 42 2.25 -2.62 26.92
CA TRP B 42 1.49 -3.81 26.53
C TRP B 42 1.93 -4.24 25.13
N LYS B 43 1.93 -5.56 24.90
CA LYS B 43 2.31 -6.10 23.61
C LYS B 43 1.31 -7.18 23.20
N GLU B 44 0.78 -7.06 21.98
CA GLU B 44 -0.16 -8.05 21.48
C GLU B 44 0.50 -9.42 21.37
N ARG B 45 -0.24 -10.46 21.71
CA ARG B 45 0.23 -11.83 21.54
C ARG B 45 -0.49 -12.57 20.43
N GLY B 46 -1.75 -12.21 20.16
CA GLY B 46 -2.50 -12.88 19.12
C GLY B 46 -3.95 -12.46 19.07
N THR B 47 -4.60 -12.73 17.94
CA THR B 47 -6.01 -12.46 17.74
C THR B 47 -6.67 -13.69 17.15
N GLY B 48 -7.83 -14.05 17.67
CA GLY B 48 -8.49 -15.25 17.22
C GLY B 48 -9.49 -15.73 18.26
N ASP B 49 -9.85 -17.01 18.12
CA ASP B 49 -10.87 -17.61 18.96
C ASP B 49 -10.26 -18.07 20.29
N CYS B 50 -10.77 -17.52 21.39
CA CYS B 50 -10.43 -17.99 22.72
C CYS B 50 -11.46 -19.03 23.14
N LYS B 51 -11.00 -20.20 23.56
CA LYS B 51 -11.89 -21.32 23.87
C LYS B 51 -11.64 -21.85 25.28
N PHE B 52 -12.73 -22.26 25.94
CA PHE B 52 -12.67 -22.94 27.23
C PHE B 52 -12.80 -24.43 26.94
N LEU B 53 -11.74 -25.19 27.20
CA LEU B 53 -11.68 -26.61 26.90
C LEU B 53 -11.66 -27.41 28.20
N LYS B 54 -12.70 -28.21 28.43
CA LYS B 54 -12.77 -29.10 29.58
C LYS B 54 -12.41 -30.52 29.15
N ASN B 55 -11.36 -31.08 29.75
CA ASN B 55 -10.93 -32.43 29.44
C ASN B 55 -11.97 -33.43 29.93
N LYS B 56 -12.49 -34.27 29.03
CA LYS B 56 -13.53 -35.22 29.43
C LYS B 56 -12.99 -36.37 30.27
N LYS B 57 -11.66 -36.53 30.37
CA LYS B 57 -11.06 -37.56 31.20
C LYS B 57 -10.41 -36.99 32.46
N THR B 58 -10.67 -35.73 32.79
CA THR B 58 -10.10 -35.10 33.98
C THR B 58 -11.04 -34.02 34.50
N ASN B 59 -11.84 -33.45 33.62
CA ASN B 59 -12.74 -32.32 33.89
C ASN B 59 -12.01 -31.04 34.24
N LYS B 60 -10.70 -30.97 34.01
CA LYS B 60 -9.99 -29.71 34.09
C LYS B 60 -10.37 -28.82 32.91
N VAL B 61 -10.59 -27.53 33.20
CA VAL B 61 -10.88 -26.55 32.17
C VAL B 61 -9.63 -25.72 31.93
N ARG B 62 -9.36 -25.40 30.67
CA ARG B 62 -8.18 -24.63 30.31
C ARG B 62 -8.56 -23.54 29.32
N ILE B 63 -7.61 -22.63 29.10
CA ILE B 63 -7.71 -21.61 28.06
C ILE B 63 -6.86 -22.08 26.89
N LEU B 64 -7.48 -22.20 25.72
CA LEU B 64 -6.75 -22.42 24.48
C LEU B 64 -7.17 -21.36 23.48
N MET B 65 -6.18 -20.61 22.98
CA MET B 65 -6.43 -19.55 22.01
C MET B 65 -5.43 -19.69 20.87
N ARG B 66 -5.93 -19.64 19.64
CA ARG B 66 -5.11 -19.81 18.45
C ARG B 66 -5.18 -18.58 17.57
N ARG B 67 -4.04 -18.21 16.99
CA ARG B 67 -4.00 -17.08 16.08
C ARG B 67 -4.76 -17.39 14.80
N ASP B 68 -5.43 -16.37 14.26
CA ASP B 68 -6.05 -16.51 12.95
C ASP B 68 -5.00 -16.81 11.88
N LYS B 69 -5.42 -17.58 10.86
CA LYS B 69 -4.62 -17.89 9.67
C LYS B 69 -3.46 -18.83 9.98
N THR B 70 -2.49 -18.39 10.79
CA THR B 70 -1.35 -19.25 11.09
C THR B 70 -1.71 -20.36 12.08
N LEU B 71 -2.80 -20.20 12.83
CA LEU B 71 -3.31 -21.19 13.79
C LEU B 71 -2.30 -21.51 14.90
N LYS B 72 -1.38 -20.59 15.19
CA LYS B 72 -0.43 -20.81 16.26
C LYS B 72 -1.03 -20.42 17.60
N ILE B 73 -0.63 -21.15 18.63
CA ILE B 73 -1.21 -20.97 19.96
C ILE B 73 -0.57 -19.76 20.62
N CYS B 74 -1.41 -18.88 21.17
CA CYS B 74 -0.94 -17.75 21.95
C CYS B 74 -1.39 -17.79 23.41
N ALA B 75 -2.24 -18.75 23.79
CA ALA B 75 -2.63 -18.93 25.18
C ALA B 75 -2.90 -20.41 25.44
N ASN B 76 -2.30 -20.95 26.49
CA ASN B 76 -2.50 -22.36 26.84
C ASN B 76 -2.20 -22.51 28.34
N HIS B 77 -3.25 -22.41 29.15
CA HIS B 77 -3.08 -22.49 30.60
C HIS B 77 -4.41 -22.90 31.23
N ILE B 78 -4.31 -23.52 32.42
CA ILE B 78 -5.50 -23.90 33.17
C ILE B 78 -6.12 -22.66 33.80
N ILE B 79 -7.45 -22.60 33.78
CA ILE B 79 -8.18 -21.53 34.48
C ILE B 79 -8.09 -21.79 35.97
N ALA B 80 -7.00 -21.37 36.59
CA ALA B 80 -6.77 -21.65 38.00
C ALA B 80 -7.80 -20.95 38.87
N PRO B 81 -8.27 -21.59 39.93
CA PRO B 81 -9.12 -20.87 40.90
C PRO B 81 -8.38 -19.75 41.62
N GLU B 82 -7.04 -19.74 41.58
CA GLU B 82 -6.26 -18.66 42.19
C GLU B 82 -6.42 -17.34 41.45
N TYR B 83 -6.63 -17.38 40.13
CA TYR B 83 -6.59 -16.18 39.30
C TYR B 83 -7.80 -15.28 39.55
N THR B 84 -7.59 -13.98 39.37
CA THR B 84 -8.61 -12.97 39.57
C THR B 84 -8.61 -12.01 38.38
N LEU B 85 -9.81 -11.73 37.85
CA LEU B 85 -9.96 -10.83 36.71
C LEU B 85 -10.16 -9.41 37.19
N LYS B 86 -9.24 -8.51 36.80
CA LYS B 86 -9.31 -7.11 37.18
C LYS B 86 -9.41 -6.23 35.95
N PRO B 87 -10.23 -5.17 35.99
CA PRO B 87 -10.37 -4.31 34.81
C PRO B 87 -9.11 -3.52 34.53
N ASN B 88 -9.00 -3.07 33.28
CA ASN B 88 -7.92 -2.21 32.85
C ASN B 88 -8.41 -0.77 32.82
N VAL B 89 -7.51 0.17 33.10
CA VAL B 89 -7.90 1.56 33.30
C VAL B 89 -8.48 2.18 32.03
N GLY B 90 -8.12 1.66 30.86
CA GLY B 90 -8.54 2.28 29.63
C GLY B 90 -9.60 1.54 28.85
N SER B 91 -10.26 0.56 29.48
CA SER B 91 -11.16 -0.32 28.74
C SER B 91 -12.28 -0.82 29.63
N ASP B 92 -13.51 -0.82 29.09
CA ASP B 92 -14.64 -1.48 29.72
C ASP B 92 -14.97 -2.81 29.05
N ARG B 93 -14.08 -3.34 28.20
CA ARG B 93 -14.28 -4.60 27.52
C ARG B 93 -13.01 -5.46 27.58
N SER B 94 -12.28 -5.38 28.68
CA SER B 94 -11.04 -6.12 28.84
C SER B 94 -10.90 -6.62 30.28
N TRP B 95 -10.09 -7.66 30.45
CA TRP B 95 -9.72 -8.16 31.76
C TRP B 95 -8.21 -8.33 31.83
N VAL B 96 -7.64 -8.05 32.99
CA VAL B 96 -6.22 -8.25 33.26
C VAL B 96 -6.10 -9.25 34.39
N TYR B 97 -5.15 -10.18 34.26
CA TYR B 97 -4.92 -11.15 35.33
C TYR B 97 -3.54 -11.75 35.18
N ALA B 98 -2.92 -12.04 36.33
CA ALA B 98 -1.65 -12.72 36.34
C ALA B 98 -1.84 -14.20 36.06
N CYS B 99 -0.94 -14.77 35.27
CA CYS B 99 -0.95 -16.18 34.94
C CYS B 99 0.45 -16.72 35.23
N THR B 100 0.53 -17.86 35.89
CA THR B 100 1.81 -18.36 36.39
C THR B 100 2.40 -19.48 35.55
N ALA B 101 1.60 -20.19 34.76
CA ALA B 101 2.09 -21.33 33.97
C ALA B 101 1.33 -21.36 32.64
N ASP B 102 1.87 -20.67 31.64
CA ASP B 102 1.36 -20.71 30.28
C ASP B 102 2.38 -21.40 29.38
N ILE B 103 1.91 -22.32 28.54
CA ILE B 103 2.81 -23.11 27.70
C ILE B 103 2.52 -22.87 26.22
N ALA B 104 2.22 -21.62 25.86
CA ALA B 104 1.94 -21.31 24.46
C ALA B 104 3.20 -21.34 23.61
N GLU B 105 4.35 -21.01 24.20
CA GLU B 105 5.61 -20.91 23.45
C GLU B 105 6.72 -21.67 24.17
N GLY B 106 6.45 -22.92 24.53
CA GLY B 106 7.44 -23.71 25.23
C GLY B 106 7.03 -24.12 26.63
N GLU B 107 7.94 -23.99 27.59
CA GLU B 107 7.68 -24.44 28.94
C GLU B 107 7.10 -23.32 29.80
N ALA B 108 6.28 -23.71 30.77
CA ALA B 108 5.43 -22.80 31.53
C ALA B 108 6.16 -21.57 32.05
N GLU B 109 5.76 -20.40 31.57
CA GLU B 109 6.26 -19.13 32.06
C GLU B 109 5.09 -18.30 32.59
N ALA B 110 5.38 -17.47 33.60
CA ALA B 110 4.37 -16.60 34.18
C ALA B 110 4.18 -15.34 33.34
N PHE B 111 2.94 -14.94 33.13
CA PHE B 111 2.60 -13.79 32.31
C PHE B 111 1.54 -12.94 33.00
N THR B 112 1.62 -11.64 32.77
CA THR B 112 0.52 -10.73 33.07
C THR B 112 -0.24 -10.52 31.76
N PHE B 113 -1.46 -11.05 31.71
CA PHE B 113 -2.25 -11.08 30.48
C PHE B 113 -3.33 -10.01 30.50
N ALA B 114 -3.70 -9.55 29.31
CA ALA B 114 -4.91 -8.76 29.11
C ALA B 114 -5.62 -9.31 27.90
N ILE B 115 -6.93 -9.48 28.00
CA ILE B 115 -7.73 -10.01 26.92
C ILE B 115 -8.87 -9.04 26.66
N ARG B 116 -9.07 -8.67 25.39
CA ARG B 116 -10.06 -7.68 24.99
C ARG B 116 -11.03 -8.30 24.01
N PHE B 117 -12.28 -7.83 24.03
CA PHE B 117 -13.36 -8.43 23.28
C PHE B 117 -14.06 -7.35 22.46
N GLY B 118 -15.02 -7.80 21.63
CA GLY B 118 -15.72 -6.87 20.75
C GLY B 118 -16.65 -5.91 21.46
N SER B 119 -17.07 -6.22 22.69
CA SER B 119 -18.03 -5.39 23.38
C SER B 119 -17.98 -5.67 24.86
N LYS B 120 -18.56 -4.75 25.65
CA LYS B 120 -18.69 -4.98 27.08
C LYS B 120 -19.54 -6.21 27.37
N GLU B 121 -20.53 -6.48 26.52
CA GLU B 121 -21.34 -7.68 26.67
C GLU B 121 -20.46 -8.93 26.65
N ASN B 122 -19.68 -9.10 25.58
CA ASN B 122 -18.80 -10.27 25.49
C ASN B 122 -17.84 -10.34 26.67
N ALA B 123 -17.25 -9.21 27.06
CA ALA B 123 -16.30 -9.21 28.18
C ALA B 123 -16.97 -9.60 29.49
N ASP B 124 -18.24 -9.23 29.66
CA ASP B 124 -18.97 -9.64 30.86
C ASP B 124 -19.27 -11.14 30.84
N LYS B 125 -19.76 -11.64 29.69
CA LYS B 125 -20.02 -13.07 29.58
C LYS B 125 -18.74 -13.89 29.70
N PHE B 126 -17.61 -13.35 29.26
CA PHE B 126 -16.34 -14.03 29.47
C PHE B 126 -16.04 -14.18 30.96
N LYS B 127 -16.35 -13.14 31.75
CA LYS B 127 -16.10 -13.21 33.19
C LYS B 127 -16.99 -14.26 33.84
N GLU B 128 -18.26 -14.35 33.42
CA GLU B 128 -19.17 -15.34 33.96
C GLU B 128 -18.67 -16.75 33.68
N GLU B 129 -18.22 -17.01 32.44
CA GLU B 129 -17.74 -18.33 32.07
C GLU B 129 -16.36 -18.62 32.67
N PHE B 130 -15.53 -17.60 32.84
CA PHE B 130 -14.20 -17.79 33.42
C PHE B 130 -14.30 -18.26 34.86
N GLU B 131 -15.34 -17.85 35.58
CA GLU B 131 -15.50 -18.23 36.98
C GLU B 131 -16.32 -19.51 37.15
N LYS B 132 -17.31 -19.76 36.28
CA LYS B 132 -17.93 -21.07 36.24
C LYS B 132 -16.90 -22.16 35.97
N ALA B 133 -15.82 -21.82 35.27
CA ALA B 133 -14.75 -22.77 35.01
C ALA B 133 -13.83 -22.94 36.22
N GLN B 134 -13.69 -21.91 37.04
CA GLN B 134 -12.81 -22.00 38.20
C GLN B 134 -13.40 -22.91 39.27
N GLU B 135 -14.74 -23.02 39.34
CA GLU B 135 -15.37 -23.92 40.29
C GLU B 135 -15.30 -25.37 39.80
N ILE B 136 -15.35 -25.59 38.49
CA ILE B 136 -15.18 -26.93 37.95
C ILE B 136 -13.75 -27.41 38.19
N ASN B 137 -12.78 -26.51 38.07
CA ASN B 137 -11.38 -26.85 38.32
C ASN B 137 -11.05 -26.97 39.80
N LYS B 138 -11.99 -26.65 40.69
CA LYS B 138 -11.74 -26.81 42.12
C LYS B 138 -12.15 -28.18 42.64
N LYS B 139 -13.21 -28.77 42.08
CA LYS B 139 -13.62 -30.11 42.46
C LYS B 139 -12.60 -31.15 42.00
N SER C 3 37.67 -12.06 20.13
CA SER C 3 38.85 -12.47 19.36
C SER C 3 38.59 -12.38 17.86
N MET C 4 37.30 -12.37 17.48
CA MET C 4 36.93 -12.10 16.09
C MET C 4 37.26 -10.66 15.69
N GLU C 5 37.37 -9.76 16.66
CA GLU C 5 37.65 -8.35 16.41
C GLU C 5 39.03 -8.12 15.82
N GLY C 6 39.80 -9.20 15.63
CA GLY C 6 41.16 -9.10 15.15
C GLY C 6 41.32 -8.36 13.84
N ILE C 7 40.66 -8.85 12.78
CA ILE C 7 40.88 -8.34 11.44
C ILE C 7 40.56 -6.85 11.30
N LEU C 8 39.85 -6.27 12.28
CA LEU C 8 39.53 -4.85 12.25
C LEU C 8 40.77 -3.96 12.41
N ASP C 9 41.89 -4.52 12.87
CA ASP C 9 43.11 -3.74 13.09
C ASP C 9 43.94 -3.76 11.80
N PHE C 10 44.06 -2.60 11.15
CA PHE C 10 44.81 -2.46 9.92
C PHE C 10 46.28 -2.16 10.16
N SER C 11 46.68 -1.94 11.41
CA SER C 11 48.09 -1.75 11.73
C SER C 11 48.90 -2.98 11.32
N ASN C 12 48.40 -4.17 11.67
CA ASN C 12 49.03 -5.41 11.27
C ASN C 12 48.52 -5.85 9.91
N ASP C 13 49.03 -6.98 9.43
CA ASP C 13 48.61 -7.51 8.14
C ASP C 13 47.32 -8.33 8.29
N LEU C 14 46.54 -8.37 7.21
CA LEU C 14 45.27 -9.08 7.22
C LEU C 14 45.49 -10.58 7.36
N ASP C 15 44.78 -11.19 8.32
CA ASP C 15 44.78 -12.64 8.50
C ASP C 15 43.70 -13.23 7.60
N ILE C 16 44.10 -13.77 6.45
CA ILE C 16 43.14 -14.28 5.48
C ILE C 16 42.36 -15.46 6.03
N ALA C 17 43.03 -16.33 6.80
CA ALA C 17 42.33 -17.45 7.41
C ALA C 17 41.33 -17.00 8.46
N LEU C 18 41.63 -15.92 9.18
CA LEU C 18 40.67 -15.41 10.17
C LEU C 18 39.47 -14.78 9.48
N LEU C 19 39.70 -14.13 8.32
CA LEU C 19 38.59 -13.55 7.58
C LEU C 19 37.63 -14.63 7.11
N ASP C 20 38.17 -15.71 6.53
CA ASP C 20 37.32 -16.79 6.03
C ASP C 20 36.50 -17.44 7.13
N GLN C 21 37.02 -17.44 8.36
CA GLN C 21 36.23 -17.95 9.48
C GLN C 21 35.15 -16.95 9.90
N VAL C 22 35.51 -15.66 9.96
CA VAL C 22 34.52 -14.64 10.28
C VAL C 22 33.39 -14.65 9.26
N VAL C 23 33.73 -14.80 7.98
CA VAL C 23 32.72 -14.81 6.94
C VAL C 23 31.86 -16.07 7.02
N SER C 24 32.49 -17.22 7.27
CA SER C 24 31.73 -18.46 7.40
C SER C 24 30.84 -18.46 8.64
N THR C 25 31.29 -17.81 9.73
CA THR C 25 30.44 -17.72 10.92
C THR C 25 29.19 -16.91 10.63
N PHE C 26 29.30 -15.87 9.80
CA PHE C 26 28.16 -15.01 9.53
C PHE C 26 27.14 -15.67 8.62
N TYR C 27 27.60 -16.39 7.59
CA TYR C 27 26.71 -16.99 6.60
C TYR C 27 26.15 -18.34 7.04
N GLN C 28 26.98 -19.22 7.61
CA GLN C 28 26.54 -20.56 8.00
C GLN C 28 26.26 -20.70 9.49
N GLY C 29 26.56 -19.69 10.30
CA GLY C 29 26.37 -19.76 11.74
C GLY C 29 24.97 -19.35 12.16
N SER C 30 24.85 -19.02 13.44
CA SER C 30 23.58 -18.64 14.03
C SER C 30 23.84 -18.03 15.41
N GLY C 31 22.78 -17.48 15.99
CA GLY C 31 22.86 -16.92 17.33
C GLY C 31 23.70 -15.66 17.39
N VAL C 32 24.13 -15.34 18.61
CA VAL C 32 24.99 -14.18 18.82
C VAL C 32 26.33 -14.35 18.15
N GLN C 33 26.77 -15.58 17.92
CA GLN C 33 28.00 -15.82 17.17
C GLN C 33 27.90 -15.21 15.77
N GLN C 34 26.80 -15.52 15.06
CA GLN C 34 26.58 -14.91 13.75
C GLN C 34 26.37 -13.41 13.87
N LYS C 35 25.61 -12.96 14.87
CA LYS C 35 25.39 -11.53 15.06
C LYS C 35 26.69 -10.81 15.38
N GLN C 36 27.62 -11.47 16.05
CA GLN C 36 28.91 -10.85 16.34
C GLN C 36 29.75 -10.75 15.07
N ALA C 37 29.80 -11.82 14.28
CA ALA C 37 30.51 -11.76 13.00
C ALA C 37 29.89 -10.73 12.08
N GLN C 38 28.58 -10.48 12.22
CA GLN C 38 27.91 -9.49 11.37
C GLN C 38 28.45 -8.09 11.64
N GLU C 39 28.53 -7.69 12.90
CA GLU C 39 28.92 -6.32 13.23
C GLU C 39 30.39 -6.04 12.93
N ILE C 40 31.23 -7.07 12.81
CA ILE C 40 32.63 -6.84 12.49
C ILE C 40 32.89 -6.92 10.99
N LEU C 41 32.06 -7.66 10.24
CA LEU C 41 32.20 -7.66 8.80
C LEU C 41 31.75 -6.32 8.21
N THR C 42 30.72 -5.72 8.79
CA THR C 42 30.33 -4.38 8.38
C THR C 42 31.45 -3.38 8.66
N LYS C 43 32.06 -3.49 9.85
CA LYS C 43 33.14 -2.57 10.21
C LYS C 43 34.35 -2.76 9.30
N PHE C 44 34.68 -4.01 8.96
CA PHE C 44 35.77 -4.24 8.02
C PHE C 44 35.44 -3.67 6.64
N GLN C 45 34.20 -3.85 6.20
CA GLN C 45 33.80 -3.34 4.88
C GLN C 45 33.73 -1.82 4.87
N ASP C 46 33.18 -1.22 5.92
CA ASP C 46 33.03 0.24 6.00
C ASP C 46 34.34 0.96 6.30
N ASN C 47 35.43 0.22 6.54
CA ASN C 47 36.73 0.85 6.72
C ASN C 47 37.17 1.52 5.42
N PRO C 48 37.55 2.80 5.45
CA PRO C 48 37.89 3.49 4.19
C PRO C 48 39.11 2.94 3.48
N ASP C 49 39.96 2.14 4.16
CA ASP C 49 41.19 1.63 3.57
C ASP C 49 41.10 0.16 3.18
N ALA C 50 39.95 -0.49 3.39
CA ALA C 50 39.84 -1.92 3.14
C ALA C 50 40.08 -2.29 1.69
N TRP C 51 39.89 -1.35 0.75
CA TRP C 51 40.06 -1.66 -0.66
C TRP C 51 41.48 -2.07 -1.01
N GLN C 52 42.48 -1.57 -0.27
CA GLN C 52 43.86 -1.95 -0.54
C GLN C 52 44.14 -3.41 -0.22
N LYS C 53 43.34 -4.02 0.66
CA LYS C 53 43.48 -5.43 1.00
C LYS C 53 42.66 -6.34 0.11
N ALA C 54 41.91 -5.78 -0.84
CA ALA C 54 40.99 -6.60 -1.63
C ALA C 54 41.70 -7.54 -2.58
N ASP C 55 42.90 -7.16 -3.06
CA ASP C 55 43.64 -8.04 -3.96
C ASP C 55 44.25 -9.22 -3.21
N GLN C 56 44.53 -9.07 -1.92
CA GLN C 56 44.91 -10.21 -1.09
C GLN C 56 43.81 -11.26 -1.07
N ILE C 57 42.60 -10.83 -0.71
CA ILE C 57 41.48 -11.74 -0.53
C ILE C 57 41.15 -12.43 -1.85
N LEU C 58 41.06 -11.67 -2.94
CA LEU C 58 40.70 -12.27 -4.23
C LEU C 58 41.77 -13.22 -4.76
N GLN C 59 43.00 -13.14 -4.22
CA GLN C 59 44.09 -14.02 -4.61
C GLN C 59 44.34 -15.13 -3.59
N PHE C 60 44.25 -14.83 -2.31
CA PHE C 60 44.64 -15.76 -1.25
C PHE C 60 43.48 -16.52 -0.63
N SER C 61 42.29 -15.92 -0.56
CA SER C 61 41.19 -16.51 0.19
C SER C 61 40.70 -17.81 -0.45
N THR C 62 40.20 -18.70 0.40
CA THR C 62 39.57 -19.94 -0.02
C THR C 62 38.05 -19.89 0.04
N ASN C 63 37.49 -18.75 0.45
CA ASN C 63 36.05 -18.61 0.70
C ASN C 63 35.42 -17.73 -0.37
N PRO C 64 34.51 -18.25 -1.19
CA PRO C 64 33.89 -17.41 -2.23
C PRO C 64 33.14 -16.22 -1.68
N GLN C 65 32.53 -16.34 -0.50
CA GLN C 65 31.84 -15.19 0.09
C GLN C 65 32.81 -14.08 0.48
N SER C 66 34.03 -14.43 0.87
CA SER C 66 35.03 -13.42 1.18
C SER C 66 35.44 -12.66 -0.07
N LYS C 67 35.60 -13.37 -1.20
CA LYS C 67 35.89 -12.70 -2.46
C LYS C 67 34.72 -11.86 -2.93
N PHE C 68 33.49 -12.29 -2.64
CA PHE C 68 32.32 -11.46 -2.95
C PHE C 68 32.36 -10.16 -2.17
N ILE C 69 32.58 -10.24 -0.85
CA ILE C 69 32.58 -9.06 -0.01
C ILE C 69 33.68 -8.10 -0.44
N ALA C 70 34.85 -8.64 -0.80
CA ALA C 70 35.95 -7.78 -1.20
C ALA C 70 35.66 -7.08 -2.51
N LEU C 71 34.94 -7.74 -3.42
CA LEU C 71 34.48 -7.06 -4.62
C LEU C 71 33.46 -5.97 -4.29
N SER C 72 32.65 -6.18 -3.24
CA SER C 72 31.75 -5.12 -2.78
C SER C 72 32.52 -3.91 -2.32
N ILE C 73 33.54 -4.12 -1.48
CA ILE C 73 34.40 -3.02 -1.03
C ILE C 73 35.03 -2.32 -2.22
N LEU C 74 35.44 -3.10 -3.22
CA LEU C 74 35.97 -2.52 -4.44
C LEU C 74 34.93 -1.68 -5.16
N ASP C 75 33.68 -2.16 -5.24
CA ASP C 75 32.63 -1.44 -5.96
C ASP C 75 32.40 -0.06 -5.34
N LYS C 76 32.37 0.02 -4.01
CA LYS C 76 32.25 1.31 -3.35
C LYS C 76 33.41 2.23 -3.70
N LEU C 77 34.62 1.66 -3.86
CA LEU C 77 35.77 2.46 -4.23
C LEU C 77 35.61 3.01 -5.65
N ILE C 78 35.27 2.15 -6.60
CA ILE C 78 35.15 2.56 -8.00
C ILE C 78 34.02 3.57 -8.20
N THR C 79 32.90 3.38 -7.48
CA THR C 79 31.73 4.22 -7.75
C THR C 79 31.88 5.62 -7.16
N ARG C 80 32.65 5.80 -6.09
CA ARG C 80 32.63 7.06 -5.38
C ARG C 80 33.98 7.76 -5.21
N LYS C 81 35.10 7.07 -5.39
CA LYS C 81 36.40 7.70 -5.20
C LYS C 81 37.38 7.35 -6.32
N TRP C 82 36.89 6.81 -7.43
CA TRP C 82 37.77 6.35 -8.51
C TRP C 82 38.65 7.47 -9.03
N LYS C 83 38.09 8.66 -9.22
CA LYS C 83 38.87 9.77 -9.79
C LYS C 83 39.87 10.34 -8.80
N LEU C 84 39.66 10.13 -7.50
CA LEU C 84 40.58 10.60 -6.48
C LEU C 84 41.82 9.74 -6.35
N LEU C 85 41.83 8.54 -6.95
CA LEU C 85 42.96 7.65 -6.83
C LEU C 85 44.16 8.18 -7.61
N PRO C 86 45.38 7.91 -7.14
CA PRO C 86 46.54 8.02 -8.03
C PRO C 86 46.33 7.12 -9.24
N ASN C 87 46.66 7.66 -10.42
CA ASN C 87 46.34 6.99 -11.67
C ASN C 87 46.80 5.54 -11.67
N ASP C 88 48.00 5.27 -11.14
CA ASP C 88 48.63 3.97 -11.34
C ASP C 88 47.84 2.85 -10.69
N HIS C 89 47.12 3.14 -9.60
CA HIS C 89 46.26 2.12 -8.99
C HIS C 89 45.01 1.87 -9.82
N ARG C 90 44.52 2.90 -10.52
CA ARG C 90 43.36 2.73 -11.39
C ARG C 90 43.60 1.70 -12.49
N ILE C 91 44.85 1.57 -12.94
CA ILE C 91 45.17 0.53 -13.92
C ILE C 91 45.57 -0.77 -13.25
N GLY C 92 45.98 -0.75 -11.99
CA GLY C 92 46.25 -1.99 -11.28
C GLY C 92 44.97 -2.72 -10.92
N ILE C 93 44.04 -2.00 -10.26
CA ILE C 93 42.72 -2.55 -10.00
C ILE C 93 42.10 -3.08 -11.28
N ARG C 94 42.16 -2.28 -12.34
CA ARG C 94 41.51 -2.65 -13.59
C ARG C 94 42.11 -3.92 -14.17
N ASN C 95 43.44 -3.95 -14.33
CA ASN C 95 44.08 -5.14 -14.90
C ASN C 95 43.94 -6.35 -13.97
N PHE C 96 43.84 -6.12 -12.67
CA PHE C 96 43.63 -7.22 -11.74
C PHE C 96 42.28 -7.88 -11.94
N VAL C 97 41.25 -7.08 -12.25
CA VAL C 97 39.89 -7.62 -12.32
C VAL C 97 39.69 -8.42 -13.59
N VAL C 98 40.13 -7.87 -14.74
CA VAL C 98 40.01 -8.66 -15.96
C VAL C 98 40.89 -9.90 -15.89
N GLY C 99 42.08 -9.78 -15.28
CA GLY C 99 42.91 -10.95 -15.08
C GLY C 99 42.21 -12.02 -14.25
N MET C 100 41.58 -11.62 -13.14
CA MET C 100 40.88 -12.58 -12.31
C MET C 100 39.71 -13.21 -13.06
N ILE C 101 38.99 -12.43 -13.86
CA ILE C 101 37.87 -12.97 -14.63
C ILE C 101 38.38 -13.99 -15.66
N ILE C 102 39.47 -13.68 -16.35
CA ILE C 102 40.06 -14.61 -17.30
C ILE C 102 40.41 -15.93 -16.61
N SER C 103 40.98 -15.85 -15.40
CA SER C 103 41.40 -17.06 -14.71
C SER C 103 40.20 -17.93 -14.33
N MET C 104 39.11 -17.31 -13.88
CA MET C 104 37.94 -18.06 -13.44
C MET C 104 37.19 -18.71 -14.60
N CYS C 105 37.38 -18.22 -15.82
CA CYS C 105 36.67 -18.76 -16.97
C CYS C 105 37.37 -19.97 -17.58
N GLN C 106 38.66 -20.17 -17.32
CA GLN C 106 39.35 -21.32 -17.87
C GLN C 106 39.34 -22.52 -16.93
N ASP C 107 39.12 -22.30 -15.64
CA ASP C 107 38.95 -23.38 -14.66
C ASP C 107 37.47 -23.76 -14.68
N ASP C 108 37.14 -24.79 -15.47
CA ASP C 108 35.75 -25.23 -15.61
C ASP C 108 35.11 -25.54 -14.27
N GLU C 109 35.91 -25.94 -13.29
CA GLU C 109 35.39 -26.12 -11.94
C GLU C 109 34.88 -24.80 -11.37
N VAL C 110 35.71 -23.75 -11.48
CA VAL C 110 35.34 -22.45 -10.93
C VAL C 110 34.21 -21.83 -11.73
N PHE C 111 34.21 -22.02 -13.05
CA PHE C 111 33.22 -21.36 -13.90
C PHE C 111 31.81 -21.91 -13.69
N LYS C 112 31.70 -23.16 -13.24
CA LYS C 112 30.38 -23.77 -13.07
C LYS C 112 29.87 -23.68 -11.65
N THR C 113 30.75 -23.65 -10.64
CA THR C 113 30.33 -23.73 -9.24
C THR C 113 30.46 -22.42 -8.49
N GLN C 114 30.88 -21.33 -9.14
N GLN C 114 30.89 -21.34 -9.14
CA GLN C 114 31.01 -20.02 -8.51
CA GLN C 114 31.00 -20.02 -8.50
C GLN C 114 30.40 -18.94 -9.39
C GLN C 114 30.40 -18.95 -9.40
N LYS C 115 29.15 -19.15 -9.81
CA LYS C 115 28.48 -18.16 -10.65
C LYS C 115 28.28 -16.84 -9.91
N ASN C 116 27.95 -16.92 -8.62
CA ASN C 116 27.84 -15.70 -7.81
C ASN C 116 29.09 -14.84 -7.92
N LEU C 117 30.25 -15.46 -7.74
CA LEU C 117 31.50 -14.70 -7.72
C LEU C 117 31.84 -14.15 -9.09
N ILE C 118 31.55 -14.91 -10.15
CA ILE C 118 31.83 -14.43 -11.51
C ILE C 118 30.91 -13.25 -11.85
N ASN C 119 29.61 -13.39 -11.56
CA ASN C 119 28.67 -12.31 -11.89
C ASN C 119 29.00 -11.04 -11.13
N LYS C 120 29.41 -11.18 -9.86
CA LYS C 120 29.86 -10.01 -9.09
C LYS C 120 31.12 -9.42 -9.70
N SER C 121 32.03 -10.27 -10.19
CA SER C 121 33.23 -9.77 -10.84
C SER C 121 32.90 -9.09 -12.16
N ASP C 122 31.98 -9.69 -12.94
CA ASP C 122 31.54 -9.05 -14.18
C ASP C 122 30.91 -7.69 -13.90
N LEU C 123 30.16 -7.56 -12.80
CA LEU C 123 29.54 -6.28 -12.48
C LEU C 123 30.57 -5.26 -12.04
N THR C 124 31.59 -5.70 -11.29
CA THR C 124 32.66 -4.81 -10.89
C THR C 124 33.42 -4.27 -12.10
N LEU C 125 33.66 -5.13 -13.09
CA LEU C 125 34.28 -4.68 -14.33
C LEU C 125 33.43 -3.61 -15.01
N VAL C 126 32.11 -3.82 -15.06
CA VAL C 126 31.22 -2.85 -15.69
C VAL C 126 31.27 -1.51 -14.96
N GLN C 127 31.43 -1.52 -13.64
CA GLN C 127 31.61 -0.26 -12.90
C GLN C 127 32.86 0.46 -13.36
N ILE C 128 33.92 -0.28 -13.68
CA ILE C 128 35.14 0.33 -14.19
C ILE C 128 34.90 0.93 -15.57
N LEU C 129 34.21 0.20 -16.44
CA LEU C 129 33.90 0.70 -17.78
C LEU C 129 33.12 2.00 -17.73
N LYS C 130 32.21 2.14 -16.74
CA LYS C 130 31.47 3.39 -16.61
C LYS C 130 32.39 4.55 -16.32
N GLN C 131 33.52 4.29 -15.65
CA GLN C 131 34.48 5.34 -15.33
C GLN C 131 35.51 5.57 -16.45
N GLU C 132 35.91 4.51 -17.14
CA GLU C 132 37.06 4.57 -18.02
C GLU C 132 36.75 4.34 -19.50
N TRP C 133 35.52 3.95 -19.86
CA TRP C 133 35.32 3.52 -21.24
C TRP C 133 34.36 4.47 -21.96
N PRO C 134 34.62 4.80 -23.24
CA PRO C 134 35.73 4.29 -24.06
C PRO C 134 36.97 5.18 -24.07
N GLN C 135 36.92 6.33 -23.38
CA GLN C 135 37.98 7.33 -23.51
C GLN C 135 39.34 6.77 -23.08
N ASN C 136 39.37 5.96 -22.01
CA ASN C 136 40.61 5.37 -21.50
C ASN C 136 40.68 3.87 -21.75
N TRP C 137 39.93 3.38 -22.74
CA TRP C 137 39.91 1.95 -23.06
C TRP C 137 39.20 1.73 -24.39
N PRO C 138 39.68 2.32 -25.49
CA PRO C 138 38.87 2.35 -26.72
C PRO C 138 38.73 1.02 -27.42
N GLU C 139 39.50 0.00 -27.04
CA GLU C 139 39.45 -1.27 -27.75
C GLU C 139 38.90 -2.41 -26.89
N PHE C 140 38.25 -2.08 -25.77
CA PHE C 140 37.56 -3.08 -24.97
C PHE C 140 36.66 -3.96 -25.85
N ILE C 141 35.83 -3.34 -26.69
CA ILE C 141 34.85 -4.07 -27.48
C ILE C 141 35.54 -4.91 -28.56
N PRO C 142 36.55 -4.40 -29.28
CA PRO C 142 37.27 -5.29 -30.21
C PRO C 142 37.97 -6.46 -29.54
N GLU C 143 38.58 -6.28 -28.36
CA GLU C 143 39.19 -7.41 -27.68
C GLU C 143 38.18 -8.32 -27.02
N LEU C 144 37.08 -7.78 -26.48
CA LEU C 144 36.03 -8.65 -25.95
C LEU C 144 35.51 -9.58 -27.03
N ILE C 145 35.37 -9.08 -28.26
CA ILE C 145 34.91 -9.90 -29.36
C ILE C 145 36.00 -10.87 -29.81
N GLY C 146 37.26 -10.42 -29.76
CA GLY C 146 38.34 -11.32 -30.12
C GLY C 146 38.49 -12.47 -29.14
N SER C 147 38.50 -12.16 -27.84
CA SER C 147 38.65 -13.19 -26.82
C SER C 147 37.46 -14.14 -26.74
N SER C 148 36.32 -13.78 -27.36
CA SER C 148 35.19 -14.70 -27.38
C SER C 148 35.47 -15.91 -28.26
N SER C 149 36.31 -15.75 -29.29
CA SER C 149 36.73 -16.88 -30.10
C SER C 149 37.56 -17.88 -29.31
N SER C 150 38.12 -17.45 -28.17
CA SER C 150 39.03 -18.30 -27.41
C SER C 150 38.30 -19.46 -26.75
N SER C 151 37.37 -19.17 -25.85
CA SER C 151 36.76 -20.18 -25.00
C SER C 151 35.25 -20.02 -24.97
N VAL C 152 34.54 -21.15 -24.93
CA VAL C 152 33.09 -21.11 -24.76
C VAL C 152 32.72 -20.46 -23.44
N ASN C 153 33.50 -20.73 -22.38
CA ASN C 153 33.26 -20.10 -21.08
C ASN C 153 33.51 -18.61 -21.12
N VAL C 154 34.50 -18.16 -21.92
CA VAL C 154 34.74 -16.73 -22.03
C VAL C 154 33.64 -16.08 -22.85
N CYS C 155 33.26 -16.68 -23.97
CA CYS C 155 32.23 -16.11 -24.84
C CYS C 155 30.93 -15.93 -24.08
N GLU C 156 30.50 -16.94 -23.33
CA GLU C 156 29.28 -16.82 -22.54
C GLU C 156 29.42 -15.74 -21.46
N ASN C 157 30.54 -15.72 -20.75
CA ASN C 157 30.73 -14.73 -19.71
C ASN C 157 30.79 -13.32 -20.28
N ASN C 158 31.31 -13.17 -21.50
CA ASN C 158 31.30 -11.85 -22.15
C ASN C 158 29.88 -11.37 -22.38
N MET C 159 28.96 -12.29 -22.69
CA MET C 159 27.56 -11.92 -22.80
C MET C 159 27.00 -11.41 -21.47
N ILE C 160 27.47 -11.97 -20.35
CA ILE C 160 27.06 -11.47 -19.05
C ILE C 160 27.59 -10.05 -18.84
N VAL C 161 28.81 -9.77 -19.30
CA VAL C 161 29.37 -8.44 -19.18
C VAL C 161 28.59 -7.45 -20.03
N LEU C 162 28.26 -7.86 -21.27
CA LEU C 162 27.53 -6.97 -22.16
C LEU C 162 26.10 -6.73 -21.65
N LYS C 163 25.44 -7.78 -21.16
CA LYS C 163 24.11 -7.63 -20.59
C LYS C 163 24.11 -6.62 -19.45
N LEU C 164 25.01 -6.80 -18.48
CA LEU C 164 25.08 -5.87 -17.35
C LEU C 164 25.44 -4.46 -17.81
N LEU C 165 26.28 -4.35 -18.83
CA LEU C 165 26.67 -3.03 -19.32
C LEU C 165 25.46 -2.31 -19.92
N SER C 166 24.71 -2.99 -20.78
CA SER C 166 23.51 -2.42 -21.37
C SER C 166 22.53 -1.96 -20.30
N GLU C 167 22.42 -2.71 -19.20
CA GLU C 167 21.48 -2.34 -18.14
C GLU C 167 21.91 -1.06 -17.44
N GLU C 168 23.19 -0.96 -17.09
CA GLU C 168 23.66 0.21 -16.37
C GLU C 168 23.62 1.47 -17.23
N VAL C 169 23.75 1.33 -18.54
CA VAL C 169 23.79 2.50 -19.42
C VAL C 169 22.40 2.97 -19.82
N PHE C 170 21.51 2.04 -20.17
CA PHE C 170 20.20 2.39 -20.70
C PHE C 170 19.05 2.17 -19.73
N ASP C 171 19.13 1.18 -18.84
CA ASP C 171 18.00 0.83 -17.99
C ASP C 171 18.07 1.47 -16.61
N PHE C 172 19.27 1.71 -16.07
CA PHE C 172 19.39 2.15 -14.68
C PHE C 172 20.28 3.37 -14.54
N SER C 173 20.44 4.16 -15.61
CA SER C 173 21.32 5.32 -15.57
C SER C 173 20.61 6.60 -15.20
N ALA C 174 19.29 6.66 -15.38
CA ALA C 174 18.56 7.93 -15.38
C ALA C 174 18.84 8.74 -14.12
N GLU C 175 18.87 8.10 -12.95
CA GLU C 175 19.12 8.83 -11.72
C GLU C 175 20.38 8.37 -11.00
N GLN C 176 21.19 7.51 -11.62
CA GLN C 176 22.45 7.06 -11.03
C GLN C 176 23.67 7.80 -11.57
N MET C 177 23.60 8.38 -12.76
CA MET C 177 24.66 9.21 -13.30
C MET C 177 24.07 10.52 -13.80
N THR C 178 24.95 11.48 -14.10
CA THR C 178 24.53 12.75 -14.65
C THR C 178 24.01 12.57 -16.07
N GLN C 179 23.24 13.54 -16.53
CA GLN C 179 22.73 13.49 -17.91
C GLN C 179 23.88 13.40 -18.91
N ALA C 180 24.96 14.16 -18.69
CA ALA C 180 26.09 14.15 -19.62
C ALA C 180 26.73 12.78 -19.70
N LYS C 181 27.03 12.16 -18.55
CA LYS C 181 27.72 10.88 -18.58
C LYS C 181 26.81 9.78 -19.12
N ALA C 182 25.52 9.82 -18.81
CA ALA C 182 24.59 8.87 -19.41
C ALA C 182 24.61 8.97 -20.93
N LEU C 183 24.51 10.19 -21.45
CA LEU C 183 24.52 10.39 -22.90
C LEU C 183 25.83 9.91 -23.51
N HIS C 184 26.95 10.20 -22.85
CA HIS C 184 28.25 9.75 -23.32
C HIS C 184 28.27 8.23 -23.48
N LEU C 185 27.80 7.51 -22.46
CA LEU C 185 27.85 6.06 -22.50
C LEU C 185 26.85 5.48 -23.50
N LYS C 186 25.66 6.09 -23.62
CA LYS C 186 24.71 5.64 -24.61
C LYS C 186 25.25 5.79 -26.03
N ASN C 187 25.84 6.96 -26.33
CA ASN C 187 26.43 7.17 -27.64
C ASN C 187 27.57 6.20 -27.92
N SER C 188 28.36 5.87 -26.88
CA SER C 188 29.49 4.98 -27.08
C SER C 188 29.01 3.57 -27.44
N MET C 189 28.05 3.04 -26.68
CA MET C 189 27.51 1.72 -27.00
C MET C 189 26.81 1.74 -28.34
N SER C 190 26.11 2.83 -28.65
CA SER C 190 25.42 2.96 -29.93
C SER C 190 26.39 2.84 -31.09
N LYS C 191 27.58 3.44 -30.96
CA LYS C 191 28.53 3.46 -32.06
C LYS C 191 29.16 2.09 -32.30
N GLU C 192 29.37 1.31 -31.24
CA GLU C 192 30.06 0.02 -31.34
C GLU C 192 29.10 -1.16 -31.30
N PHE C 193 27.79 -0.94 -31.45
CA PHE C 193 26.87 -2.06 -31.32
C PHE C 193 26.89 -2.98 -32.54
N GLU C 194 27.23 -2.45 -33.72
CA GLU C 194 27.26 -3.28 -34.92
C GLU C 194 28.18 -4.49 -34.75
N GLN C 195 29.32 -4.29 -34.07
CA GLN C 195 30.20 -5.41 -33.79
C GLN C 195 29.62 -6.31 -32.71
N ILE C 196 28.93 -5.74 -31.73
CA ILE C 196 28.29 -6.54 -30.69
C ILE C 196 27.19 -7.42 -31.28
N PHE C 197 26.43 -6.87 -32.22
CA PHE C 197 25.36 -7.65 -32.82
C PHE C 197 25.89 -8.77 -33.72
N LYS C 198 27.03 -8.54 -34.37
CA LYS C 198 27.63 -9.58 -35.20
C LYS C 198 27.98 -10.80 -34.37
N LEU C 199 28.64 -10.59 -33.22
CA LEU C 199 29.01 -11.69 -32.35
C LEU C 199 27.78 -12.35 -31.74
N CYS C 200 26.79 -11.55 -31.34
CA CYS C 200 25.57 -12.10 -30.77
CA CYS C 200 25.57 -12.12 -30.76
C CYS C 200 24.80 -12.96 -31.77
N PHE C 201 24.72 -12.49 -33.02
CA PHE C 201 24.00 -13.25 -34.05
C PHE C 201 24.76 -14.51 -34.43
N GLN C 202 26.10 -14.44 -34.50
CA GLN C 202 26.88 -15.62 -34.83
C GLN C 202 26.65 -16.72 -33.81
N VAL C 203 26.70 -16.38 -32.51
CA VAL C 203 26.49 -17.37 -31.47
C VAL C 203 25.11 -17.99 -31.60
N LEU C 204 24.08 -17.17 -31.84
CA LEU C 204 22.72 -17.67 -31.92
C LEU C 204 22.53 -18.62 -33.10
N GLU C 205 23.26 -18.42 -34.19
CA GLU C 205 23.11 -19.28 -35.36
C GLU C 205 23.99 -20.51 -35.31
N GLN C 206 25.15 -20.44 -34.66
CA GLN C 206 26.13 -21.51 -34.68
C GLN C 206 26.04 -22.43 -33.46
N GLY C 207 24.99 -22.30 -32.64
CA GLY C 207 24.88 -23.12 -31.45
C GLY C 207 26.10 -22.98 -30.56
N SER C 208 26.33 -23.99 -29.74
CA SER C 208 25.42 -25.12 -29.57
C SER C 208 25.28 -25.38 -28.08
N SER C 209 26.16 -24.74 -27.30
CA SER C 209 26.07 -24.78 -25.85
C SER C 209 24.81 -24.05 -25.41
N SER C 210 23.93 -24.74 -24.68
N SER C 210 23.94 -24.73 -24.67
CA SER C 210 22.69 -24.12 -24.24
CA SER C 210 22.68 -24.11 -24.25
C SER C 210 22.96 -22.97 -23.28
C SER C 210 22.88 -23.05 -23.18
N SER C 211 23.95 -23.12 -22.40
CA SER C 211 24.26 -22.06 -21.45
C SER C 211 24.80 -20.83 -22.16
N LEU C 212 25.57 -21.04 -23.24
CA LEU C 212 26.02 -19.91 -24.05
C LEU C 212 24.87 -19.28 -24.80
N ILE C 213 23.95 -20.11 -25.32
CA ILE C 213 22.80 -19.58 -26.05
C ILE C 213 21.91 -18.77 -25.13
N VAL C 214 21.64 -19.28 -23.93
CA VAL C 214 20.73 -18.58 -23.02
C VAL C 214 21.35 -17.27 -22.55
N ALA C 215 22.66 -17.26 -22.30
CA ALA C 215 23.32 -16.00 -21.92
C ALA C 215 23.31 -15.00 -23.07
N THR C 216 23.30 -15.47 -24.31
CA THR C 216 23.22 -14.56 -25.45
C THR C 216 21.82 -14.00 -25.63
N LEU C 217 20.80 -14.83 -25.36
CA LEU C 217 19.43 -14.36 -25.46
C LEU C 217 19.09 -13.38 -24.32
N GLU C 218 19.63 -13.62 -23.13
N GLU C 218 19.63 -13.61 -23.12
CA GLU C 218 19.39 -12.72 -22.00
CA GLU C 218 19.35 -12.70 -22.02
C GLU C 218 19.94 -11.33 -22.30
C GLU C 218 19.97 -11.33 -22.26
N SER C 219 21.10 -11.26 -22.95
CA SER C 219 21.67 -9.97 -23.32
C SER C 219 20.89 -9.36 -24.47
N LEU C 220 20.36 -10.19 -25.37
CA LEU C 220 19.52 -9.69 -26.45
C LEU C 220 18.24 -9.05 -25.91
N LEU C 221 17.71 -9.60 -24.83
CA LEU C 221 16.55 -8.99 -24.19
C LEU C 221 16.83 -7.54 -23.81
N ARG C 222 18.05 -7.26 -23.35
CA ARG C 222 18.39 -5.91 -22.93
C ARG C 222 18.58 -4.98 -24.13
N TYR C 223 19.22 -5.47 -25.19
CA TYR C 223 19.44 -4.64 -26.38
C TYR C 223 18.11 -4.18 -26.97
N LEU C 224 17.09 -5.04 -26.95
CA LEU C 224 15.83 -4.69 -27.59
C LEU C 224 15.17 -3.47 -26.97
N HIS C 225 15.59 -3.09 -25.75
CA HIS C 225 15.06 -1.88 -25.11
C HIS C 225 15.47 -0.60 -25.85
N TRP C 226 16.51 -0.63 -26.69
CA TRP C 226 17.04 0.63 -27.21
C TRP C 226 17.61 0.56 -28.63
N ILE C 227 17.93 -0.63 -29.13
CA ILE C 227 18.62 -0.73 -30.43
C ILE C 227 17.68 -0.34 -31.57
N PRO C 228 18.20 0.16 -32.69
CA PRO C 228 17.32 0.55 -33.80
C PRO C 228 16.67 -0.66 -34.44
N TYR C 229 15.48 -0.43 -35.00
CA TYR C 229 14.62 -1.53 -35.44
C TYR C 229 15.26 -2.37 -36.52
N ARG C 230 16.16 -1.79 -37.32
CA ARG C 230 16.67 -2.50 -38.49
C ARG C 230 17.42 -3.77 -38.09
N TYR C 231 18.00 -3.79 -36.89
CA TYR C 231 18.72 -4.98 -36.43
C TYR C 231 17.80 -6.18 -36.24
N ILE C 232 16.51 -5.96 -36.09
CA ILE C 232 15.56 -7.02 -35.81
C ILE C 232 14.82 -7.48 -37.06
N TYR C 233 14.47 -6.54 -37.94
CA TYR C 233 13.68 -6.85 -39.13
C TYR C 233 14.51 -7.10 -40.38
N GLU C 234 15.73 -6.61 -40.43
CA GLU C 234 16.58 -6.76 -41.61
C GLU C 234 17.69 -7.76 -41.38
N THR C 235 17.51 -8.66 -40.42
CA THR C 235 18.34 -9.83 -40.24
C THR C 235 17.42 -11.05 -40.16
N ASN C 236 18.01 -12.23 -40.06
CA ASN C 236 17.19 -13.43 -39.91
C ASN C 236 16.75 -13.66 -38.46
N ILE C 237 17.06 -12.73 -37.56
CA ILE C 237 16.99 -13.02 -36.12
C ILE C 237 15.56 -13.30 -35.66
N LEU C 238 14.56 -12.66 -36.28
CA LEU C 238 13.18 -12.95 -35.88
C LEU C 238 12.79 -14.38 -36.23
N GLU C 239 13.42 -14.97 -37.26
CA GLU C 239 13.10 -16.34 -37.62
C GLU C 239 13.63 -17.33 -36.58
N LEU C 240 14.83 -17.09 -36.04
CA LEU C 240 15.40 -18.05 -35.10
C LEU C 240 14.76 -17.91 -33.72
N LEU C 241 14.43 -16.68 -33.30
CA LEU C 241 13.67 -16.52 -32.08
C LEU C 241 12.31 -17.19 -32.18
N SER C 242 11.61 -17.01 -33.31
CA SER C 242 10.26 -17.53 -33.44
C SER C 242 10.21 -19.00 -33.83
N THR C 243 11.34 -19.65 -34.10
CA THR C 243 11.31 -21.07 -34.47
C THR C 243 12.30 -21.89 -33.64
N LYS C 244 13.59 -21.73 -33.94
CA LYS C 244 14.62 -22.57 -33.33
C LYS C 244 14.57 -22.51 -31.81
N PHE C 245 14.52 -21.31 -31.24
CA PHE C 245 14.65 -21.13 -29.81
C PHE C 245 13.34 -21.29 -29.05
N MET C 246 12.21 -21.38 -29.75
CA MET C 246 10.96 -21.69 -29.09
C MET C 246 10.79 -23.18 -28.82
N THR C 247 11.59 -24.02 -29.48
CA THR C 247 11.43 -25.47 -29.35
C THR C 247 12.10 -26.02 -28.10
N SER C 248 13.27 -25.48 -27.72
CA SER C 248 13.98 -25.99 -26.56
C SER C 248 13.52 -25.28 -25.30
N PRO C 249 13.13 -26.02 -24.25
CA PRO C 249 12.64 -25.36 -23.03
C PRO C 249 13.70 -24.56 -22.29
N ASP C 250 14.98 -24.78 -22.58
CA ASP C 250 16.03 -23.95 -21.98
C ASP C 250 15.95 -22.51 -22.49
N THR C 251 15.72 -22.34 -23.79
CA THR C 251 15.68 -21.02 -24.40
C THR C 251 14.27 -20.45 -24.50
N ARG C 252 13.25 -21.25 -24.20
CA ARG C 252 11.87 -20.83 -24.46
C ARG C 252 11.51 -19.60 -23.64
N ALA C 253 11.80 -19.62 -22.34
CA ALA C 253 11.36 -18.55 -21.44
C ALA C 253 11.95 -17.20 -21.85
N ILE C 254 13.25 -17.16 -22.13
CA ILE C 254 13.89 -15.90 -22.49
C ILE C 254 13.48 -15.48 -23.90
N THR C 255 13.31 -16.45 -24.81
CA THR C 255 12.92 -16.11 -26.17
C THR C 255 11.53 -15.45 -26.19
N LEU C 256 10.60 -16.00 -25.40
CA LEU C 256 9.26 -15.41 -25.29
C LEU C 256 9.33 -13.97 -24.83
N LYS C 257 10.20 -13.67 -23.86
CA LYS C 257 10.34 -12.31 -23.36
C LYS C 257 10.95 -11.40 -24.43
N CYS C 258 11.90 -11.93 -25.22
CA CYS C 258 12.45 -11.14 -26.32
C CYS C 258 11.38 -10.78 -27.33
N LEU C 259 10.57 -11.78 -27.73
CA LEU C 259 9.50 -11.52 -28.69
C LEU C 259 8.44 -10.61 -28.12
N THR C 260 8.25 -10.63 -26.80
CA THR C 260 7.33 -9.69 -26.17
C THR C 260 7.87 -8.27 -26.27
N GLU C 261 9.17 -8.10 -26.09
CA GLU C 261 9.78 -6.79 -26.29
C GLU C 261 9.72 -6.37 -27.75
N VAL C 262 9.86 -7.32 -28.67
CA VAL C 262 9.79 -6.99 -30.09
C VAL C 262 8.40 -6.49 -30.47
N SER C 263 7.36 -7.10 -29.89
CA SER C 263 5.99 -6.62 -30.11
C SER C 263 5.75 -5.21 -29.56
N ASN C 264 6.82 -4.50 -29.18
CA ASN C 264 6.76 -3.12 -28.71
C ASN C 264 7.80 -2.23 -29.39
N LEU C 265 8.56 -2.76 -30.34
CA LEU C 265 9.62 -1.98 -30.97
C LEU C 265 9.03 -0.83 -31.77
N LYS C 266 9.84 0.23 -31.91
CA LYS C 266 9.48 1.38 -32.73
C LYS C 266 9.73 1.05 -34.20
N ILE C 267 8.66 0.87 -34.96
CA ILE C 267 8.76 0.46 -36.37
C ILE C 267 7.76 1.24 -37.20
N PRO C 268 8.13 1.54 -38.44
CA PRO C 268 7.21 2.24 -39.34
C PRO C 268 5.98 1.39 -39.63
N GLN C 269 4.82 2.04 -39.60
CA GLN C 269 3.54 1.36 -39.78
C GLN C 269 3.00 1.50 -41.20
N ASP C 270 3.87 1.76 -42.17
CA ASP C 270 3.47 1.85 -43.57
C ASP C 270 4.22 0.88 -44.48
N ASN C 271 5.36 0.36 -44.03
CA ASN C 271 6.08 -0.63 -44.83
C ASN C 271 5.35 -1.96 -44.77
N ASP C 272 5.12 -2.56 -45.94
CA ASP C 272 4.35 -3.80 -46.00
C ASP C 272 5.21 -5.03 -45.73
N LEU C 273 6.53 -4.92 -45.87
CA LEU C 273 7.40 -6.03 -45.51
C LEU C 273 7.47 -6.21 -44.00
N ILE C 274 7.69 -5.10 -43.27
CA ILE C 274 7.76 -5.16 -41.82
C ILE C 274 6.45 -5.70 -41.24
N LYS C 275 5.34 -5.36 -41.87
CA LYS C 275 4.05 -5.90 -41.44
C LYS C 275 4.00 -7.42 -41.58
N ARG C 276 4.43 -7.93 -42.74
CA ARG C 276 4.45 -9.38 -42.93
C ARG C 276 5.44 -10.04 -41.99
N GLN C 277 6.53 -9.35 -41.63
CA GLN C 277 7.47 -9.88 -40.65
C GLN C 277 6.84 -9.93 -39.27
N THR C 278 6.05 -8.92 -38.92
CA THR C 278 5.35 -8.92 -37.63
C THR C 278 4.30 -10.02 -37.59
N VAL C 279 3.69 -10.34 -38.74
CA VAL C 279 2.73 -11.44 -38.78
C VAL C 279 3.46 -12.77 -38.73
N LEU C 280 4.62 -12.87 -39.38
CA LEU C 280 5.28 -14.15 -39.56
C LEU C 280 5.86 -14.70 -38.26
N PHE C 281 6.47 -13.83 -37.44
CA PHE C 281 7.06 -14.36 -36.21
C PHE C 281 5.99 -14.71 -35.19
N PHE C 282 4.82 -14.08 -35.29
CA PHE C 282 3.70 -14.47 -34.42
C PHE C 282 3.17 -15.83 -34.85
N GLN C 283 3.07 -16.07 -36.16
CA GLN C 283 2.60 -17.36 -36.66
C GLN C 283 3.54 -18.49 -36.25
N ASN C 284 4.85 -18.29 -36.43
CA ASN C 284 5.82 -19.31 -36.03
C ASN C 284 5.73 -19.60 -34.55
N THR C 285 5.64 -18.55 -33.72
CA THR C 285 5.62 -18.74 -32.26
C THR C 285 4.41 -19.55 -31.83
N LEU C 286 3.22 -19.20 -32.32
CA LEU C 286 2.02 -19.95 -31.98
C LEU C 286 2.09 -21.38 -32.49
N GLN C 287 2.78 -21.60 -33.61
CA GLN C 287 2.92 -22.95 -34.15
C GLN C 287 3.79 -23.81 -33.24
N GLN C 288 4.94 -23.27 -32.82
CA GLN C 288 5.80 -23.99 -31.89
C GLN C 288 5.07 -24.31 -30.59
N ILE C 289 4.20 -23.39 -30.14
CA ILE C 289 3.48 -23.63 -28.89
C ILE C 289 2.45 -24.74 -29.08
N ALA C 290 1.78 -24.77 -30.24
CA ALA C 290 0.80 -25.82 -30.49
C ALA C 290 1.45 -27.19 -30.61
N THR C 291 2.67 -27.28 -31.15
CA THR C 291 3.29 -28.57 -31.40
C THR C 291 4.27 -29.01 -30.31
N SER C 292 4.94 -28.08 -29.63
CA SER C 292 5.97 -28.43 -28.66
C SER C 292 5.58 -28.21 -27.21
N VAL C 293 4.48 -27.49 -26.93
CA VAL C 293 4.15 -27.18 -25.55
C VAL C 293 2.76 -27.67 -25.19
N MET C 294 1.72 -27.13 -25.85
CA MET C 294 0.36 -27.58 -25.53
C MET C 294 -0.59 -27.18 -26.65
N PRO C 295 -1.58 -28.01 -26.97
CA PRO C 295 -2.57 -27.60 -27.97
C PRO C 295 -3.55 -26.58 -27.41
N VAL C 296 -4.27 -25.94 -28.33
CA VAL C 296 -5.18 -24.86 -27.97
C VAL C 296 -6.32 -25.33 -27.07
N THR C 297 -6.61 -26.63 -27.05
CA THR C 297 -7.68 -27.17 -26.21
C THR C 297 -7.21 -27.55 -24.81
N ALA C 298 -5.93 -27.39 -24.49
CA ALA C 298 -5.42 -27.84 -23.19
C ALA C 298 -6.05 -27.06 -22.05
N ASP C 299 -6.22 -27.75 -20.91
CA ASP C 299 -6.76 -27.16 -19.69
C ASP C 299 -5.61 -26.46 -18.96
N LEU C 300 -5.38 -25.20 -19.32
CA LEU C 300 -4.33 -24.41 -18.69
C LEU C 300 -4.62 -24.13 -17.22
N LYS C 301 -5.89 -24.17 -16.82
CA LYS C 301 -6.24 -24.00 -15.41
C LYS C 301 -5.69 -25.14 -14.56
N ALA C 302 -5.86 -26.38 -15.04
CA ALA C 302 -5.30 -27.53 -14.33
C ALA C 302 -3.77 -27.51 -14.38
N THR C 303 -3.18 -27.20 -15.54
CA THR C 303 -1.73 -27.14 -15.67
C THR C 303 -1.14 -26.15 -14.68
N TYR C 304 -1.72 -24.95 -14.59
CA TYR C 304 -1.21 -23.93 -13.68
C TYR C 304 -1.32 -24.38 -12.24
N ALA C 305 -2.42 -25.04 -11.87
CA ALA C 305 -2.61 -25.48 -10.49
C ALA C 305 -1.65 -26.58 -10.10
N ASN C 306 -1.24 -27.43 -11.06
CA ASN C 306 -0.31 -28.51 -10.74
C ASN C 306 1.09 -28.00 -10.48
N ALA C 307 1.45 -26.84 -11.05
CA ALA C 307 2.71 -26.16 -10.75
C ALA C 307 3.94 -27.00 -11.03
N ASN C 308 3.88 -27.87 -12.05
CA ASN C 308 5.05 -28.64 -12.44
C ASN C 308 6.10 -27.73 -13.09
N GLY C 309 7.36 -27.93 -12.72
CA GLY C 309 8.46 -27.20 -13.32
C GLY C 309 8.29 -25.70 -13.34
N ASN C 310 8.40 -25.11 -14.52
CA ASN C 310 8.24 -23.67 -14.71
C ASN C 310 6.96 -23.33 -15.45
N ASP C 311 5.96 -24.21 -15.37
CA ASP C 311 4.73 -24.03 -16.15
C ASP C 311 4.04 -22.73 -15.77
N GLN C 312 4.02 -22.38 -14.48
CA GLN C 312 3.39 -21.12 -14.09
C GLN C 312 4.09 -19.92 -14.72
N SER C 313 5.42 -19.92 -14.72
CA SER C 313 6.15 -18.81 -15.35
C SER C 313 5.94 -18.77 -16.84
N PHE C 314 5.76 -19.93 -17.48
CA PHE C 314 5.55 -19.95 -18.93
C PHE C 314 4.17 -19.41 -19.28
N LEU C 315 3.13 -19.90 -18.58
CA LEU C 315 1.78 -19.41 -18.84
C LEU C 315 1.68 -17.91 -18.55
N GLN C 316 2.41 -17.42 -17.54
CA GLN C 316 2.46 -16.00 -17.29
C GLN C 316 3.14 -15.25 -18.43
N ASP C 317 4.25 -15.79 -18.95
CA ASP C 317 4.94 -15.13 -20.04
C ASP C 317 4.17 -15.23 -21.35
N LEU C 318 3.42 -16.31 -21.54
CA LEU C 318 2.61 -16.43 -22.75
C LEU C 318 1.44 -15.45 -22.73
N ALA C 319 0.80 -15.27 -21.57
CA ALA C 319 -0.23 -14.25 -21.45
C ALA C 319 0.32 -12.87 -21.73
N MET C 320 1.51 -12.57 -21.19
CA MET C 320 2.13 -11.28 -21.46
C MET C 320 2.47 -11.13 -22.94
N PHE C 321 2.89 -12.22 -23.59
CA PHE C 321 3.24 -12.13 -25.01
C PHE C 321 2.00 -11.92 -25.88
N LEU C 322 0.95 -12.71 -25.66
CA LEU C 322 -0.24 -12.59 -26.50
C LEU C 322 -0.90 -11.23 -26.33
N THR C 323 -1.17 -10.83 -25.08
CA THR C 323 -1.82 -9.54 -24.84
C THR C 323 -1.02 -8.39 -25.42
N THR C 324 0.32 -8.44 -25.29
CA THR C 324 1.16 -7.37 -25.82
C THR C 324 1.10 -7.31 -27.34
N TYR C 325 1.22 -8.46 -27.99
CA TYR C 325 1.20 -8.47 -29.45
C TYR C 325 -0.17 -8.11 -30.00
N LEU C 326 -1.22 -8.73 -29.44
CA LEU C 326 -2.56 -8.54 -29.99
C LEU C 326 -3.09 -7.14 -29.72
N ALA C 327 -2.71 -6.53 -28.60
CA ALA C 327 -3.11 -5.15 -28.36
C ALA C 327 -2.52 -4.21 -29.40
N ARG C 328 -1.32 -4.52 -29.90
CA ARG C 328 -0.65 -3.62 -30.83
C ARG C 328 -0.90 -3.97 -32.30
N ASN C 329 -1.07 -5.27 -32.63
CA ASN C 329 -0.99 -5.70 -34.02
C ASN C 329 -2.16 -6.56 -34.47
N ARG C 330 -3.22 -6.71 -33.68
CA ARG C 330 -4.28 -7.63 -34.09
C ARG C 330 -4.99 -7.17 -35.36
N ALA C 331 -4.87 -5.89 -35.72
CA ALA C 331 -5.44 -5.43 -36.98
C ALA C 331 -4.74 -6.06 -38.19
N LEU C 332 -3.46 -6.42 -38.05
CA LEU C 332 -2.77 -7.08 -39.14
C LEU C 332 -3.40 -8.42 -39.50
N LEU C 333 -4.09 -9.05 -38.54
CA LEU C 333 -4.62 -10.39 -38.70
C LEU C 333 -6.12 -10.42 -38.99
N GLU C 334 -6.79 -9.27 -38.99
CA GLU C 334 -8.24 -9.26 -39.08
C GLU C 334 -8.78 -9.18 -40.51
N SER C 335 -7.98 -8.68 -41.45
CA SER C 335 -8.45 -8.51 -42.84
C SER C 335 -8.18 -9.74 -43.69
N ASP C 336 -6.94 -10.24 -43.69
CA ASP C 336 -6.58 -11.40 -44.50
C ASP C 336 -7.32 -12.64 -44.02
N GLU C 337 -7.91 -13.38 -44.96
CA GLU C 337 -8.66 -14.57 -44.59
C GLU C 337 -7.74 -15.74 -44.24
N SER C 338 -6.51 -15.74 -44.75
CA SER C 338 -5.57 -16.80 -44.39
C SER C 338 -5.10 -16.67 -42.95
N LEU C 339 -5.24 -15.49 -42.34
CA LEU C 339 -4.79 -15.25 -40.98
C LEU C 339 -5.92 -15.37 -39.95
N ARG C 340 -7.12 -15.81 -40.37
CA ARG C 340 -8.25 -15.84 -39.45
C ARG C 340 -8.08 -16.92 -38.39
N GLU C 341 -7.63 -18.11 -38.79
CA GLU C 341 -7.38 -19.15 -37.81
C GLU C 341 -6.28 -18.74 -36.84
N LEU C 342 -5.23 -18.10 -37.35
CA LEU C 342 -4.15 -17.62 -36.48
C LEU C 342 -4.68 -16.67 -35.43
N LEU C 343 -5.51 -15.70 -35.84
CA LEU C 343 -6.05 -14.73 -34.91
C LEU C 343 -6.94 -15.39 -33.86
N LEU C 344 -7.81 -16.30 -34.30
CA LEU C 344 -8.78 -16.89 -33.38
C LEU C 344 -8.11 -17.90 -32.44
N ASN C 345 -7.12 -18.64 -32.93
CA ASN C 345 -6.36 -19.52 -32.05
C ASN C 345 -5.68 -18.72 -30.94
N ALA C 346 -5.04 -17.61 -31.32
CA ALA C 346 -4.36 -16.78 -30.33
C ALA C 346 -5.32 -16.33 -29.23
N HIS C 347 -6.54 -15.93 -29.60
CA HIS C 347 -7.50 -15.50 -28.60
C HIS C 347 -8.06 -16.68 -27.81
N GLN C 348 -8.10 -17.87 -28.43
CA GLN C 348 -8.56 -19.05 -27.69
C GLN C 348 -7.56 -19.47 -26.62
N TYR C 349 -6.25 -19.27 -26.87
CA TYR C 349 -5.28 -19.46 -25.79
C TYR C 349 -5.55 -18.47 -24.65
N LEU C 350 -5.85 -17.21 -24.99
CA LEU C 350 -6.14 -16.22 -23.97
C LEU C 350 -7.39 -16.58 -23.17
N ILE C 351 -8.42 -17.11 -23.85
CA ILE C 351 -9.60 -17.61 -23.14
C ILE C 351 -9.20 -18.69 -22.14
N GLN C 352 -8.33 -19.63 -22.57
CA GLN C 352 -7.89 -20.69 -21.68
C GLN C 352 -7.00 -20.16 -20.58
N LEU C 353 -6.18 -19.14 -20.86
CA LEU C 353 -5.40 -18.50 -19.81
C LEU C 353 -6.32 -17.80 -18.81
N SER C 354 -7.42 -17.20 -19.29
CA SER C 354 -8.32 -16.45 -18.41
C SER C 354 -9.02 -17.33 -17.38
N LYS C 355 -9.00 -18.65 -17.53
CA LYS C 355 -9.65 -19.55 -16.59
C LYS C 355 -8.74 -19.95 -15.44
N ILE C 356 -7.49 -19.50 -15.44
CA ILE C 356 -6.56 -19.87 -14.38
C ILE C 356 -6.95 -19.16 -13.09
N GLU C 357 -6.94 -19.91 -11.98
CA GLU C 357 -7.16 -19.34 -10.66
C GLU C 357 -5.85 -18.68 -10.22
N GLU C 358 -5.68 -17.43 -10.65
CA GLU C 358 -4.50 -16.65 -10.30
C GLU C 358 -4.87 -15.18 -10.49
N ARG C 359 -5.15 -14.50 -9.38
CA ARG C 359 -5.74 -13.17 -9.42
C ARG C 359 -4.93 -12.22 -10.29
N GLU C 360 -3.61 -12.16 -10.10
CA GLU C 360 -2.80 -11.19 -10.82
C GLU C 360 -2.71 -11.52 -12.30
N LEU C 361 -2.66 -12.81 -12.66
CA LEU C 361 -2.70 -13.19 -14.06
C LEU C 361 -4.03 -12.84 -14.70
N PHE C 362 -5.14 -13.06 -13.96
CA PHE C 362 -6.45 -12.71 -14.47
C PHE C 362 -6.58 -11.22 -14.74
N LYS C 363 -6.01 -10.38 -13.87
CA LYS C 363 -6.02 -8.95 -14.13
C LYS C 363 -5.28 -8.62 -15.41
N THR C 364 -4.22 -9.38 -15.72
CA THR C 364 -3.46 -9.12 -16.94
C THR C 364 -4.27 -9.43 -18.19
N THR C 365 -5.00 -10.56 -18.17
CA THR C 365 -5.84 -10.89 -19.33
C THR C 365 -7.08 -10.00 -19.37
N LEU C 366 -7.64 -9.66 -18.21
CA LEU C 366 -8.81 -8.79 -18.18
C LEU C 366 -8.50 -7.42 -18.79
N ASP C 367 -7.29 -6.91 -18.58
CA ASP C 367 -6.89 -5.67 -19.23
C ASP C 367 -6.97 -5.79 -20.75
N TYR C 368 -6.53 -6.93 -21.30
CA TYR C 368 -6.58 -7.10 -22.75
C TYR C 368 -8.02 -7.24 -23.24
N TRP C 369 -8.81 -8.07 -22.55
CA TRP C 369 -10.21 -8.20 -22.94
C TRP C 369 -10.92 -6.85 -22.95
N HIS C 370 -10.68 -6.03 -21.92
CA HIS C 370 -11.25 -4.70 -21.90
C HIS C 370 -10.82 -3.91 -23.13
N ASN C 371 -9.54 -3.97 -23.46
CA ASN C 371 -9.05 -3.33 -24.68
C ASN C 371 -9.78 -3.87 -25.90
N LEU C 372 -10.06 -5.17 -25.94
CA LEU C 372 -10.65 -5.77 -27.13
C LEU C 372 -12.13 -5.39 -27.27
N VAL C 373 -12.93 -5.64 -26.23
CA VAL C 373 -14.37 -5.46 -26.37
C VAL C 373 -14.73 -4.00 -26.56
N ALA C 374 -13.90 -3.09 -26.03
CA ALA C 374 -14.12 -1.67 -26.30
C ALA C 374 -13.93 -1.37 -27.78
N ASP C 375 -12.95 -2.02 -28.41
CA ASP C 375 -12.74 -1.83 -29.84
C ASP C 375 -13.91 -2.39 -30.65
N LEU C 376 -14.44 -3.55 -30.27
CA LEU C 376 -15.57 -4.11 -30.99
C LEU C 376 -16.85 -3.31 -30.78
N PHE C 377 -16.90 -2.51 -29.72
CA PHE C 377 -18.05 -1.67 -29.44
C PHE C 377 -18.03 -0.39 -30.28
N TYR C 378 -16.84 0.11 -30.62
CA TYR C 378 -16.71 1.37 -31.34
C TYR C 378 -16.26 1.21 -32.78
N GLU C 379 -15.57 0.12 -33.13
CA GLU C 379 -14.97 0.05 -34.46
C GLU C 379 -15.88 -0.70 -35.42
N PRO C 380 -16.15 -0.14 -36.61
CA PRO C 380 -17.03 -0.81 -37.56
C PRO C 380 -16.48 -2.15 -38.02
N LEU C 381 -17.39 -3.10 -38.23
CA LEU C 381 -17.16 -4.34 -38.96
C LEU C 381 -16.23 -5.33 -38.24
N LYS C 382 -15.99 -5.14 -36.94
CA LYS C 382 -15.05 -6.00 -36.22
C LYS C 382 -15.72 -7.07 -35.37
N LYS C 383 -16.87 -6.76 -34.77
CA LYS C 383 -17.41 -7.63 -33.72
C LYS C 383 -17.80 -9.01 -34.26
N HIS C 384 -18.15 -9.12 -35.53
CA HIS C 384 -18.54 -10.42 -36.08
C HIS C 384 -17.36 -11.39 -36.16
N ILE C 385 -16.13 -10.88 -36.18
CA ILE C 385 -14.96 -11.76 -36.21
C ILE C 385 -14.85 -12.56 -34.92
N TYR C 386 -15.22 -11.97 -33.78
CA TYR C 386 -14.89 -12.50 -32.47
C TYR C 386 -16.09 -13.07 -31.74
N GLU C 387 -17.17 -13.41 -32.45
CA GLU C 387 -18.42 -13.72 -31.76
C GLU C 387 -18.32 -15.00 -30.94
N GLU C 388 -17.55 -16.00 -31.39
CA GLU C 388 -17.37 -17.19 -30.56
C GLU C 388 -16.38 -16.94 -29.43
N ILE C 389 -15.38 -16.06 -29.64
CA ILE C 389 -14.51 -15.66 -28.54
C ILE C 389 -15.32 -14.93 -27.47
N CYS C 390 -16.14 -13.97 -27.90
CA CYS C 390 -16.93 -13.18 -26.96
C CYS C 390 -17.91 -14.05 -26.19
N SER C 391 -18.51 -15.04 -26.86
CA SER C 391 -19.47 -15.91 -26.19
C SER C 391 -18.81 -16.68 -25.04
N GLN C 392 -17.56 -17.13 -25.24
CA GLN C 392 -16.84 -17.79 -24.17
C GLN C 392 -16.45 -16.81 -23.08
N LEU C 393 -16.07 -15.58 -23.46
CA LEU C 393 -15.63 -14.59 -22.48
C LEU C 393 -16.76 -14.25 -21.51
N ARG C 394 -18.00 -14.17 -21.99
CA ARG C 394 -19.13 -13.89 -21.11
C ARG C 394 -19.19 -14.90 -19.97
N LEU C 395 -19.03 -16.18 -20.29
CA LEU C 395 -19.07 -17.20 -19.24
C LEU C 395 -17.89 -17.07 -18.29
N VAL C 396 -16.69 -16.81 -18.81
CA VAL C 396 -15.51 -16.72 -17.96
C VAL C 396 -15.69 -15.60 -16.94
N ILE C 397 -16.21 -14.45 -17.38
CA ILE C 397 -16.34 -13.31 -16.48
C ILE C 397 -17.48 -13.52 -15.50
N ILE C 398 -18.60 -14.07 -15.97
CA ILE C 398 -19.74 -14.31 -15.08
C ILE C 398 -19.35 -15.26 -13.95
N GLU C 399 -18.55 -16.29 -14.25
CA GLU C 399 -18.16 -17.26 -13.24
C GLU C 399 -17.02 -16.81 -12.36
N ASN C 400 -16.32 -15.73 -12.73
CA ASN C 400 -15.21 -15.21 -11.93
C ASN C 400 -15.49 -13.81 -11.41
N MET C 401 -16.77 -13.47 -11.21
CA MET C 401 -17.14 -12.14 -10.74
C MET C 401 -16.82 -11.98 -9.26
N VAL C 402 -16.15 -10.88 -8.91
CA VAL C 402 -15.75 -10.64 -7.54
C VAL C 402 -16.76 -9.73 -6.86
N ARG C 403 -16.65 -9.60 -5.55
CA ARG C 403 -17.64 -8.85 -4.78
C ARG C 403 -17.48 -7.35 -5.01
N PRO C 404 -18.57 -6.63 -5.36
CA PRO C 404 -18.58 -5.19 -5.63
C PRO C 404 -18.50 -4.30 -4.38
N THR C 427 -11.97 -7.12 -4.82
CA THR C 427 -11.48 -5.77 -4.58
C THR C 427 -12.29 -4.72 -5.34
N ILE C 428 -12.05 -3.45 -5.00
CA ILE C 428 -12.78 -2.34 -5.59
C ILE C 428 -12.52 -2.25 -7.09
N GLN C 429 -11.25 -2.39 -7.49
CA GLN C 429 -10.85 -2.12 -8.86
C GLN C 429 -11.21 -3.27 -9.79
N LEU C 430 -10.93 -4.51 -9.36
CA LEU C 430 -11.23 -5.67 -10.20
C LEU C 430 -12.71 -5.71 -10.59
N TYR C 431 -13.60 -5.40 -9.65
CA TYR C 431 -15.03 -5.45 -9.97
C TYR C 431 -15.40 -4.42 -11.04
N LYS C 432 -14.92 -3.19 -10.89
CA LYS C 432 -15.21 -2.16 -11.89
C LYS C 432 -14.70 -2.57 -13.26
N SER C 433 -13.54 -3.21 -13.32
CA SER C 433 -13.02 -3.70 -14.60
C SER C 433 -13.89 -4.84 -15.13
N GLU C 434 -14.31 -5.75 -14.26
CA GLU C 434 -15.16 -6.85 -14.70
C GLU C 434 -16.51 -6.34 -15.18
N ARG C 435 -17.04 -5.32 -14.52
CA ARG C 435 -18.32 -4.75 -14.93
C ARG C 435 -18.23 -4.12 -16.30
N GLU C 436 -17.20 -3.29 -16.53
CA GLU C 436 -17.05 -2.62 -17.81
C GLU C 436 -16.98 -3.61 -18.96
N VAL C 437 -16.16 -4.66 -18.81
CA VAL C 437 -16.06 -5.67 -19.86
C VAL C 437 -17.40 -6.37 -20.08
N LEU C 438 -18.04 -6.78 -18.98
CA LEU C 438 -19.30 -7.50 -19.10
C LEU C 438 -20.40 -6.62 -19.66
N VAL C 439 -20.34 -5.31 -19.41
CA VAL C 439 -21.35 -4.42 -19.97
C VAL C 439 -21.13 -4.26 -21.47
N TYR C 440 -19.88 -4.11 -21.90
CA TYR C 440 -19.57 -4.11 -23.33
C TYR C 440 -20.05 -5.39 -24.00
N LEU C 441 -19.80 -6.54 -23.37
CA LEU C 441 -20.18 -7.82 -23.96
C LEU C 441 -21.69 -7.99 -24.04
N THR C 442 -22.44 -7.33 -23.15
CA THR C 442 -23.89 -7.42 -23.24
C THR C 442 -24.41 -6.54 -24.36
N HIS C 443 -23.79 -5.37 -24.58
CA HIS C 443 -24.13 -4.54 -25.73
C HIS C 443 -23.87 -5.28 -27.04
N LEU C 444 -22.76 -6.01 -27.12
CA LEU C 444 -22.39 -6.65 -28.37
C LEU C 444 -23.35 -7.78 -28.73
N ASN C 445 -23.92 -8.44 -27.73
CA ASN C 445 -24.94 -9.47 -27.98
C ASN C 445 -25.77 -9.63 -26.70
N VAL C 446 -26.85 -8.84 -26.61
CA VAL C 446 -27.74 -8.92 -25.45
C VAL C 446 -28.30 -10.33 -25.28
N ILE C 447 -28.70 -10.96 -26.38
CA ILE C 447 -29.43 -12.23 -26.29
C ILE C 447 -28.55 -13.33 -25.70
N ASP C 448 -27.28 -13.37 -26.09
CA ASP C 448 -26.39 -14.42 -25.57
C ASP C 448 -26.08 -14.21 -24.11
N THR C 449 -25.86 -12.96 -23.68
CA THR C 449 -25.68 -12.70 -22.26
C THR C 449 -26.90 -13.13 -21.46
N GLU C 450 -28.09 -12.77 -21.94
CA GLU C 450 -29.29 -13.13 -21.19
C GLU C 450 -29.43 -14.65 -21.06
N GLU C 451 -29.01 -15.39 -22.08
CA GLU C 451 -29.23 -16.84 -22.05
C GLU C 451 -28.22 -17.55 -21.14
N ILE C 452 -27.00 -17.01 -21.04
CA ILE C 452 -26.03 -17.60 -20.13
C ILE C 452 -26.48 -17.44 -18.67
N MET C 453 -27.14 -16.32 -18.34
CA MET C 453 -27.38 -16.03 -16.92
C MET C 453 -28.57 -16.85 -16.38
N ILE C 454 -29.67 -16.96 -17.14
CA ILE C 454 -30.79 -17.86 -16.80
C ILE C 454 -30.33 -19.29 -16.69
N SER C 455 -29.52 -19.74 -17.65
CA SER C 455 -28.99 -21.10 -17.61
C SER C 455 -28.23 -21.35 -16.31
N LYS C 456 -27.31 -20.46 -15.97
CA LYS C 456 -26.59 -20.57 -14.71
C LYS C 456 -27.56 -20.52 -13.54
N LEU C 457 -28.62 -19.71 -13.66
CA LEU C 457 -29.65 -19.67 -12.62
C LEU C 457 -30.36 -21.02 -12.52
N ALA C 458 -30.66 -21.63 -13.66
CA ALA C 458 -31.30 -22.95 -13.65
C ALA C 458 -30.40 -23.98 -12.98
N ARG C 459 -29.11 -23.98 -13.29
CA ARG C 459 -28.18 -24.91 -12.66
C ARG C 459 -27.95 -24.60 -11.18
N GLN C 460 -28.38 -23.42 -10.72
CA GLN C 460 -28.46 -23.18 -9.28
C GLN C 460 -29.73 -23.80 -8.69
N ILE C 461 -30.83 -23.76 -9.46
CA ILE C 461 -32.10 -24.26 -8.95
C ILE C 461 -32.09 -25.79 -8.90
N ASP C 462 -31.58 -26.45 -9.96
CA ASP C 462 -31.54 -27.91 -9.93
C ASP C 462 -30.46 -28.45 -8.99
N GLY C 463 -29.58 -27.60 -8.47
CA GLY C 463 -28.61 -27.99 -7.48
C GLY C 463 -27.29 -28.49 -8.03
N SER C 464 -27.10 -28.51 -9.35
CA SER C 464 -25.86 -29.04 -9.91
C SER C 464 -24.66 -28.15 -9.61
N GLU C 465 -24.87 -26.83 -9.56
CA GLU C 465 -23.81 -25.88 -9.21
C GLU C 465 -24.16 -25.04 -7.99
N TRP C 466 -25.15 -25.46 -7.20
CA TRP C 466 -25.59 -24.66 -6.07
C TRP C 466 -24.49 -24.52 -5.03
N SER C 467 -24.22 -23.27 -4.65
CA SER C 467 -23.23 -22.98 -3.63
C SER C 467 -23.43 -21.54 -3.17
N TRP C 468 -23.15 -21.29 -1.89
CA TRP C 468 -23.19 -19.93 -1.37
C TRP C 468 -22.31 -19.01 -2.20
N HIS C 469 -21.10 -19.48 -2.55
CA HIS C 469 -20.20 -18.68 -3.37
C HIS C 469 -20.69 -18.57 -4.81
N ASN C 470 -21.36 -19.61 -5.32
CA ASN C 470 -21.79 -19.57 -6.71
C ASN C 470 -23.06 -18.75 -6.91
N ILE C 471 -23.96 -18.73 -5.91
CA ILE C 471 -25.16 -17.91 -6.05
C ILE C 471 -24.83 -16.44 -5.82
N ASN C 472 -23.92 -16.13 -4.90
CA ASN C 472 -23.48 -14.75 -4.73
C ASN C 472 -22.78 -14.24 -5.97
N THR C 473 -21.88 -15.05 -6.54
CA THR C 473 -21.17 -14.66 -7.75
C THR C 473 -22.13 -14.37 -8.89
N LEU C 474 -23.11 -15.25 -9.09
CA LEU C 474 -24.05 -15.06 -10.18
C LEU C 474 -24.91 -13.81 -9.99
N SER C 475 -25.29 -13.53 -8.73
CA SER C 475 -26.09 -12.34 -8.46
C SER C 475 -25.30 -11.07 -8.76
N TRP C 476 -24.02 -11.03 -8.40
CA TRP C 476 -23.18 -9.89 -8.73
C TRP C 476 -23.12 -9.67 -10.23
N ALA C 477 -22.98 -10.76 -11.01
CA ALA C 477 -22.93 -10.63 -12.46
C ALA C 477 -24.25 -10.12 -13.01
N ILE C 478 -25.37 -10.67 -12.56
CA ILE C 478 -26.67 -10.22 -13.04
C ILE C 478 -26.89 -8.75 -12.68
N GLY C 479 -26.51 -8.35 -11.47
CA GLY C 479 -26.64 -6.96 -11.06
C GLY C 479 -25.70 -6.02 -11.79
N SER C 480 -24.61 -6.52 -12.36
CA SER C 480 -23.58 -5.66 -12.92
C SER C 480 -23.96 -5.10 -14.29
N ILE C 481 -24.84 -5.76 -15.04
CA ILE C 481 -25.18 -5.35 -16.39
C ILE C 481 -26.39 -4.41 -16.42
N SER C 482 -26.78 -3.87 -15.26
CA SER C 482 -27.97 -3.03 -15.19
C SER C 482 -27.84 -1.82 -16.11
N GLY C 483 -28.95 -1.48 -16.77
CA GLY C 483 -28.97 -0.33 -17.65
C GLY C 483 -28.37 -0.55 -19.02
N THR C 484 -28.03 -1.79 -19.37
CA THR C 484 -27.46 -2.08 -20.67
C THR C 484 -28.48 -2.64 -21.65
N MET C 485 -29.56 -3.24 -21.16
CA MET C 485 -30.64 -3.72 -22.01
C MET C 485 -31.71 -2.65 -22.17
N SER C 486 -32.59 -2.84 -23.14
CA SER C 486 -33.73 -1.95 -23.28
C SER C 486 -34.63 -2.08 -22.05
N GLU C 487 -35.37 -1.00 -21.75
CA GLU C 487 -36.24 -1.01 -20.58
C GLU C 487 -37.27 -2.13 -20.65
N ASP C 488 -37.72 -2.46 -21.86
CA ASP C 488 -38.68 -3.56 -22.00
C ASP C 488 -38.02 -4.91 -21.77
N THR C 489 -36.90 -5.17 -22.43
CA THR C 489 -36.19 -6.43 -22.23
C THR C 489 -35.70 -6.56 -20.80
N GLU C 490 -35.20 -5.46 -20.23
CA GLU C 490 -34.76 -5.48 -18.84
C GLU C 490 -35.92 -5.85 -17.91
N LYS C 491 -37.10 -5.29 -18.16
CA LYS C 491 -38.27 -5.60 -17.34
C LYS C 491 -38.55 -7.10 -17.35
N ARG C 492 -38.58 -7.70 -18.54
CA ARG C 492 -38.84 -9.13 -18.64
C ARG C 492 -37.72 -9.94 -18.01
N PHE C 493 -36.48 -9.47 -18.12
CA PHE C 493 -35.35 -10.20 -17.55
C PHE C 493 -35.36 -10.15 -16.03
N VAL C 494 -35.62 -8.97 -15.45
CA VAL C 494 -35.65 -8.84 -14.00
C VAL C 494 -36.75 -9.71 -13.40
N VAL C 495 -37.94 -9.67 -13.99
CA VAL C 495 -39.06 -10.47 -13.48
C VAL C 495 -38.69 -11.95 -13.43
N THR C 496 -38.03 -12.45 -14.49
CA THR C 496 -37.65 -13.85 -14.50
C THR C 496 -36.61 -14.15 -13.41
N VAL C 497 -35.62 -13.26 -13.24
CA VAL C 497 -34.57 -13.52 -12.26
C VAL C 497 -35.14 -13.49 -10.84
N ILE C 498 -35.92 -12.46 -10.51
CA ILE C 498 -36.47 -12.35 -9.17
C ILE C 498 -37.40 -13.53 -8.88
N LYS C 499 -38.23 -13.89 -9.86
CA LYS C 499 -39.14 -15.03 -9.72
C LYS C 499 -38.39 -16.30 -9.32
N ASP C 500 -37.34 -16.64 -10.07
CA ASP C 500 -36.60 -17.87 -9.80
C ASP C 500 -35.75 -17.77 -8.55
N LEU C 501 -35.25 -16.58 -8.22
CA LEU C 501 -34.52 -16.42 -6.96
C LEU C 501 -35.46 -16.60 -5.77
N LEU C 502 -36.69 -16.11 -5.88
CA LEU C 502 -37.67 -16.32 -4.82
C LEU C 502 -38.01 -17.80 -4.68
N GLY C 503 -38.07 -18.53 -5.80
CA GLY C 503 -38.29 -19.96 -5.73
C GLY C 503 -37.11 -20.72 -5.16
N LEU C 504 -35.89 -20.27 -5.46
CA LEU C 504 -34.71 -20.88 -4.87
C LEU C 504 -34.73 -20.73 -3.34
N CYS C 505 -35.18 -19.57 -2.85
CA CYS C 505 -35.29 -19.37 -1.41
C CYS C 505 -36.37 -20.26 -0.81
N GLU C 506 -37.54 -20.29 -1.45
CA GLU C 506 -38.62 -21.19 -1.02
C GLU C 506 -38.12 -22.61 -0.82
N GLN C 507 -37.30 -23.11 -1.76
CA GLN C 507 -36.95 -24.51 -1.82
C GLN C 507 -35.89 -24.89 -0.79
N LYS C 508 -35.05 -23.95 -0.37
CA LYS C 508 -34.00 -24.26 0.59
C LYS C 508 -34.55 -24.29 2.00
N ARG C 509 -34.02 -25.21 2.80
CA ARG C 509 -34.39 -25.36 4.20
C ARG C 509 -33.28 -24.79 5.08
N GLY C 510 -33.67 -24.09 6.14
CA GLY C 510 -32.71 -23.46 7.02
C GLY C 510 -32.40 -22.02 6.65
N LYS C 511 -32.37 -21.14 7.64
CA LYS C 511 -32.18 -19.72 7.37
C LYS C 511 -30.73 -19.37 7.07
N ASP C 512 -29.77 -20.17 7.54
CA ASP C 512 -28.38 -19.97 7.12
C ASP C 512 -28.29 -19.90 5.61
N ASN C 513 -29.09 -20.72 4.91
CA ASN C 513 -29.21 -20.68 3.46
C ASN C 513 -30.24 -19.66 2.98
N LYS C 514 -31.38 -19.59 3.67
CA LYS C 514 -32.42 -18.64 3.27
C LYS C 514 -31.94 -17.20 3.37
N ALA C 515 -31.04 -16.90 4.31
CA ALA C 515 -30.47 -15.56 4.37
C ALA C 515 -29.59 -15.27 3.17
N VAL C 516 -28.82 -16.26 2.73
CA VAL C 516 -27.91 -16.07 1.60
C VAL C 516 -28.70 -15.67 0.36
N VAL C 517 -29.79 -16.38 0.08
CA VAL C 517 -30.57 -16.09 -1.12
C VAL C 517 -31.34 -14.80 -0.97
N ALA C 518 -31.93 -14.56 0.21
CA ALA C 518 -32.66 -13.32 0.44
C ALA C 518 -31.75 -12.11 0.26
N SER C 519 -30.48 -12.22 0.66
CA SER C 519 -29.54 -11.13 0.44
C SER C 519 -29.29 -10.90 -1.05
N ASP C 520 -29.09 -11.99 -1.80
CA ASP C 520 -28.85 -11.87 -3.23
C ASP C 520 -30.05 -11.24 -3.94
N ILE C 521 -31.27 -11.63 -3.54
CA ILE C 521 -32.46 -11.01 -4.11
C ILE C 521 -32.45 -9.51 -3.87
N MET C 522 -32.09 -9.09 -2.67
CA MET C 522 -32.08 -7.67 -2.35
C MET C 522 -30.98 -6.94 -3.11
N TYR C 523 -29.83 -7.59 -3.31
CA TYR C 523 -28.77 -6.95 -4.07
C TYR C 523 -29.21 -6.73 -5.51
N VAL C 524 -29.88 -7.72 -6.11
CA VAL C 524 -30.30 -7.61 -7.51
C VAL C 524 -31.29 -6.47 -7.67
N VAL C 525 -32.33 -6.44 -6.82
CA VAL C 525 -33.35 -5.39 -6.95
C VAL C 525 -32.74 -4.02 -6.72
N GLY C 526 -31.76 -3.91 -5.82
CA GLY C 526 -31.08 -2.65 -5.61
C GLY C 526 -30.24 -2.20 -6.79
N GLN C 527 -29.91 -3.12 -7.68
CA GLN C 527 -29.11 -2.79 -8.85
C GLN C 527 -29.95 -2.31 -10.04
N TYR C 528 -31.28 -2.46 -9.98
CA TYR C 528 -32.16 -2.15 -11.09
C TYR C 528 -33.15 -1.04 -10.71
N PRO C 529 -32.68 0.18 -10.49
CA PRO C 529 -33.61 1.25 -10.10
C PRO C 529 -34.55 1.68 -11.21
N ARG C 530 -34.15 1.57 -12.48
CA ARG C 530 -35.08 1.91 -13.55
C ARG C 530 -36.30 1.01 -13.51
N PHE C 531 -36.11 -0.26 -13.17
CA PHE C 531 -37.23 -1.16 -12.99
C PHE C 531 -38.09 -0.76 -11.80
N LEU C 532 -37.43 -0.44 -10.67
CA LEU C 532 -38.16 -0.07 -9.47
C LEU C 532 -38.95 1.22 -9.66
N LYS C 533 -38.40 2.17 -10.42
CA LYS C 533 -39.06 3.45 -10.59
C LYS C 533 -40.33 3.35 -11.41
N ALA C 534 -40.43 2.34 -12.28
CA ALA C 534 -41.57 2.20 -13.17
C ALA C 534 -42.68 1.32 -12.60
N HIS C 535 -42.44 0.63 -11.47
CA HIS C 535 -43.39 -0.31 -10.88
C HIS C 535 -43.49 0.00 -9.38
N TRP C 536 -44.25 1.04 -9.06
CA TRP C 536 -44.26 1.56 -7.69
C TRP C 536 -44.76 0.53 -6.69
N ASN C 537 -45.85 -0.17 -7.03
CA ASN C 537 -46.38 -1.16 -6.09
C ASN C 537 -45.33 -2.22 -5.77
N PHE C 538 -44.46 -2.55 -6.73
CA PHE C 538 -43.37 -3.45 -6.44
C PHE C 538 -42.31 -2.77 -5.58
N LEU C 539 -41.97 -1.51 -5.89
CA LEU C 539 -40.99 -0.78 -5.10
C LEU C 539 -41.40 -0.70 -3.63
N ARG C 540 -42.68 -0.38 -3.37
CA ARG C 540 -43.15 -0.33 -1.99
C ARG C 540 -43.02 -1.68 -1.31
N THR C 541 -43.34 -2.76 -2.01
CA THR C 541 -43.21 -4.10 -1.43
C THR C 541 -41.77 -4.38 -1.01
N VAL C 542 -40.80 -3.99 -1.84
CA VAL C 542 -39.39 -4.20 -1.49
C VAL C 542 -39.06 -3.47 -0.20
N ILE C 543 -39.41 -2.19 -0.12
CA ILE C 543 -39.08 -1.40 1.06
C ILE C 543 -39.72 -1.99 2.30
N LEU C 544 -40.98 -2.42 2.20
CA LEU C 544 -41.66 -3.00 3.35
C LEU C 544 -41.04 -4.34 3.75
N LYS C 545 -40.49 -5.08 2.79
CA LYS C 545 -39.81 -6.31 3.12
C LYS C 545 -38.48 -6.03 3.80
N LEU C 546 -37.76 -4.99 3.35
CA LEU C 546 -36.53 -4.59 4.02
C LEU C 546 -36.80 -4.20 5.46
N PHE C 547 -37.96 -3.60 5.74
CA PHE C 547 -38.29 -3.19 7.09
C PHE C 547 -38.47 -4.39 8.02
N GLU C 548 -39.12 -5.47 7.55
CA GLU C 548 -39.22 -6.63 8.41
C GLU C 548 -37.88 -7.34 8.54
N PHE C 549 -37.00 -7.17 7.57
CA PHE C 549 -35.64 -7.69 7.73
C PHE C 549 -34.85 -6.90 8.77
N MET C 550 -35.25 -5.66 9.05
CA MET C 550 -34.61 -4.87 10.09
C MET C 550 -34.89 -5.41 11.49
N HIS C 551 -35.78 -6.39 11.63
CA HIS C 551 -36.03 -7.05 12.90
C HIS C 551 -35.43 -8.45 12.95
N GLU C 552 -34.62 -8.83 11.97
CA GLU C 552 -34.09 -10.18 11.88
C GLU C 552 -32.79 -10.30 12.68
N THR C 553 -32.79 -11.19 13.66
CA THR C 553 -31.63 -11.37 14.52
C THR C 553 -30.44 -12.00 13.80
N HIS C 554 -30.68 -12.70 12.69
CA HIS C 554 -29.59 -13.34 11.96
C HIS C 554 -28.56 -12.31 11.54
N GLU C 555 -27.28 -12.65 11.75
CA GLU C 555 -26.21 -11.70 11.52
C GLU C 555 -26.03 -11.41 10.04
N GLY C 556 -25.88 -10.12 9.71
CA GLY C 556 -25.73 -9.66 8.36
C GLY C 556 -27.02 -9.20 7.72
N VAL C 557 -28.15 -9.75 8.13
CA VAL C 557 -29.43 -9.41 7.52
C VAL C 557 -29.76 -7.95 7.76
N GLN C 558 -29.73 -7.52 9.02
CA GLN C 558 -30.04 -6.13 9.34
C GLN C 558 -29.12 -5.17 8.60
N ASP C 559 -27.82 -5.49 8.57
CA ASP C 559 -26.88 -4.67 7.81
C ASP C 559 -27.23 -4.63 6.33
N MET C 560 -27.60 -5.79 5.77
CA MET C 560 -28.00 -5.84 4.36
C MET C 560 -29.26 -5.00 4.13
N ALA C 561 -30.25 -5.14 5.01
CA ALA C 561 -31.50 -4.40 4.83
C ALA C 561 -31.27 -2.89 4.85
N CYS C 562 -30.38 -2.41 5.72
CA CYS C 562 -30.11 -0.98 5.79
C CYS C 562 -29.34 -0.49 4.56
N ASP C 563 -28.36 -1.29 4.10
CA ASP C 563 -27.56 -0.87 2.95
C ASP C 563 -28.40 -0.84 1.67
N THR C 564 -29.29 -1.81 1.49
CA THR C 564 -30.17 -1.79 0.34
C THR C 564 -31.15 -0.63 0.41
N PHE C 565 -31.68 -0.36 1.60
CA PHE C 565 -32.64 0.74 1.75
C PHE C 565 -32.04 2.06 1.27
N ILE C 566 -30.86 2.42 1.79
CA ILE C 566 -30.26 3.69 1.42
C ILE C 566 -29.79 3.66 -0.04
N LYS C 567 -29.38 2.50 -0.54
CA LYS C 567 -29.02 2.36 -1.94
C LYS C 567 -30.20 2.64 -2.86
N ILE C 568 -31.34 2.01 -2.57
CA ILE C 568 -32.55 2.23 -3.37
C ILE C 568 -33.01 3.67 -3.25
N VAL C 569 -32.89 4.24 -2.04
CA VAL C 569 -33.35 5.62 -1.81
C VAL C 569 -32.56 6.60 -2.67
N GLN C 570 -31.23 6.42 -2.74
CA GLN C 570 -30.40 7.33 -3.53
C GLN C 570 -30.86 7.40 -4.99
N LYS C 571 -31.32 6.28 -5.55
CA LYS C 571 -31.67 6.22 -6.96
C LYS C 571 -33.15 6.42 -7.24
N CYS C 572 -34.02 6.28 -6.23
CA CYS C 572 -35.47 6.40 -6.45
C CYS C 572 -36.11 7.42 -5.52
N LYS C 573 -35.32 8.34 -4.95
CA LYS C 573 -35.82 9.27 -3.94
C LYS C 573 -37.07 10.00 -4.40
N TYR C 574 -37.11 10.39 -5.68
CA TYR C 574 -38.24 11.17 -6.18
C TYR C 574 -39.56 10.42 -6.04
N HIS C 575 -39.53 9.09 -6.03
CA HIS C 575 -40.76 8.33 -5.90
C HIS C 575 -41.20 8.16 -4.46
N PHE C 576 -40.38 8.59 -3.51
CA PHE C 576 -40.82 8.69 -2.11
C PHE C 576 -41.28 10.09 -1.75
N VAL C 577 -40.91 11.09 -2.55
CA VAL C 577 -41.25 12.47 -2.25
C VAL C 577 -42.62 12.87 -2.80
N ILE C 578 -43.03 12.31 -3.94
CA ILE C 578 -44.33 12.61 -4.52
C ILE C 578 -45.36 11.64 -3.94
N GLN C 579 -46.61 12.07 -3.95
CA GLN C 579 -47.70 11.17 -3.60
C GLN C 579 -48.02 10.32 -4.80
N GLN C 580 -47.90 9.01 -4.65
CA GLN C 580 -48.06 8.14 -5.80
C GLN C 580 -49.54 7.95 -6.12
N PRO C 581 -49.87 7.76 -7.40
CA PRO C 581 -51.26 7.48 -7.78
C PRO C 581 -51.84 6.33 -6.97
N ARG C 582 -53.07 6.53 -6.50
CA ARG C 582 -53.78 5.61 -5.62
C ARG C 582 -53.10 5.47 -4.25
N GLU C 583 -52.47 6.54 -3.78
CA GLU C 583 -52.02 6.64 -2.40
C GLU C 583 -52.49 7.99 -1.86
N SER C 584 -52.52 8.09 -0.52
CA SER C 584 -53.05 9.27 0.13
C SER C 584 -51.99 10.29 0.55
N GLU C 585 -50.71 9.94 0.45
CA GLU C 585 -49.64 10.80 0.92
C GLU C 585 -48.32 10.29 0.37
N PRO C 586 -47.31 11.16 0.24
CA PRO C 586 -45.97 10.68 -0.13
C PRO C 586 -45.49 9.64 0.84
N PHE C 587 -44.84 8.60 0.30
CA PHE C 587 -44.40 7.49 1.14
C PHE C 587 -43.40 7.91 2.20
N ILE C 588 -42.75 9.07 2.03
CA ILE C 588 -41.81 9.54 3.05
C ILE C 588 -42.53 9.79 4.36
N GLN C 589 -43.78 10.28 4.29
CA GLN C 589 -44.56 10.50 5.51
C GLN C 589 -44.87 9.19 6.21
N THR C 590 -45.14 8.14 5.44
CA THR C 590 -45.40 6.82 6.05
C THR C 590 -44.16 6.26 6.71
N ILE C 591 -42.98 6.48 6.11
CA ILE C 591 -41.75 6.00 6.70
C ILE C 591 -41.48 6.70 8.03
N ILE C 592 -41.56 8.03 8.04
CA ILE C 592 -41.30 8.79 9.25
C ILE C 592 -42.25 8.40 10.36
N ARG C 593 -43.52 8.20 10.02
CA ARG C 593 -44.55 7.98 11.03
C ARG C 593 -44.30 6.70 11.83
N ASP C 594 -43.74 5.67 11.19
CA ASP C 594 -43.48 4.40 11.86
C ASP C 594 -42.00 4.16 12.10
N ILE C 595 -41.21 5.23 12.16
CA ILE C 595 -39.75 5.08 12.21
C ILE C 595 -39.32 4.39 13.49
N GLN C 596 -40.02 4.66 14.61
CA GLN C 596 -39.61 4.06 15.88
C GLN C 596 -39.85 2.56 15.89
N LYS C 597 -41.00 2.12 15.38
CA LYS C 597 -41.25 0.70 15.23
C LYS C 597 -40.26 0.07 14.26
N THR C 598 -39.98 0.77 13.15
CA THR C 598 -39.13 0.21 12.11
C THR C 598 -37.69 0.03 12.59
N THR C 599 -37.14 1.02 13.30
CA THR C 599 -35.75 0.99 13.72
C THR C 599 -35.54 0.42 15.11
N ALA C 600 -36.60 -0.11 15.74
CA ALA C 600 -36.52 -0.46 17.16
C ALA C 600 -35.43 -1.48 17.45
N ASP C 601 -35.15 -2.39 16.53
CA ASP C 601 -34.20 -3.47 16.78
C ASP C 601 -32.82 -3.21 16.20
N LEU C 602 -32.59 -2.04 15.61
CA LEU C 602 -31.33 -1.80 14.94
C LEU C 602 -30.25 -1.33 15.92
N GLN C 603 -29.00 -1.53 15.53
CA GLN C 603 -27.88 -0.95 16.24
C GLN C 603 -27.77 0.54 15.92
N PRO C 604 -27.18 1.33 16.83
CA PRO C 604 -27.16 2.80 16.62
C PRO C 604 -26.62 3.23 15.26
N GLN C 605 -25.53 2.62 14.79
CA GLN C 605 -25.00 2.97 13.47
C GLN C 605 -25.99 2.67 12.36
N GLN C 606 -26.82 1.64 12.55
CA GLN C 606 -27.83 1.33 11.54
C GLN C 606 -28.98 2.33 11.59
N VAL C 607 -29.33 2.81 12.78
CA VAL C 607 -30.36 3.84 12.89
C VAL C 607 -29.90 5.11 12.19
N HIS C 608 -28.60 5.43 12.28
CA HIS C 608 -28.09 6.64 11.67
C HIS C 608 -28.12 6.55 10.15
N THR C 609 -27.87 5.36 9.59
CA THR C 609 -28.02 5.17 8.15
C THR C 609 -29.48 5.37 7.73
N PHE C 610 -30.41 4.84 8.52
CA PHE C 610 -31.83 5.00 8.21
C PHE C 610 -32.21 6.48 8.19
N TYR C 611 -31.82 7.22 9.21
CA TYR C 611 -32.12 8.65 9.24
C TYR C 611 -31.44 9.37 8.09
N LYS C 612 -30.21 8.99 7.77
CA LYS C 612 -29.53 9.54 6.60
C LYS C 612 -30.31 9.25 5.33
N ALA C 613 -30.81 8.02 5.18
CA ALA C 613 -31.62 7.70 4.01
C ALA C 613 -32.84 8.61 3.92
N CYS C 614 -33.54 8.83 5.05
CA CYS C 614 -34.71 9.71 5.03
C CYS C 614 -34.32 11.14 4.66
N GLY C 615 -33.13 11.59 5.09
CA GLY C 615 -32.69 12.92 4.73
C GLY C 615 -32.49 13.09 3.22
N ILE C 616 -32.06 12.02 2.54
CA ILE C 616 -31.93 12.07 1.09
C ILE C 616 -33.29 12.36 0.45
N ILE C 617 -34.33 11.64 0.91
CA ILE C 617 -35.66 11.83 0.37
C ILE C 617 -36.15 13.24 0.63
N ILE C 618 -36.04 13.71 1.88
CA ILE C 618 -36.59 15.02 2.25
C ILE C 618 -35.96 16.12 1.41
N SER C 619 -34.68 15.99 1.09
CA SER C 619 -34.01 17.01 0.28
C SER C 619 -34.61 17.13 -1.11
N GLU C 620 -35.37 16.12 -1.56
CA GLU C 620 -36.03 16.19 -2.85
C GLU C 620 -37.21 17.15 -2.85
N GLU C 621 -37.79 17.42 -1.68
CA GLU C 621 -38.91 18.35 -1.57
C GLU C 621 -38.40 19.78 -1.67
N ARG C 622 -38.84 20.49 -2.71
CA ARG C 622 -38.31 21.82 -2.97
C ARG C 622 -39.26 22.93 -2.54
N SER C 623 -40.42 22.58 -1.98
CA SER C 623 -41.24 23.53 -1.25
C SER C 623 -40.68 23.67 0.16
N VAL C 624 -40.22 24.87 0.51
CA VAL C 624 -39.49 25.07 1.76
C VAL C 624 -40.32 24.65 2.95
N ALA C 625 -41.55 25.17 3.05
CA ALA C 625 -42.39 24.86 4.21
C ALA C 625 -42.63 23.37 4.35
N GLU C 626 -42.85 22.67 3.22
CA GLU C 626 -43.05 21.23 3.29
C GLU C 626 -41.75 20.49 3.63
N ARG C 627 -40.61 20.99 3.14
CA ARG C 627 -39.34 20.33 3.45
C ARG C 627 -38.99 20.47 4.93
N ASN C 628 -39.23 21.67 5.50
CA ASN C 628 -38.97 21.87 6.91
C ASN C 628 -39.92 21.08 7.79
N ARG C 629 -41.15 20.85 7.33
CA ARG C 629 -42.08 20.05 8.12
C ARG C 629 -41.64 18.59 8.18
N LEU C 630 -41.19 18.03 7.04
CA LEU C 630 -40.69 16.67 7.04
C LEU C 630 -39.45 16.54 7.90
N LEU C 631 -38.59 17.57 7.88
CA LEU C 631 -37.41 17.58 8.74
C LEU C 631 -37.80 17.55 10.21
N SER C 632 -38.77 18.38 10.61
CA SER C 632 -39.23 18.40 12.00
C SER C 632 -39.77 17.04 12.44
N ASP C 633 -40.55 16.38 11.59
CA ASP C 633 -41.14 15.10 11.96
C ASP C 633 -40.08 14.01 12.02
N LEU C 634 -39.11 14.03 11.09
CA LEU C 634 -38.03 13.05 11.12
C LEU C 634 -37.21 13.17 12.39
N MET C 635 -36.93 14.40 12.82
CA MET C 635 -36.11 14.68 13.98
C MET C 635 -36.88 14.63 15.30
N GLN C 636 -38.12 14.13 15.29
CA GLN C 636 -38.98 14.26 16.46
C GLN C 636 -38.41 13.49 17.65
N LEU C 637 -38.12 12.21 17.48
CA LEU C 637 -37.56 11.42 18.58
C LEU C 637 -36.21 11.94 19.06
N PRO C 638 -35.21 12.17 18.20
CA PRO C 638 -33.95 12.71 18.72
C PRO C 638 -34.10 14.08 19.34
N ASN C 639 -35.04 14.90 18.87
CA ASN C 639 -35.26 16.20 19.48
C ASN C 639 -35.97 16.09 20.83
N MET C 640 -36.84 15.09 21.01
CA MET C 640 -37.45 14.87 22.31
C MET C 640 -36.44 14.32 23.31
N ALA C 641 -35.59 13.38 22.88
CA ALA C 641 -34.52 12.90 23.73
C ALA C 641 -33.53 14.01 24.04
N TRP C 642 -33.29 14.89 23.07
CA TRP C 642 -32.35 15.99 23.27
C TRP C 642 -32.89 17.00 24.28
N ASP C 643 -34.14 17.44 24.10
CA ASP C 643 -34.72 18.42 25.01
C ASP C 643 -34.73 17.90 26.44
N THR C 644 -35.00 16.60 26.61
CA THR C 644 -35.01 16.02 27.95
C THR C 644 -33.67 16.17 28.63
N ILE C 645 -32.60 15.73 27.98
CA ILE C 645 -31.28 15.76 28.63
C ILE C 645 -30.76 17.18 28.76
N VAL C 646 -31.07 18.07 27.80
CA VAL C 646 -30.63 19.45 27.93
C VAL C 646 -31.20 20.08 29.20
N GLU C 647 -32.47 19.78 29.51
CA GLU C 647 -33.05 20.25 30.76
C GLU C 647 -32.41 19.55 31.95
N GLN C 648 -32.46 18.22 32.00
CA GLN C 648 -32.04 17.53 33.21
C GLN C 648 -30.51 17.55 33.38
N SER C 649 -29.74 17.61 32.29
CA SER C 649 -28.29 17.64 32.46
C SER C 649 -27.78 19.04 32.80
N THR C 650 -28.51 20.08 32.39
CA THR C 650 -28.25 21.40 32.95
C THR C 650 -28.68 21.48 34.41
N ALA C 651 -29.59 20.61 34.84
CA ALA C 651 -30.13 20.63 36.19
C ALA C 651 -29.91 19.27 36.87
N ASN C 652 -28.66 18.97 37.28
CA ASN C 652 -27.47 19.74 36.99
C ASN C 652 -26.29 18.73 36.87
N PRO C 653 -25.17 19.14 36.22
CA PRO C 653 -24.38 18.17 35.42
C PRO C 653 -23.76 16.97 36.12
N THR C 654 -24.43 16.32 37.06
CA THR C 654 -23.92 15.03 37.52
C THR C 654 -24.24 13.90 36.56
N LEU C 655 -25.28 14.04 35.73
CA LEU C 655 -25.66 12.96 34.83
C LEU C 655 -24.57 12.69 33.79
N LEU C 656 -23.76 13.69 33.46
CA LEU C 656 -22.82 13.54 32.36
C LEU C 656 -21.68 12.57 32.66
N LEU C 657 -21.64 11.98 33.85
CA LEU C 657 -20.68 10.91 34.09
C LEU C 657 -21.36 9.54 34.11
N ASP C 658 -22.69 9.51 34.09
CA ASP C 658 -23.43 8.30 33.78
C ASP C 658 -23.11 7.87 32.36
N SER C 659 -22.51 6.70 32.20
CA SER C 659 -22.09 6.23 30.89
C SER C 659 -23.26 6.00 29.95
N GLU C 660 -24.47 5.81 30.49
CA GLU C 660 -25.64 5.66 29.63
C GLU C 660 -26.06 7.00 29.03
N THR C 661 -25.92 8.08 29.81
CA THR C 661 -26.35 9.38 29.32
C THR C 661 -25.43 9.89 28.22
N VAL C 662 -24.11 9.71 28.39
CA VAL C 662 -23.18 10.17 27.37
C VAL C 662 -23.40 9.40 26.07
N LYS C 663 -23.74 8.11 26.16
CA LYS C 663 -24.03 7.32 24.97
C LYS C 663 -25.27 7.84 24.25
N ILE C 664 -26.32 8.18 25.01
CA ILE C 664 -27.53 8.69 24.38
C ILE C 664 -27.27 10.05 23.74
N ILE C 665 -26.48 10.90 24.41
CA ILE C 665 -26.15 12.20 23.85
C ILE C 665 -25.36 12.04 22.55
N ALA C 666 -24.28 11.25 22.60
CA ALA C 666 -23.48 11.02 21.41
C ALA C 666 -24.32 10.50 20.26
N ASN C 667 -25.26 9.58 20.55
CA ASN C 667 -26.10 9.03 19.49
C ASN C 667 -27.10 10.06 18.97
N ILE C 668 -27.52 11.01 19.82
CA ILE C 668 -28.37 12.09 19.34
C ILE C 668 -27.61 12.97 18.36
N ILE C 669 -26.35 13.28 18.66
N ILE C 669 -26.35 13.28 18.67
CA ILE C 669 -25.57 14.16 17.80
CA ILE C 669 -25.57 14.15 17.80
C ILE C 669 -25.22 13.45 16.50
C ILE C 669 -25.25 13.45 16.49
N LYS C 670 -24.93 12.16 16.55
CA LYS C 670 -24.62 11.42 15.33
C LYS C 670 -25.82 11.34 14.40
N THR C 671 -27.03 11.19 14.96
CA THR C 671 -28.24 11.25 14.15
C THR C 671 -28.35 12.58 13.42
N ASN C 672 -27.99 13.67 14.11
CA ASN C 672 -28.00 14.98 13.46
C ASN C 672 -26.92 15.06 12.38
N VAL C 673 -25.76 14.48 12.64
CA VAL C 673 -24.70 14.45 11.63
C VAL C 673 -25.16 13.68 10.40
N ALA C 674 -25.76 12.50 10.61
CA ALA C 674 -26.20 11.67 9.49
C ALA C 674 -27.21 12.41 8.61
N VAL C 675 -28.19 13.07 9.25
CA VAL C 675 -29.19 13.78 8.47
C VAL C 675 -28.58 15.00 7.79
N CYS C 676 -27.71 15.72 8.52
CA CYS C 676 -27.05 16.88 7.93
C CYS C 676 -26.15 16.48 6.77
N THR C 677 -25.63 15.25 6.79
CA THR C 677 -24.75 14.81 5.72
C THR C 677 -25.49 14.72 4.39
N SER C 678 -26.73 14.25 4.40
CA SER C 678 -27.51 14.11 3.19
C SER C 678 -28.35 15.33 2.85
N MET C 679 -28.54 16.27 3.78
CA MET C 679 -29.39 17.43 3.52
C MET C 679 -28.61 18.72 3.30
N GLY C 680 -27.41 18.83 3.87
CA GLY C 680 -26.55 19.97 3.59
C GLY C 680 -27.18 21.29 4.00
N ALA C 681 -27.35 22.18 3.02
CA ALA C 681 -27.86 23.51 3.30
C ALA C 681 -29.28 23.48 3.85
N ASP C 682 -30.07 22.47 3.47
CA ASP C 682 -31.44 22.38 3.94
C ASP C 682 -31.54 21.99 5.41
N PHE C 683 -30.42 21.62 6.04
CA PHE C 683 -30.42 21.20 7.43
C PHE C 683 -30.47 22.37 8.41
N TYR C 684 -30.25 23.59 7.93
CA TYR C 684 -30.14 24.76 8.81
C TYR C 684 -31.26 24.90 9.83
N PRO C 685 -32.54 24.69 9.50
CA PRO C 685 -33.58 24.82 10.54
C PRO C 685 -33.38 23.90 11.74
N GLN C 686 -33.01 22.63 11.50
CA GLN C 686 -32.77 21.72 12.62
C GLN C 686 -31.52 22.10 13.40
N LEU C 687 -30.50 22.63 12.73
CA LEU C 687 -29.33 23.11 13.45
C LEU C 687 -29.70 24.25 14.38
N GLY C 688 -30.55 25.17 13.91
CA GLY C 688 -30.99 26.26 14.75
C GLY C 688 -31.78 25.82 15.98
N HIS C 689 -32.48 24.69 15.89
CA HIS C 689 -33.25 24.20 17.02
C HIS C 689 -32.36 23.74 18.17
N ILE C 690 -31.11 23.35 17.88
CA ILE C 690 -30.24 22.78 18.89
C ILE C 690 -28.93 23.54 19.05
N TYR C 691 -28.66 24.55 18.23
CA TYR C 691 -27.29 25.09 18.15
C TYR C 691 -26.81 25.63 19.49
N TYR C 692 -27.59 26.50 20.13
CA TYR C 692 -27.10 27.19 21.32
C TYR C 692 -26.97 26.24 22.51
N ASN C 693 -27.90 25.30 22.65
CA ASN C 693 -27.77 24.33 23.73
C ASN C 693 -26.65 23.32 23.45
N MET C 694 -26.40 23.03 22.18
CA MET C 694 -25.30 22.12 21.84
C MET C 694 -23.95 22.73 22.20
N LEU C 695 -23.75 24.01 21.88
CA LEU C 695 -22.52 24.69 22.26
C LEU C 695 -22.36 24.79 23.77
N GLN C 696 -23.48 24.95 24.49
CA GLN C 696 -23.42 24.89 25.96
C GLN C 696 -23.01 23.51 26.43
N LEU C 697 -23.61 22.47 25.85
CA LEU C 697 -23.21 21.10 26.18
C LEU C 697 -21.72 20.90 25.92
N TYR C 698 -21.22 21.43 24.81
CA TYR C 698 -19.79 21.40 24.53
C TYR C 698 -18.98 21.98 25.69
N ARG C 699 -19.41 23.14 26.20
CA ARG C 699 -18.71 23.76 27.33
C ARG C 699 -18.77 22.89 28.58
N ALA C 700 -19.96 22.38 28.91
CA ALA C 700 -20.12 21.55 30.11
C ALA C 700 -19.26 20.29 30.02
N VAL C 701 -19.25 19.64 28.85
CA VAL C 701 -18.45 18.43 28.67
C VAL C 701 -16.97 18.76 28.80
N SER C 702 -16.55 19.91 28.25
CA SER C 702 -15.15 20.31 28.34
C SER C 702 -14.72 20.51 29.78
N SER C 703 -15.62 21.02 30.62
CA SER C 703 -15.31 21.21 32.04
C SER C 703 -14.99 19.88 32.71
N MET C 704 -15.84 18.88 32.50
CA MET C 704 -15.66 17.63 33.22
C MET C 704 -14.44 16.86 32.73
N ILE C 705 -14.12 16.96 31.45
CA ILE C 705 -12.86 16.40 30.97
C ILE C 705 -11.70 17.03 31.73
N SER C 706 -11.68 18.36 31.80
CA SER C 706 -10.61 19.06 32.51
C SER C 706 -10.60 18.68 33.99
N ALA C 707 -11.78 18.66 34.62
CA ALA C 707 -11.86 18.26 36.02
C ALA C 707 -11.37 16.84 36.23
N GLN C 708 -11.62 15.95 35.27
CA GLN C 708 -11.24 14.56 35.41
C GLN C 708 -9.73 14.36 35.21
N VAL C 709 -9.11 15.12 34.30
CA VAL C 709 -7.66 15.09 34.18
C VAL C 709 -7.02 15.62 35.46
N ALA C 710 -7.68 16.58 36.11
CA ALA C 710 -7.15 17.12 37.36
C ALA C 710 -7.25 16.11 38.49
N ALA C 711 -8.38 15.38 38.57
CA ALA C 711 -8.59 14.45 39.67
C ALA C 711 -7.80 13.15 39.51
N GLU C 712 -7.50 12.74 38.27
CA GLU C 712 -6.87 11.44 38.03
C GLU C 712 -5.59 11.49 37.21
N GLY C 713 -5.22 12.64 36.66
CA GLY C 713 -4.00 12.73 35.88
C GLY C 713 -4.25 12.52 34.39
N LEU C 714 -3.15 12.51 33.64
CA LEU C 714 -3.23 12.34 32.20
C LEU C 714 -3.84 10.99 31.82
N ILE C 715 -3.75 9.98 32.70
CA ILE C 715 -4.31 8.68 32.39
C ILE C 715 -5.82 8.76 32.16
N ALA C 716 -6.48 9.78 32.73
CA ALA C 716 -7.92 9.88 32.59
C ALA C 716 -8.35 10.01 31.13
N THR C 717 -7.50 10.57 30.28
CA THR C 717 -7.83 10.69 28.86
C THR C 717 -7.99 9.32 28.19
N LYS C 718 -7.49 8.26 28.82
CA LYS C 718 -7.62 6.91 28.29
C LYS C 718 -8.85 6.17 28.82
N THR C 719 -9.46 6.65 29.91
CA THR C 719 -10.57 5.96 30.52
C THR C 719 -11.79 5.97 29.60
N PRO C 720 -12.68 4.98 29.74
CA PRO C 720 -13.92 5.02 28.95
C PRO C 720 -14.77 6.26 29.21
N LYS C 721 -14.86 6.70 30.48
CA LYS C 721 -15.75 7.81 30.80
C LYS C 721 -15.31 9.10 30.12
N VAL C 722 -14.01 9.35 30.06
CA VAL C 722 -13.54 10.54 29.37
C VAL C 722 -13.61 10.36 27.87
N ARG C 723 -13.30 9.16 27.38
CA ARG C 723 -13.35 8.91 25.94
C ARG C 723 -14.77 9.05 25.41
N GLY C 724 -15.78 8.73 26.22
CA GLY C 724 -17.15 9.00 25.83
C GLY C 724 -17.48 10.48 25.83
N LEU C 725 -16.89 11.24 26.76
CA LEU C 725 -17.08 12.68 26.77
C LEU C 725 -16.42 13.34 25.57
N ARG C 726 -15.19 12.94 25.25
CA ARG C 726 -14.52 13.48 24.07
C ARG C 726 -15.26 13.12 22.79
N THR C 727 -16.02 12.02 22.80
CA THR C 727 -16.81 11.67 21.64
C THR C 727 -17.93 12.68 21.41
N ILE C 728 -18.57 13.14 22.49
CA ILE C 728 -19.57 14.19 22.36
C ILE C 728 -18.97 15.44 21.73
N LYS C 729 -17.80 15.87 22.23
CA LYS C 729 -17.15 17.05 21.68
C LYS C 729 -16.82 16.86 20.20
N LYS C 730 -16.29 15.68 19.85
CA LYS C 730 -15.91 15.44 18.46
C LYS C 730 -17.13 15.40 17.53
N GLU C 731 -18.22 14.79 17.99
CA GLU C 731 -19.42 14.74 17.15
C GLU C 731 -20.05 16.12 16.99
N ILE C 732 -20.01 16.95 18.03
CA ILE C 732 -20.50 18.32 17.91
C ILE C 732 -19.72 19.08 16.85
N LEU C 733 -18.39 19.01 16.92
CA LEU C 733 -17.56 19.68 15.92
C LEU C 733 -17.79 19.12 14.53
N LYS C 734 -17.98 17.79 14.42
CA LYS C 734 -18.20 17.18 13.12
C LYS C 734 -19.53 17.61 12.53
N LEU C 735 -20.56 17.78 13.37
CA LEU C 735 -21.84 18.29 12.88
C LEU C 735 -21.69 19.71 12.34
N VAL C 736 -21.02 20.58 13.09
CA VAL C 736 -20.86 21.98 12.69
C VAL C 736 -20.07 22.07 11.39
N GLU C 737 -18.99 21.31 11.27
CA GLU C 737 -18.20 21.38 10.05
C GLU C 737 -18.96 20.77 8.87
N THR C 738 -19.80 19.75 9.12
CA THR C 738 -20.61 19.19 8.06
C THR C 738 -21.58 20.22 7.50
N TYR C 739 -22.26 20.96 8.37
CA TYR C 739 -23.17 21.98 7.86
C TYR C 739 -22.41 23.11 7.18
N ILE C 740 -21.39 23.65 7.85
CA ILE C 740 -20.72 24.84 7.31
C ILE C 740 -20.09 24.52 5.96
N SER C 741 -19.53 23.32 5.81
CA SER C 741 -18.89 22.95 4.56
C SER C 741 -19.87 22.92 3.39
N LYS C 742 -21.17 22.75 3.65
CA LYS C 742 -22.17 22.66 2.58
C LYS C 742 -23.15 23.82 2.57
N ALA C 743 -22.96 24.81 3.44
CA ALA C 743 -23.95 25.88 3.55
C ALA C 743 -23.95 26.73 2.28
N ARG C 744 -25.12 27.28 1.97
CA ARG C 744 -25.28 28.22 0.87
C ARG C 744 -25.53 29.64 1.34
N ASN C 745 -26.28 29.82 2.43
CA ASN C 745 -26.42 31.12 3.06
C ASN C 745 -25.19 31.35 3.92
N LEU C 746 -24.17 31.95 3.32
CA LEU C 746 -22.92 32.22 4.03
C LEU C 746 -23.08 33.34 5.05
N ASP C 747 -24.08 34.22 4.87
CA ASP C 747 -24.26 35.32 5.80
C ASP C 747 -24.70 34.83 7.17
N ASP C 748 -25.66 33.90 7.22
CA ASP C 748 -26.08 33.33 8.50
C ASP C 748 -24.94 32.58 9.17
N VAL C 749 -24.06 31.95 8.38
CA VAL C 749 -22.89 31.30 8.95
C VAL C 749 -22.07 32.32 9.73
N VAL C 750 -21.76 33.46 9.10
CA VAL C 750 -20.91 34.45 9.74
C VAL C 750 -21.64 35.14 10.88
N LYS C 751 -22.92 35.47 10.69
CA LYS C 751 -23.62 36.31 11.64
C LYS C 751 -24.21 35.54 12.81
N VAL C 752 -24.55 34.26 12.61
CA VAL C 752 -25.24 33.47 13.63
C VAL C 752 -24.34 32.38 14.20
N LEU C 753 -23.52 31.74 13.36
CA LEU C 753 -22.82 30.52 13.76
C LEU C 753 -21.38 30.75 14.20
N VAL C 754 -20.61 31.59 13.49
CA VAL C 754 -19.17 31.66 13.75
C VAL C 754 -18.87 32.19 15.14
N GLU C 755 -19.58 33.24 15.58
CA GLU C 755 -19.26 33.87 16.85
C GLU C 755 -19.47 32.94 18.04
N PRO C 756 -20.65 32.33 18.25
CA PRO C 756 -20.79 31.42 19.39
C PRO C 756 -19.87 30.23 19.31
N LEU C 757 -19.51 29.80 18.09
CA LEU C 757 -18.61 28.68 17.93
C LEU C 757 -17.22 28.99 18.46
N LEU C 758 -16.65 30.12 18.02
CA LEU C 758 -15.29 30.45 18.43
C LEU C 758 -15.19 30.64 19.93
N ASN C 759 -16.22 31.24 20.54
CA ASN C 759 -16.22 31.40 21.99
C ASN C 759 -16.23 30.04 22.70
N ALA C 760 -16.88 29.05 22.10
CA ALA C 760 -17.01 27.77 22.76
C ALA C 760 -15.75 26.92 22.68
N VAL C 761 -14.98 27.02 21.58
CA VAL C 761 -13.95 26.03 21.30
C VAL C 761 -12.53 26.58 21.41
N LEU C 762 -12.31 27.87 21.16
CA LEU C 762 -10.94 28.37 21.06
C LEU C 762 -10.27 28.43 22.42
N GLU C 763 -10.92 29.04 23.41
CA GLU C 763 -10.30 29.18 24.72
C GLU C 763 -10.13 27.82 25.41
N ASP C 764 -11.12 26.94 25.25
CA ASP C 764 -11.01 25.59 25.79
C ASP C 764 -9.81 24.86 25.22
N TYR C 765 -9.57 24.99 23.92
CA TYR C 765 -8.42 24.35 23.31
C TYR C 765 -7.11 24.94 23.86
N MET C 766 -7.04 26.27 23.92
CA MET C 766 -5.80 26.94 24.33
C MET C 766 -5.43 26.61 25.77
N ASN C 767 -6.41 26.49 26.65
CA ASN C 767 -6.15 26.37 28.08
C ASN C 767 -6.24 24.94 28.60
N ASN C 768 -6.34 23.95 27.70
CA ASN C 768 -6.23 22.55 28.09
C ASN C 768 -4.77 22.12 28.05
N VAL C 769 -4.43 21.12 28.85
CA VAL C 769 -3.12 20.48 28.77
C VAL C 769 -3.02 19.84 27.39
N PRO C 770 -1.82 19.72 26.82
CA PRO C 770 -1.72 19.17 25.45
C PRO C 770 -2.48 17.86 25.22
N ASP C 771 -2.42 16.92 26.17
CA ASP C 771 -3.06 15.62 25.99
C ASP C 771 -4.57 15.68 26.03
N ALA C 772 -5.16 16.84 26.30
CA ALA C 772 -6.61 17.00 26.29
C ALA C 772 -7.09 17.89 25.16
N ARG C 773 -6.19 18.29 24.26
CA ARG C 773 -6.54 19.18 23.16
C ARG C 773 -7.00 18.38 21.95
N ASP C 774 -8.27 18.53 21.59
CA ASP C 774 -8.86 17.78 20.47
C ASP C 774 -8.35 18.37 19.16
N ALA C 775 -7.56 17.59 18.41
CA ALA C 775 -7.10 18.03 17.10
C ALA C 775 -8.25 18.30 16.15
N GLU C 776 -9.44 17.73 16.40
CA GLU C 776 -10.60 18.06 15.59
C GLU C 776 -10.97 19.54 15.65
N VAL C 777 -10.54 20.24 16.70
CA VAL C 777 -10.78 21.69 16.76
C VAL C 777 -10.08 22.38 15.60
N LEU C 778 -8.81 22.02 15.35
CA LEU C 778 -8.08 22.58 14.22
C LEU C 778 -8.77 22.26 12.91
N ASN C 779 -9.25 21.02 12.75
CA ASN C 779 -9.92 20.66 11.50
C ASN C 779 -11.21 21.45 11.31
N CYS C 780 -11.99 21.60 12.39
CA CYS C 780 -13.19 22.42 12.31
C CYS C 780 -12.86 23.86 11.93
N MET C 781 -11.83 24.42 12.57
CA MET C 781 -11.42 25.79 12.22
C MET C 781 -10.94 25.88 10.78
N THR C 782 -10.33 24.81 10.25
CA THR C 782 -9.92 24.80 8.85
C THR C 782 -11.14 24.94 7.95
N THR C 783 -12.23 24.22 8.27
CA THR C 783 -13.44 24.29 7.45
C THR C 783 -14.08 25.67 7.52
N VAL C 784 -14.08 26.30 8.70
CA VAL C 784 -14.62 27.64 8.84
C VAL C 784 -13.86 28.61 7.94
N VAL C 785 -12.53 28.62 8.05
CA VAL C 785 -11.73 29.55 7.27
C VAL C 785 -11.85 29.27 5.78
N GLU C 786 -11.97 28.00 5.40
CA GLU C 786 -12.06 27.65 3.98
C GLU C 786 -13.32 28.22 3.33
N LYS C 787 -14.42 28.30 4.06
CA LYS C 787 -15.69 28.71 3.48
C LYS C 787 -16.03 30.17 3.71
N VAL C 788 -15.81 30.70 4.91
CA VAL C 788 -16.15 32.07 5.23
C VAL C 788 -14.94 32.87 5.71
N GLY C 789 -13.73 32.33 5.53
CA GLY C 789 -12.54 33.00 6.03
C GLY C 789 -12.35 34.40 5.48
N HIS C 790 -12.72 34.62 4.22
CA HIS C 790 -12.63 35.94 3.62
C HIS C 790 -13.61 36.94 4.20
N MET C 791 -14.54 36.49 5.05
CA MET C 791 -15.54 37.37 5.65
C MET C 791 -15.33 37.57 7.14
N ILE C 792 -14.36 36.89 7.75
CA ILE C 792 -14.14 36.99 9.19
C ILE C 792 -12.68 37.30 9.48
N PRO C 793 -12.16 38.46 9.07
CA PRO C 793 -10.74 38.74 9.31
C PRO C 793 -10.37 38.78 10.78
N GLN C 794 -11.22 39.38 11.63
CA GLN C 794 -10.98 39.34 13.07
C GLN C 794 -11.23 37.95 13.65
N GLY C 795 -12.05 37.13 12.99
CA GLY C 795 -12.21 35.76 13.43
C GLY C 795 -10.96 34.93 13.21
N VAL C 796 -10.31 35.12 12.04
CA VAL C 796 -9.11 34.36 11.74
C VAL C 796 -7.99 34.73 12.71
N ILE C 797 -7.83 36.02 13.01
CA ILE C 797 -6.81 36.46 13.96
C ILE C 797 -7.02 35.79 15.31
N LEU C 798 -8.28 35.68 15.74
CA LEU C 798 -8.59 35.05 17.01
C LEU C 798 -8.24 33.56 17.00
N ILE C 799 -8.45 32.90 15.85
CA ILE C 799 -8.10 31.48 15.73
C ILE C 799 -6.60 31.29 15.83
N LEU C 800 -5.83 32.13 15.14
CA LEU C 800 -4.36 32.04 15.22
C LEU C 800 -3.88 32.28 16.64
N GLN C 801 -4.42 33.29 17.33
CA GLN C 801 -3.95 33.62 18.66
C GLN C 801 -4.21 32.48 19.64
N SER C 802 -5.29 31.73 19.45
CA SER C 802 -5.65 30.69 20.40
C SER C 802 -4.97 29.34 20.12
N VAL C 803 -4.60 29.05 18.88
CA VAL C 803 -4.11 27.71 18.55
C VAL C 803 -2.69 27.69 18.03
N PHE C 804 -2.17 28.78 17.46
CA PHE C 804 -0.91 28.71 16.74
C PHE C 804 0.26 28.33 17.65
N GLU C 805 0.57 29.19 18.62
CA GLU C 805 1.80 29.00 19.38
C GLU C 805 1.72 27.76 20.28
N CYS C 806 0.55 27.50 20.88
CA CYS C 806 0.45 26.35 21.77
C CYS C 806 0.46 25.03 21.00
N THR C 807 -0.09 24.99 19.78
CA THR C 807 0.01 23.78 18.98
C THR C 807 1.42 23.59 18.42
N LEU C 808 2.08 24.68 18.03
CA LEU C 808 3.45 24.58 17.55
C LEU C 808 4.36 24.01 18.62
N ASP C 809 4.15 24.39 19.89
CA ASP C 809 5.01 23.87 20.96
C ASP C 809 4.78 22.38 21.17
N MET C 810 3.58 21.87 20.83
CA MET C 810 3.32 20.44 21.00
C MET C 810 4.12 19.61 20.00
N ILE C 811 4.43 20.17 18.83
CA ILE C 811 4.90 19.40 17.69
C ILE C 811 6.30 19.79 17.24
N ASN C 812 6.98 20.68 17.97
CA ASN C 812 8.30 21.16 17.52
C ASN C 812 9.45 20.57 18.33
N LYS C 813 9.22 19.50 19.07
CA LYS C 813 10.29 18.83 19.80
C LYS C 813 10.74 17.53 19.14
N ASP C 814 9.92 16.95 18.26
CA ASP C 814 10.27 15.73 17.52
C ASP C 814 9.30 15.62 16.35
N PHE C 815 9.46 14.56 15.56
CA PHE C 815 8.63 14.34 14.38
C PHE C 815 7.54 13.30 14.60
N THR C 816 7.32 12.83 15.84
CA THR C 816 6.43 11.70 16.09
C THR C 816 5.23 12.03 16.96
N GLU C 817 5.39 12.85 18.00
CA GLU C 817 4.31 13.06 18.95
C GLU C 817 3.19 13.89 18.34
N TYR C 818 1.95 13.60 18.78
CA TYR C 818 0.72 14.24 18.33
C TYR C 818 0.64 14.25 16.80
N PRO C 819 0.51 13.08 16.17
CA PRO C 819 0.49 13.06 14.70
C PRO C 819 -0.72 13.74 14.08
N GLU C 820 -1.89 13.67 14.73
CA GLU C 820 -3.07 14.31 14.17
C GLU C 820 -2.97 15.83 14.24
N HIS C 821 -2.56 16.36 15.40
CA HIS C 821 -2.39 17.80 15.54
C HIS C 821 -1.39 18.34 14.52
N ARG C 822 -0.35 17.56 14.24
CA ARG C 822 0.64 17.94 13.23
C ARG C 822 -0.01 18.20 11.87
N VAL C 823 -0.85 17.25 11.43
CA VAL C 823 -1.43 17.36 10.09
C VAL C 823 -2.49 18.45 10.06
N GLU C 824 -3.35 18.51 11.07
CA GLU C 824 -4.39 19.54 11.10
C GLU C 824 -3.80 20.93 11.26
N PHE C 825 -2.70 21.04 12.02
CA PHE C 825 -2.04 22.33 12.21
C PHE C 825 -1.65 22.95 10.87
N TYR C 826 -0.99 22.17 10.02
CA TYR C 826 -0.49 22.71 8.76
C TYR C 826 -1.57 22.82 7.70
N LYS C 827 -2.63 22.01 7.80
CA LYS C 827 -3.80 22.25 6.96
C LYS C 827 -4.44 23.59 7.32
N LEU C 828 -4.50 23.90 8.61
CA LEU C 828 -5.08 25.17 9.06
C LEU C 828 -4.23 26.36 8.61
N LEU C 829 -2.90 26.26 8.78
CA LEU C 829 -2.03 27.34 8.32
C LEU C 829 -2.10 27.51 6.81
N LYS C 830 -2.20 26.38 6.08
CA LYS C 830 -2.34 26.44 4.62
C LYS C 830 -3.54 27.29 4.22
N VAL C 831 -4.71 27.00 4.77
CA VAL C 831 -5.92 27.70 4.36
C VAL C 831 -5.91 29.15 4.86
N ILE C 832 -5.28 29.41 6.00
CA ILE C 832 -5.20 30.78 6.50
C ILE C 832 -4.30 31.61 5.59
N ASN C 833 -3.17 31.05 5.17
CA ASN C 833 -2.29 31.74 4.25
C ASN C 833 -2.93 31.94 2.88
N GLU C 834 -3.90 31.10 2.51
CA GLU C 834 -4.58 31.24 1.22
C GLU C 834 -5.71 32.27 1.29
N LYS C 835 -6.47 32.29 2.37
CA LYS C 835 -7.74 33.00 2.44
C LYS C 835 -7.70 34.28 3.26
N SER C 836 -6.94 34.30 4.35
N SER C 836 -6.96 34.31 4.36
CA SER C 836 -6.85 35.47 5.22
CA SER C 836 -6.86 35.50 5.21
C SER C 836 -5.40 35.75 5.57
C SER C 836 -5.41 35.75 5.56
N PHE C 837 -4.61 36.07 4.54
CA PHE C 837 -3.19 36.36 4.74
C PHE C 837 -2.97 37.56 5.66
N ALA C 838 -3.94 38.47 5.73
CA ALA C 838 -3.83 39.63 6.61
C ALA C 838 -3.61 39.23 8.07
N ALA C 839 -4.07 38.04 8.46
CA ALA C 839 -3.89 37.62 9.85
C ALA C 839 -2.42 37.42 10.19
N PHE C 840 -1.59 37.01 9.23
CA PHE C 840 -0.16 36.90 9.47
C PHE C 840 0.54 38.24 9.50
N LEU C 841 -0.03 39.26 8.86
CA LEU C 841 0.57 40.60 8.91
C LEU C 841 0.37 41.26 10.26
N GLU C 842 -0.75 40.98 10.93
CA GLU C 842 -1.00 41.47 12.29
C GLU C 842 -0.34 40.62 13.36
N LEU C 843 0.54 39.71 12.98
CA LEU C 843 1.29 38.97 14.00
C LEU C 843 2.48 39.81 14.47
N PRO C 844 2.77 39.81 15.76
CA PRO C 844 4.00 40.45 16.24
C PRO C 844 5.21 39.81 15.58
N PRO C 845 6.31 40.57 15.44
CA PRO C 845 7.49 40.01 14.77
C PRO C 845 7.98 38.69 15.35
N ALA C 846 7.90 38.51 16.66
CA ALA C 846 8.29 37.23 17.25
C ALA C 846 7.36 36.12 16.81
N ALA C 847 6.05 36.40 16.75
CA ALA C 847 5.10 35.40 16.28
C ALA C 847 5.31 35.08 14.82
N PHE C 848 5.63 36.08 14.00
CA PHE C 848 5.91 35.84 12.60
C PHE C 848 7.17 35.01 12.41
N LYS C 849 8.18 35.21 13.26
CA LYS C 849 9.38 34.39 13.16
C LYS C 849 9.07 32.94 13.49
N LEU C 850 8.16 32.69 14.44
CA LEU C 850 7.74 31.32 14.70
C LEU C 850 6.96 30.74 13.52
N PHE C 851 6.20 31.59 12.82
CA PHE C 851 5.51 31.13 11.61
C PHE C 851 6.52 30.61 10.58
N VAL C 852 7.56 31.38 10.31
CA VAL C 852 8.57 30.96 9.34
C VAL C 852 9.29 29.71 9.83
N ASP C 853 9.58 29.63 11.13
CA ASP C 853 10.20 28.42 11.68
C ASP C 853 9.29 27.21 11.52
N ALA C 854 7.98 27.40 11.73
CA ALA C 854 7.06 26.29 11.60
C ALA C 854 6.99 25.78 10.17
N ILE C 855 7.12 26.67 9.19
CA ILE C 855 7.09 26.26 7.79
C ILE C 855 8.30 25.40 7.46
N CYS C 856 9.50 25.90 7.76
CA CYS C 856 10.70 25.11 7.54
C CYS C 856 10.69 23.82 8.36
N TRP C 857 10.08 23.85 9.54
CA TRP C 857 9.93 22.63 10.33
C TRP C 857 9.16 21.58 9.55
N ALA C 858 8.16 22.01 8.76
CA ALA C 858 7.39 21.06 7.98
C ALA C 858 8.20 20.49 6.81
N PHE C 859 9.14 21.26 6.25
CA PHE C 859 10.04 20.72 5.22
C PHE C 859 10.68 19.42 5.67
N LYS C 860 11.08 19.36 6.94
CA LYS C 860 11.93 18.29 7.44
C LYS C 860 11.17 17.03 7.81
N HIS C 861 9.85 17.01 7.67
CA HIS C 861 9.09 15.80 7.95
C HIS C 861 9.23 14.80 6.79
N ASN C 862 9.28 13.52 7.13
CA ASN C 862 9.09 12.48 6.12
C ASN C 862 7.60 12.21 5.90
N ASN C 863 6.79 12.38 6.94
CA ASN C 863 5.34 12.42 6.84
C ASN C 863 4.93 13.27 5.64
N ARG C 864 4.39 12.63 4.60
CA ARG C 864 4.11 13.35 3.37
C ARG C 864 2.92 14.30 3.49
N ASP C 865 1.99 14.03 4.42
CA ASP C 865 0.90 14.96 4.67
C ASP C 865 1.44 16.29 5.18
N VAL C 866 2.36 16.24 6.14
CA VAL C 866 2.94 17.46 6.69
C VAL C 866 3.85 18.13 5.67
N GLU C 867 4.74 17.35 5.03
CA GLU C 867 5.79 17.91 4.18
C GLU C 867 5.23 18.64 2.96
N VAL C 868 4.20 18.06 2.33
CA VAL C 868 3.62 18.67 1.12
C VAL C 868 2.96 19.99 1.47
N ASN C 869 2.19 20.02 2.55
CA ASN C 869 1.59 21.28 3.00
C ASN C 869 2.67 22.31 3.33
N GLY C 870 3.75 21.87 3.96
CA GLY C 870 4.80 22.80 4.34
C GLY C 870 5.45 23.49 3.17
N LEU C 871 5.77 22.73 2.11
CA LEU C 871 6.33 23.34 0.92
C LEU C 871 5.30 24.22 0.22
N GLN C 872 4.03 23.80 0.21
CA GLN C 872 3.00 24.60 -0.43
C GLN C 872 2.79 25.92 0.30
N ILE C 873 2.84 25.92 1.62
CA ILE C 873 2.70 27.17 2.38
C ILE C 873 3.85 28.11 2.06
N ALA C 874 5.08 27.59 1.99
CA ALA C 874 6.21 28.44 1.66
C ALA C 874 6.05 29.06 0.29
N LEU C 875 5.63 28.25 -0.70
CA LEU C 875 5.42 28.77 -2.04
C LEU C 875 4.31 29.82 -2.05
N ASP C 876 3.20 29.54 -1.36
CA ASP C 876 2.11 30.51 -1.30
C ASP C 876 2.50 31.76 -0.53
N LEU C 877 3.34 31.62 0.50
CA LEU C 877 3.76 32.78 1.27
C LEU C 877 4.65 33.71 0.43
N VAL C 878 5.57 33.14 -0.35
CA VAL C 878 6.40 33.96 -1.23
C VAL C 878 5.54 34.74 -2.21
N LYS C 879 4.53 34.09 -2.80
CA LYS C 879 3.63 34.78 -3.71
C LYS C 879 2.78 35.82 -2.98
N ASN C 880 2.44 35.58 -1.72
CA ASN C 880 1.76 36.60 -0.93
C ASN C 880 2.64 37.82 -0.74
N ILE C 881 3.92 37.61 -0.41
CA ILE C 881 4.84 38.72 -0.20
C ILE C 881 5.11 39.44 -1.51
N GLU C 882 5.15 38.72 -2.62
CA GLU C 882 5.38 39.35 -3.92
C GLU C 882 4.27 40.33 -4.26
N ARG C 883 3.02 39.90 -4.12
CA ARG C 883 1.87 40.73 -4.47
C ARG C 883 1.75 41.99 -3.62
N MET C 884 2.52 42.10 -2.53
CA MET C 884 2.49 43.33 -1.75
C MET C 884 3.26 44.45 -2.44
N GLY C 885 4.27 44.11 -3.24
CA GLY C 885 5.04 45.10 -3.96
C GLY C 885 6.19 45.67 -3.13
N ASN C 886 6.54 46.93 -3.39
CA ASN C 886 7.67 47.59 -2.73
C ASN C 886 7.16 48.28 -1.46
N VAL C 887 7.07 47.49 -0.40
CA VAL C 887 6.48 47.93 0.88
C VAL C 887 7.43 47.53 2.00
N PRO C 888 7.53 48.32 3.08
CA PRO C 888 8.40 47.95 4.22
C PRO C 888 8.28 46.50 4.67
N PHE C 889 7.06 45.94 4.69
CA PHE C 889 6.91 44.56 5.14
C PHE C 889 7.58 43.60 4.16
N ALA C 890 7.34 43.78 2.86
CA ALA C 890 7.93 42.91 1.85
C ALA C 890 9.45 43.03 1.84
N ASN C 891 9.96 44.25 1.99
CA ASN C 891 11.41 44.46 1.99
C ASN C 891 12.06 43.75 3.18
N GLU C 892 11.49 43.94 4.37
CA GLU C 892 12.04 43.30 5.57
C GLU C 892 11.89 41.79 5.52
N PHE C 893 10.84 41.29 4.84
CA PHE C 893 10.69 39.85 4.71
C PHE C 893 11.85 39.24 3.96
N HIS C 894 12.23 39.86 2.84
CA HIS C 894 13.39 39.37 2.09
C HIS C 894 14.68 39.55 2.89
N LYS C 895 14.79 40.66 3.62
CA LYS C 895 15.98 40.88 4.43
C LYS C 895 16.14 39.80 5.50
N ASN C 896 15.04 39.38 6.11
CA ASN C 896 15.11 38.47 7.25
C ASN C 896 15.03 37.01 6.84
N TYR C 897 14.23 36.66 5.84
CA TYR C 897 13.85 35.27 5.64
C TYR C 897 14.10 34.72 4.25
N PHE C 898 14.56 35.53 3.30
CA PHE C 898 14.80 35.00 1.95
C PHE C 898 15.88 33.91 1.97
N PHE C 899 17.01 34.20 2.60
CA PHE C 899 18.10 33.23 2.59
C PHE C 899 17.86 32.07 3.53
N ILE C 900 17.03 32.25 4.56
CA ILE C 900 16.59 31.10 5.35
C ILE C 900 15.83 30.11 4.47
N PHE C 901 14.88 30.61 3.67
CA PHE C 901 14.12 29.72 2.81
C PHE C 901 14.99 29.08 1.74
N VAL C 902 15.93 29.84 1.18
CA VAL C 902 16.82 29.28 0.15
C VAL C 902 17.69 28.17 0.74
N SER C 903 18.21 28.39 1.94
CA SER C 903 19.12 27.40 2.52
C SER C 903 18.37 26.20 3.10
N GLU C 904 17.19 26.43 3.71
CA GLU C 904 16.42 25.30 4.21
C GLU C 904 15.92 24.42 3.07
N THR C 905 15.60 25.03 1.92
CA THR C 905 15.17 24.25 0.78
C THR C 905 16.31 23.42 0.21
N PHE C 906 17.49 24.02 0.10
CA PHE C 906 18.67 23.27 -0.34
C PHE C 906 18.96 22.11 0.59
N PHE C 907 18.73 22.29 1.89
CA PHE C 907 19.05 21.25 2.85
C PHE C 907 18.22 20.00 2.62
N VAL C 908 16.89 20.16 2.49
CA VAL C 908 16.05 18.99 2.27
C VAL C 908 16.24 18.42 0.86
N LEU C 909 16.73 19.22 -0.08
CA LEU C 909 16.98 18.71 -1.43
C LEU C 909 18.18 17.76 -1.45
N THR C 910 19.20 18.03 -0.63
CA THR C 910 20.49 17.37 -0.76
C THR C 910 20.83 16.40 0.37
N ASP C 911 19.91 16.17 1.31
CA ASP C 911 20.26 15.35 2.46
C ASP C 911 19.86 13.88 2.30
N SER C 912 19.17 13.53 1.22
CA SER C 912 18.82 12.16 0.83
C SER C 912 17.71 11.54 1.68
N ASP C 913 17.08 12.31 2.56
CA ASP C 913 16.00 11.79 3.41
C ASP C 913 14.65 12.41 3.10
N HIS C 914 14.54 13.22 2.05
CA HIS C 914 13.27 13.85 1.69
C HIS C 914 13.03 13.75 0.20
N LYS C 915 13.40 12.61 -0.39
CA LYS C 915 13.33 12.47 -1.84
C LYS C 915 11.90 12.49 -2.36
N SER C 916 10.91 12.14 -1.52
CA SER C 916 9.53 12.20 -1.96
C SER C 916 9.08 13.61 -2.32
N GLY C 917 9.75 14.64 -1.81
CA GLY C 917 9.34 16.00 -2.08
C GLY C 917 10.24 16.76 -3.05
N PHE C 918 10.96 16.02 -3.88
CA PHE C 918 11.93 16.63 -4.78
C PHE C 918 11.27 17.66 -5.70
N SER C 919 10.15 17.28 -6.35
CA SER C 919 9.54 18.15 -7.33
C SER C 919 9.09 19.49 -6.73
N LYS C 920 8.58 19.44 -5.50
CA LYS C 920 8.08 20.67 -4.88
C LYS C 920 9.21 21.48 -4.24
N GLN C 921 10.28 20.82 -3.80
CA GLN C 921 11.48 21.56 -3.40
C GLN C 921 12.07 22.31 -4.58
N ALA C 922 12.17 21.62 -5.73
CA ALA C 922 12.69 22.26 -6.93
C ALA C 922 11.84 23.46 -7.35
N LEU C 923 10.51 23.31 -7.31
CA LEU C 923 9.60 24.41 -7.60
C LEU C 923 9.85 25.60 -6.69
N LEU C 924 9.79 25.38 -5.38
CA LEU C 924 10.02 26.47 -4.43
C LEU C 924 11.38 27.11 -4.66
N LEU C 925 12.40 26.30 -4.87
CA LEU C 925 13.74 26.84 -5.07
C LEU C 925 13.80 27.71 -6.32
N MET C 926 13.21 27.28 -7.44
CA MET C 926 13.25 28.13 -8.62
C MET C 926 12.45 29.42 -8.42
N LYS C 927 11.32 29.36 -7.75
CA LYS C 927 10.60 30.60 -7.47
C LYS C 927 11.47 31.56 -6.67
N LEU C 928 12.26 31.04 -5.72
CA LEU C 928 13.16 31.89 -4.94
C LEU C 928 14.28 32.46 -5.81
N ILE C 929 14.91 31.62 -6.64
CA ILE C 929 15.99 32.09 -7.49
C ILE C 929 15.49 33.09 -8.53
N SER C 930 14.34 32.80 -9.14
CA SER C 930 13.82 33.68 -10.18
C SER C 930 13.44 35.06 -9.65
N LEU C 931 13.11 35.16 -8.35
CA LEU C 931 12.84 36.47 -7.77
C LEU C 931 14.03 37.41 -7.90
N VAL C 932 15.25 36.88 -7.70
CA VAL C 932 16.44 37.73 -7.68
C VAL C 932 16.90 38.06 -9.09
N TYR C 933 16.80 37.10 -10.01
CA TYR C 933 17.21 37.36 -11.39
C TYR C 933 16.12 38.03 -12.22
N ASP C 934 15.06 38.51 -11.57
CA ASP C 934 14.06 39.35 -12.19
C ASP C 934 13.96 40.71 -11.51
N ASN C 935 14.77 40.96 -10.49
CA ASN C 935 14.78 42.23 -9.76
C ASN C 935 13.41 42.54 -9.16
N LYS C 936 12.78 41.53 -8.56
CA LYS C 936 11.56 41.72 -7.81
C LYS C 936 11.82 42.00 -6.33
N ILE C 937 13.04 41.77 -5.86
CA ILE C 937 13.48 42.18 -4.54
C ILE C 937 14.21 43.51 -4.73
N SER C 938 13.54 44.61 -4.37
CA SER C 938 14.09 45.93 -4.62
C SER C 938 15.17 46.32 -3.61
N VAL C 939 15.13 45.76 -2.41
CA VAL C 939 16.11 46.07 -1.36
C VAL C 939 17.30 45.13 -1.55
N PRO C 940 18.53 45.58 -1.29
CA PRO C 940 19.67 44.65 -1.31
C PRO C 940 19.58 43.63 -0.18
N LEU C 941 19.89 42.38 -0.53
CA LEU C 941 19.75 41.28 0.41
C LEU C 941 20.91 41.15 1.38
N TYR C 942 21.95 41.96 1.23
CA TYR C 942 23.12 41.94 2.09
C TYR C 942 23.08 43.14 3.03
N GLN C 943 23.91 43.09 4.07
CA GLN C 943 24.10 44.25 4.92
C GLN C 943 25.23 45.12 4.36
N GLU C 944 25.18 46.41 4.70
CA GLU C 944 25.92 47.43 3.96
C GLU C 944 27.42 47.17 3.93
N ALA C 945 27.98 46.52 4.95
CA ALA C 945 29.42 46.36 5.04
C ALA C 945 29.96 45.18 4.24
N GLU C 946 29.24 44.06 4.22
CA GLU C 946 29.82 42.79 3.78
C GLU C 946 30.09 42.72 2.28
N VAL C 947 29.61 43.69 1.50
CA VAL C 947 29.72 43.64 0.04
C VAL C 947 29.81 45.07 -0.48
N PRO C 948 30.62 45.34 -1.51
CA PRO C 948 30.69 46.71 -2.03
C PRO C 948 29.33 47.21 -2.49
N GLN C 949 29.12 48.53 -2.35
CA GLN C 949 27.84 49.13 -2.65
C GLN C 949 27.55 49.09 -4.15
N GLY C 950 26.27 49.03 -4.49
CA GLY C 950 25.85 48.90 -5.87
C GLY C 950 25.87 47.48 -6.41
N THR C 951 26.33 46.52 -5.64
CA THR C 951 26.36 45.13 -6.08
C THR C 951 24.94 44.59 -6.23
N SER C 952 24.66 43.98 -7.37
CA SER C 952 23.34 43.41 -7.62
C SER C 952 23.09 42.23 -6.70
N ASN C 953 21.79 41.95 -6.47
CA ASN C 953 21.41 40.78 -5.70
C ASN C 953 21.85 39.49 -6.39
N GLN C 954 21.85 39.50 -7.73
CA GLN C 954 22.32 38.33 -8.48
C GLN C 954 23.75 37.98 -8.11
N VAL C 955 24.62 38.98 -8.04
CA VAL C 955 26.01 38.73 -7.68
C VAL C 955 26.10 38.22 -6.25
N TYR C 956 25.37 38.85 -5.32
CA TYR C 956 25.43 38.39 -3.93
C TYR C 956 24.81 37.01 -3.77
N LEU C 957 23.74 36.72 -4.50
CA LEU C 957 23.12 35.40 -4.41
C LEU C 957 24.08 34.30 -4.82
N SER C 958 24.87 34.53 -5.89
CA SER C 958 25.85 33.54 -6.29
C SER C 958 26.94 33.36 -5.24
N GLN C 959 27.34 34.46 -4.58
CA GLN C 959 28.38 34.36 -3.57
C GLN C 959 27.87 33.65 -2.33
N TYR C 960 26.66 33.98 -1.89
CA TYR C 960 26.08 33.29 -0.73
C TYR C 960 25.95 31.80 -1.00
N LEU C 961 25.42 31.43 -2.17
CA LEU C 961 25.22 30.02 -2.47
C LEU C 961 26.54 29.28 -2.62
N ALA C 962 27.53 29.89 -3.26
CA ALA C 962 28.85 29.28 -3.37
C ALA C 962 29.44 29.00 -2.00
N ASN C 963 29.37 29.98 -1.09
CA ASN C 963 29.88 29.77 0.26
C ASN C 963 29.08 28.70 0.99
N MET C 964 27.76 28.71 0.83
CA MET C 964 26.93 27.72 1.52
C MET C 964 27.27 26.31 1.07
N LEU C 965 27.32 26.07 -0.25
CA LEU C 965 27.61 24.74 -0.75
C LEU C 965 29.04 24.31 -0.43
N SER C 966 29.98 25.26 -0.40
CA SER C 966 31.37 24.90 -0.11
C SER C 966 31.52 24.39 1.32
N ASN C 967 30.81 25.00 2.28
CA ASN C 967 30.86 24.51 3.66
C ASN C 967 30.07 23.23 3.84
N ALA C 968 28.98 23.06 3.08
CA ALA C 968 28.10 21.91 3.25
C ALA C 968 28.59 20.68 2.49
N PHE C 969 29.32 20.88 1.40
CA PHE C 969 29.90 19.79 0.61
C PHE C 969 31.36 20.14 0.32
N PRO C 970 32.23 20.03 1.33
CA PRO C 970 33.62 20.49 1.15
C PRO C 970 34.41 19.68 0.13
N HIS C 971 34.00 18.45 -0.18
CA HIS C 971 34.70 17.64 -1.16
C HIS C 971 34.47 18.11 -2.59
N LEU C 972 33.55 19.04 -2.82
CA LEU C 972 33.34 19.59 -4.15
C LEU C 972 34.40 20.63 -4.45
N THR C 973 34.88 20.65 -5.69
CA THR C 973 35.78 21.71 -6.10
C THR C 973 35.02 23.03 -6.25
N SER C 974 35.77 24.12 -6.34
CA SER C 974 35.14 25.42 -6.57
C SER C 974 34.53 25.50 -7.95
N GLU C 975 35.16 24.86 -8.95
CA GLU C 975 34.65 24.92 -10.31
C GLU C 975 33.34 24.16 -10.45
N GLN C 976 33.19 23.05 -9.72
CA GLN C 976 31.91 22.34 -9.70
C GLN C 976 30.79 23.23 -9.18
N ILE C 977 31.02 23.87 -8.03
CA ILE C 977 29.99 24.71 -7.42
C ILE C 977 29.64 25.89 -8.32
N ALA C 978 30.64 26.44 -9.02
CA ALA C 978 30.38 27.60 -9.86
C ALA C 978 29.65 27.19 -11.14
N SER C 979 30.06 26.10 -11.78
CA SER C 979 29.34 25.60 -12.95
C SER C 979 27.91 25.26 -12.61
N PHE C 980 27.69 24.60 -11.46
CA PHE C 980 26.35 24.21 -11.05
C PHE C 980 25.47 25.43 -10.81
N LEU C 981 26.00 26.45 -10.12
CA LEU C 981 25.20 27.62 -9.81
C LEU C 981 24.94 28.46 -11.06
N SER C 982 25.91 28.54 -11.96
CA SER C 982 25.69 29.26 -13.22
C SER C 982 24.56 28.63 -14.01
N ALA C 983 24.59 27.30 -14.17
CA ALA C 983 23.53 26.61 -14.89
C ALA C 983 22.19 26.73 -14.16
N LEU C 984 22.21 26.66 -12.83
CA LEU C 984 20.96 26.66 -12.07
C LEU C 984 20.23 27.99 -12.20
N THR C 985 20.95 29.10 -12.17
CA THR C 985 20.31 30.40 -12.23
C THR C 985 19.87 30.74 -13.65
N LYS C 986 20.65 30.36 -14.65
CA LYS C 986 20.27 30.53 -16.05
C LYS C 986 19.04 29.72 -16.43
N GLN C 987 18.66 28.72 -15.63
CA GLN C 987 17.57 27.82 -15.96
C GLN C 987 16.40 27.96 -15.01
N CYS C 988 16.31 29.07 -14.30
CA CYS C 988 15.21 29.26 -13.36
C CYS C 988 13.94 29.76 -14.04
N LYS C 989 13.76 29.50 -15.33
CA LYS C 989 12.47 29.65 -16.00
C LYS C 989 12.04 28.35 -16.66
N ASP C 990 12.72 27.24 -16.39
CA ASP C 990 12.50 25.98 -17.10
C ASP C 990 12.64 24.84 -16.08
N LEU C 991 11.54 24.51 -15.38
CA LEU C 991 11.55 23.47 -14.35
C LEU C 991 12.15 22.16 -14.82
N VAL C 992 11.81 21.74 -16.02
CA VAL C 992 12.27 20.42 -16.48
C VAL C 992 13.78 20.40 -16.56
N VAL C 993 14.37 21.45 -17.15
CA VAL C 993 15.82 21.54 -17.23
C VAL C 993 16.41 21.78 -15.84
N PHE C 994 15.80 22.70 -15.09
CA PHE C 994 16.19 22.98 -13.71
C PHE C 994 16.22 21.71 -12.86
N LYS C 995 15.16 20.90 -12.94
CA LYS C 995 15.13 19.66 -12.16
C LYS C 995 16.23 18.71 -12.60
N GLY C 996 16.57 18.71 -13.88
CA GLY C 996 17.68 17.89 -14.34
C GLY C 996 19.01 18.34 -13.78
N THR C 997 19.17 19.66 -13.63
CA THR C 997 20.41 20.19 -13.07
C THR C 997 20.54 19.87 -11.59
N LEU C 998 19.42 19.88 -10.85
CA LEU C 998 19.45 19.45 -9.46
C LEU C 998 19.79 17.97 -9.35
N ARG C 999 19.18 17.14 -10.20
N ARG C 999 19.18 17.14 -10.20
CA ARG C 999 19.48 15.71 -10.18
CA ARG C 999 19.48 15.71 -10.18
C ARG C 999 20.94 15.44 -10.49
C ARG C 999 20.94 15.44 -10.49
N ASP C 1000 21.54 16.26 -11.35
CA ASP C 1000 22.97 16.11 -11.64
C ASP C 1000 23.81 16.46 -10.43
N PHE C 1001 23.47 17.56 -9.75
CA PHE C 1001 24.14 17.92 -8.50
C PHE C 1001 24.01 16.78 -7.48
N LEU C 1002 22.81 16.21 -7.34
CA LEU C 1002 22.60 15.15 -6.35
C LEU C 1002 23.45 13.91 -6.63
N VAL C 1003 23.80 13.68 -7.89
CA VAL C 1003 24.71 12.59 -8.23
C VAL C 1003 26.15 12.96 -7.87
N GLN C 1004 26.58 14.17 -8.22
CA GLN C 1004 27.99 14.51 -8.09
C GLN C 1004 28.42 14.63 -6.63
N ILE C 1005 27.52 15.04 -5.74
CA ILE C 1005 27.89 15.12 -4.33
C ILE C 1005 28.03 13.75 -3.68
N LYS C 1006 27.58 12.69 -4.35
CA LYS C 1006 27.78 11.33 -3.86
C LYS C 1006 29.18 10.80 -4.15
N GLU C 1007 29.99 11.53 -4.90
CA GLU C 1007 31.29 11.04 -5.33
C GLU C 1007 32.31 12.18 -5.24
N VAL C 1008 33.54 11.88 -5.62
CA VAL C 1008 34.61 12.87 -5.64
C VAL C 1008 35.07 13.06 -7.08
N GLY C 1009 35.34 14.31 -7.44
CA GLY C 1009 35.88 14.60 -8.76
C GLY C 1009 34.88 14.58 -9.90
N GLY C 1010 33.63 14.95 -9.64
CA GLY C 1010 32.67 15.06 -10.72
C GLY C 1010 33.07 16.12 -11.73
N ASP C 1011 32.73 15.87 -12.99
CA ASP C 1011 33.10 16.77 -14.08
C ASP C 1011 32.27 18.05 -14.03
N PRO C 1012 32.87 19.22 -13.79
CA PRO C 1012 32.06 20.46 -13.77
C PRO C 1012 31.40 20.79 -15.10
N THR C 1013 31.95 20.33 -16.23
CA THR C 1013 31.35 20.58 -17.53
C THR C 1013 30.00 19.87 -17.71
N ASP C 1014 29.66 18.92 -16.84
CA ASP C 1014 28.38 18.22 -16.95
C ASP C 1014 27.20 19.19 -16.87
N TYR C 1015 27.37 20.33 -16.21
CA TYR C 1015 26.28 21.28 -16.04
C TYR C 1015 26.05 22.14 -17.28
N LEU C 1016 26.78 21.89 -18.37
CA LEU C 1016 26.49 22.50 -19.65
C LEU C 1016 25.57 21.64 -20.52
N PHE C 1017 25.10 20.51 -19.98
CA PHE C 1017 24.33 19.55 -20.77
C PHE C 1017 23.19 20.22 -21.54
N ALA C 1018 22.45 21.09 -20.87
CA ALA C 1018 21.30 21.75 -21.49
C ALA C 1018 21.64 23.10 -22.11
N ASN D 1 -47.07 -11.23 -14.93
CA ASN D 1 -46.20 -11.85 -13.93
C ASN D 1 -45.88 -10.88 -12.79
N LEU D 2 -46.23 -9.60 -12.97
CA LEU D 2 -45.82 -8.57 -12.02
C LEU D 2 -46.66 -8.60 -10.75
N GLU D 3 -47.97 -8.84 -10.87
CA GLU D 3 -48.79 -8.97 -9.67
C GLU D 3 -48.47 -10.26 -8.92
N ALA D 4 -48.11 -11.33 -9.64
CA ALA D 4 -47.67 -12.55 -8.98
C ALA D 4 -46.36 -12.31 -8.25
N LEU D 5 -45.36 -11.77 -8.97
CA LEU D 5 -44.07 -11.41 -8.39
C LEU D 5 -44.23 -10.63 -7.09
N GLN D 6 -45.17 -9.68 -7.07
CA GLN D 6 -45.43 -8.90 -5.87
C GLN D 6 -45.81 -9.79 -4.69
N LYS D 7 -46.70 -10.76 -4.93
CA LYS D 7 -47.17 -11.62 -3.85
C LYS D 7 -46.08 -12.59 -3.37
N LYS D 8 -45.28 -13.14 -4.31
CA LYS D 8 -44.21 -14.05 -3.89
C LYS D 8 -43.19 -13.33 -3.01
N LEU D 9 -42.89 -12.07 -3.31
CA LEU D 9 -41.92 -11.33 -2.51
C LEU D 9 -42.43 -11.09 -1.10
N GLU D 10 -43.71 -10.69 -0.96
CA GLU D 10 -44.25 -10.43 0.37
C GLU D 10 -44.36 -11.71 1.20
N GLU D 11 -44.39 -12.88 0.55
CA GLU D 11 -44.40 -14.14 1.28
C GLU D 11 -43.00 -14.61 1.67
N LEU D 12 -41.95 -13.96 1.19
CA LEU D 12 -40.60 -14.38 1.54
C LEU D 12 -40.37 -14.14 3.03
N GLU D 13 -40.14 -15.21 3.76
CA GLU D 13 -39.77 -15.17 5.16
C GLU D 13 -38.71 -16.23 5.42
N LEU D 14 -37.77 -15.95 6.30
CA LEU D 14 -36.56 -16.75 6.45
C LEU D 14 -36.68 -17.86 7.47
N ASN D 15 -37.88 -18.12 8.02
CA ASN D 15 -37.96 -18.99 9.19
C ASN D 15 -38.94 -20.14 9.00
N GLN D 16 -39.12 -20.62 7.78
CA GLN D 16 -39.96 -21.80 7.55
C GLN D 16 -39.12 -23.06 7.39
PG GNP E . 14.25 -0.17 7.78
O1G GNP E . 15.07 1.09 7.93
O2G GNP E . 14.82 -1.26 8.71
O3G GNP E . 14.31 -0.66 6.31
N3B GNP E . 12.65 0.14 8.21
PB GNP E . 11.44 -1.02 7.95
O1B GNP E . 11.84 -2.35 8.62
O2B GNP E . 11.25 -1.25 6.46
O3A GNP E . 10.02 -0.46 8.62
PA GNP E . 9.59 -0.73 10.21
O1A GNP E . 10.80 -0.58 11.09
O2A GNP E . 9.05 -2.16 10.35
O5' GNP E . 8.41 0.37 10.70
C5' GNP E . 8.18 1.50 9.91
C4' GNP E . 6.93 2.22 10.38
O4' GNP E . 5.89 1.87 9.63
C3' GNP E . 6.59 1.81 11.83
O3' GNP E . 6.28 2.90 12.56
C2' GNP E . 5.36 0.88 11.70
O2' GNP E . 4.43 1.06 12.90
C1' GNP E . 4.75 1.28 10.61
N9 GNP E . 4.11 0.17 9.98
C8 GNP E . 4.59 -1.05 9.60
N7 GNP E . 3.62 -1.73 9.05
C5 GNP E . 2.50 -0.96 9.08
C6 GNP E . 1.23 -1.19 8.64
O6 GNP E . 0.94 -2.22 8.14
N1 GNP E . 0.31 -0.24 8.78
C2 GNP E . 0.62 0.94 9.36
N2 GNP E . -0.49 1.99 9.50
N3 GNP E . 1.88 1.16 9.78
C4 GNP E . 2.83 0.20 9.65
MG MG F . 13.60 -2.35 10.05
C1 GOL G . 16.98 1.12 -3.82
O1 GOL G . 17.38 2.42 -4.22
C2 GOL G . 18.22 0.30 -3.47
O2 GOL G . 18.57 -0.49 -4.58
C3 GOL G . 19.37 1.22 -3.12
O3 GOL G . 19.70 2.02 -4.23
C1 GOL H . -45.55 12.17 12.34
O1 GOL H . -45.98 13.00 11.30
C2 GOL H . -45.42 12.98 13.63
O2 GOL H . -46.13 14.19 13.49
C3 GOL H . -46.01 12.19 14.79
O3 GOL H . -45.23 11.03 15.01
C1 GOL I . 45.29 -3.16 -5.27
O1 GOL I . 45.39 -1.82 -4.86
C2 GOL I . 43.86 -3.44 -5.73
O2 GOL I . 43.15 -4.08 -4.69
C3 GOL I . 43.88 -4.33 -6.96
O3 GOL I . 42.55 -4.58 -7.38
#